data_3RLF
#
_entry.id   3RLF
#
_cell.length_a   72.098
_cell.length_b   95.812
_cell.length_c   109.983
_cell.angle_alpha   86.70
_cell.angle_beta   82.68
_cell.angle_gamma   76.40
#
_symmetry.space_group_name_H-M   'P 1'
#
loop_
_entity.id
_entity.type
_entity.pdbx_description
1 polymer 'Maltose-binding periplasmic protein'
2 polymer 'Maltose transport system permease protein malF'
3 polymer 'Maltose transport system permease protein malG'
4 polymer 'Maltose/maltodextrin import ATP-binding protein MalK'
5 branched alpha-D-glucopyranose-(1-4)-alpha-D-glucopyranose
6 non-polymer UNDECYL-MALTOSIDE
7 non-polymer '(1R)-2-{[{[(2S)-2,3-DIHYDROXYPROPYL]OXY}(HYDROXY)PHOSPHORYL]OXY}-1-[(PALMITOYLOXY)METHYL]ETHYL (11E)-OCTADEC-11-ENOATE'
8 non-polymer 'MAGNESIUM ION'
9 non-polymer 'PHOSPHOAMINOPHOSPHONIC ACID-ADENYLATE ESTER'
10 water water
#
loop_
_entity_poly.entity_id
_entity_poly.type
_entity_poly.pdbx_seq_one_letter_code
_entity_poly.pdbx_strand_id
1 'polypeptide(L)'
;KIEEGKLVIWINGDKGYNGLAEVGKKFEKDTGIKVTVEHPDKLEEKFPQVAATGDGPDIIFWAHDRFGGYAQSGLLAEIT
PDKAFQDKLYPFTWDAVRYNGKLIAYPIAVEALSLIYNKDLLPNPPKTWEEIPALDKELKAKGKSALMFNLQEPYFTWPL
IAADGGYAFKYENGKYDIKDVGVDNAGAKAGLTFLVDLIKNKHMNADTDYSIAEAAFNKGETAMTINGPWAWSNIDTSKV
NYGVTVLPTFKGQPSKPFVGVLSAGINAASPNKELAKEFLENYLLTDEGLEAVNKDKPLGAVALKSYEEELAKDPRIAAT
MENAQKGEIMPNIPQMSAFWYAVRTAVINAASGRQTVDEALKDAQTRITKASASHHHHHH
;
E
2 'polypeptide(L)'
;MDVIKKKHWWQSDALKWSVLGLLGLLVGYLVVLMYAQGEYLFAITTLILSSAGLYIFANRKAYAWRYVYPGMAGMGLFVL
FPLVCTIAIAFTNYSSTNQLTFERAQEVLLDRSWQAGKTYNFGLYPAGDEWQLALSDGETGKNYLSDAFKFGGEQKLQLK
ETTAQPEGERANLRVITQNRQALSDITAILPDGNKVMMSSLRQFSGTQPLYTLDGDGTLTNNQSGVKYRPNNQIGFYQSI
TADGNWGDEKLSPGYTVTTGWKNFTRVFTDEGIQKPFLAIFVWTVVFSLITVFLTVAVGMVLACLVQWEALRGKAVYRVL
LILPYAVPSFISILIFKGLFNQSFGEINMMLSALFGVKPAWFSDPTTARTMLIIVNTWLGYPYMMILCMGLLKAIPDDLY
EASAMDGAGPFQNFFKITLPLLIKPLTPLMIASFAFNFNNFVLIQLLTNGGPDRLGTTTPAGYTDLLVNYTYRIAFEGGG
GQDFGLAAAIATLIFLLVGALAIVNLKATRMKFD
;
F
3 'polypeptide(L)'
;MAMVQPKSQKARLFITHLLLLLFIAAIMFPLLMVVAISLRQGNFATGSLIPEQISWDHWKLALGFSVEQADGRITPPPFP
VLLWLWNSVKVAGISAIGIVALSTTCAYAFARMRFPGKATLLKGMLIFQMFPAVLSLVALYALFDRLGEYIPFIGLNTHG
GVIFAYLGGIALHVWTIKGYFETIDSSLEEAAALDGATPWQAFRLVLLPLSVPILAVVFILSFIAAITEVPVASLLLRDV
NSYTLAVGMQQYLNPQNYLWGDFAAAAVMSALPITIVFLLAQRWLVNGLTAGGVKG
;
G
4 'polypeptide(L)'
;MASVQLQNVTKAWGEVVVSKDINLDIHEGEFVVFVGPSGCGKSTLLRMIAGLETITSGDLFIGEKRMNDTPPAERGVGMV
FQSYALYPHLSVAENMSFGLKLAGAKKEVINQRVNQVAEVLQLAHLLDRKPKALSGGQRQRVAIGRTLVAEPSVFLLDEP
LSNLDAALRVQMRIEISRLHKRLGRTMIYVTHDQVEAMTLADKIVVLDAGRVAQVGKPLELYHYPADRFVAGFIGSPKMN
FLPVKVTATAIDQVQVELPMPNRQQVWLPVESRDVQVGANMSLGIRPEHLLPSDIADVILEGEVQVVEQLGNETQIHIQI
PSIRQNLVYRQNDVVLVEEGATFAIGLPPERCHLFREDGTACRRLHKEPGVASASHHHHHH
;
A,B
#
# COMPACT_ATOMS: atom_id res chain seq x y z
N LYS A 1 -17.12 -8.18 -38.32
CA LYS A 1 -17.32 -8.69 -39.72
C LYS A 1 -15.98 -8.93 -40.39
N ILE A 2 -15.81 -10.13 -40.94
CA ILE A 2 -14.58 -10.48 -41.66
C ILE A 2 -14.54 -9.69 -42.98
N GLU A 3 -13.40 -9.06 -43.23
CA GLU A 3 -13.22 -8.25 -44.44
C GLU A 3 -13.21 -9.14 -45.69
N GLU A 4 -13.98 -8.73 -46.69
CA GLU A 4 -14.08 -9.44 -47.95
C GLU A 4 -12.91 -9.02 -48.85
N GLY A 5 -12.41 -9.97 -49.64
CA GLY A 5 -11.39 -9.67 -50.65
C GLY A 5 -9.97 -9.81 -50.15
N LYS A 6 -9.81 -10.52 -49.03
CA LYS A 6 -8.49 -10.91 -48.56
C LYS A 6 -8.55 -12.14 -47.66
N LEU A 7 -7.38 -12.64 -47.27
CA LEU A 7 -7.30 -13.81 -46.39
C LEU A 7 -6.46 -13.53 -45.15
N VAL A 8 -7.10 -13.64 -43.99
CA VAL A 8 -6.37 -13.61 -42.73
C VAL A 8 -6.28 -15.04 -42.24
N ILE A 9 -5.06 -15.46 -41.92
CA ILE A 9 -4.80 -16.83 -41.46
C ILE A 9 -4.20 -16.81 -40.05
N TRP A 10 -4.67 -17.73 -39.20
CA TRP A 10 -4.07 -17.96 -37.88
C TRP A 10 -3.35 -19.30 -37.84
N ILE A 11 -2.13 -19.30 -37.33
CA ILE A 11 -1.33 -20.52 -37.18
C ILE A 11 -0.45 -20.35 -35.94
N ASN A 12 -0.10 -21.45 -35.29
CA ASN A 12 0.71 -21.40 -34.07
C ASN A 12 2.11 -20.88 -34.34
N GLY A 13 2.73 -20.27 -33.32
CA GLY A 13 4.07 -19.67 -33.45
C GLY A 13 5.23 -20.64 -33.60
N ASP A 14 4.97 -21.94 -33.42
CA ASP A 14 6.01 -22.95 -33.62
C ASP A 14 5.94 -23.60 -35.01
N LYS A 15 5.12 -23.01 -35.89
CA LYS A 15 5.05 -23.42 -37.29
C LYS A 15 5.75 -22.39 -38.17
N GLY A 16 6.04 -22.79 -39.40
CA GLY A 16 6.74 -21.92 -40.35
C GLY A 16 5.83 -20.85 -40.94
N TYR A 17 5.47 -19.87 -40.11
CA TYR A 17 4.54 -18.82 -40.52
C TYR A 17 5.13 -17.84 -41.55
N ASN A 18 6.45 -17.66 -41.54
CA ASN A 18 7.13 -16.86 -42.58
C ASN A 18 7.10 -17.59 -43.93
N GLY A 19 7.24 -18.91 -43.88
CA GLY A 19 7.07 -19.77 -45.06
C GLY A 19 5.66 -19.70 -45.62
N LEU A 20 4.67 -19.75 -44.73
CA LEU A 20 3.26 -19.67 -45.12
C LEU A 20 2.96 -18.32 -45.77
N ALA A 21 3.62 -17.27 -45.25
CA ALA A 21 3.46 -15.92 -45.80
C ALA A 21 4.02 -15.80 -47.22
N GLU A 22 5.06 -16.57 -47.52
CA GLU A 22 5.62 -16.64 -48.88
C GLU A 22 4.64 -17.29 -49.86
N VAL A 23 3.99 -18.38 -49.43
CA VAL A 23 2.91 -19.00 -50.20
C VAL A 23 1.82 -17.94 -50.47
N GLY A 24 1.52 -17.14 -49.45
CA GLY A 24 0.58 -16.04 -49.56
C GLY A 24 0.98 -14.99 -50.59
N LYS A 25 2.28 -14.66 -50.66
CA LYS A 25 2.80 -13.70 -51.64
C LYS A 25 2.67 -14.22 -53.09
N LYS A 26 2.87 -15.53 -53.28
CA LYS A 26 2.63 -16.18 -54.57
C LYS A 26 1.13 -16.11 -54.93
N PHE A 27 0.29 -16.45 -53.95
CA PHE A 27 -1.17 -16.37 -54.12
C PHE A 27 -1.57 -14.96 -54.53
N GLU A 28 -1.06 -13.96 -53.79
CA GLU A 28 -1.33 -12.55 -54.08
C GLU A 28 -0.88 -12.15 -55.49
N LYS A 29 0.31 -12.59 -55.87
CA LYS A 29 0.86 -12.30 -57.18
C LYS A 29 -0.06 -12.82 -58.29
N ASP A 30 -0.59 -14.02 -58.10
CA ASP A 30 -1.46 -14.66 -59.08
C ASP A 30 -2.91 -14.16 -59.07
N THR A 31 -3.38 -13.66 -57.92
CA THR A 31 -4.81 -13.36 -57.73
C THR A 31 -5.14 -11.90 -57.43
N GLY A 32 -4.21 -11.19 -56.82
CA GLY A 32 -4.45 -9.82 -56.36
C GLY A 32 -5.00 -9.77 -54.94
N ILE A 33 -5.13 -10.95 -54.34
CA ILE A 33 -5.70 -11.07 -53.00
C ILE A 33 -4.57 -11.16 -51.97
N LYS A 34 -4.54 -10.21 -51.04
N LYS A 34 -4.54 -10.21 -51.04
CA LYS A 34 -3.51 -10.16 -50.01
CA LYS A 34 -3.52 -10.16 -50.00
C LYS A 34 -3.76 -11.20 -48.92
C LYS A 34 -3.77 -11.23 -48.94
N VAL A 35 -2.69 -11.84 -48.47
CA VAL A 35 -2.76 -12.86 -47.43
C VAL A 35 -1.96 -12.39 -46.21
N THR A 36 -2.65 -12.22 -45.09
CA THR A 36 -2.02 -11.88 -43.82
C THR A 36 -1.97 -13.11 -42.92
N VAL A 37 -0.75 -13.48 -42.51
CA VAL A 37 -0.57 -14.59 -41.57
C VAL A 37 -0.27 -14.03 -40.17
N GLU A 38 -1.01 -14.52 -39.19
CA GLU A 38 -0.83 -14.13 -37.79
C GLU A 38 -0.65 -15.37 -36.91
N HIS A 39 0.04 -15.18 -35.79
CA HIS A 39 0.28 -16.26 -34.83
C HIS A 39 0.04 -15.81 -33.38
N PRO A 40 -1.23 -15.47 -33.05
CA PRO A 40 -1.53 -15.01 -31.69
C PRO A 40 -1.38 -16.15 -30.70
N ASP A 41 -1.05 -15.80 -29.46
N ASP A 41 -1.03 -15.82 -29.46
CA ASP A 41 -1.02 -16.75 -28.36
CA ASP A 41 -0.99 -16.82 -28.40
C ASP A 41 -2.44 -17.21 -28.04
C ASP A 41 -2.41 -17.21 -28.02
N LYS A 42 -2.58 -18.46 -27.62
CA LYS A 42 -3.89 -19.04 -27.27
C LYS A 42 -4.91 -18.89 -28.40
N LEU A 43 -4.44 -19.01 -29.65
CA LEU A 43 -5.30 -18.85 -30.82
C LEU A 43 -6.45 -19.86 -30.80
N GLU A 44 -6.23 -21.01 -30.18
CA GLU A 44 -7.23 -22.05 -30.05
C GLU A 44 -8.34 -21.68 -29.07
N GLU A 45 -8.04 -20.73 -28.18
CA GLU A 45 -9.04 -20.20 -27.25
C GLU A 45 -9.68 -18.93 -27.81
N LYS A 46 -8.90 -18.14 -28.53
CA LYS A 46 -9.36 -16.89 -29.12
C LYS A 46 -10.34 -17.11 -30.27
N PHE A 47 -10.05 -18.09 -31.12
CA PHE A 47 -10.90 -18.40 -32.28
C PHE A 47 -12.38 -18.62 -31.95
N PRO A 48 -12.71 -19.54 -31.00
CA PRO A 48 -14.12 -19.74 -30.64
C PRO A 48 -14.84 -18.44 -30.29
N GLN A 49 -14.16 -17.56 -29.55
CA GLN A 49 -14.74 -16.29 -29.09
C GLN A 49 -14.94 -15.26 -30.20
N VAL A 50 -13.99 -15.14 -31.11
CA VAL A 50 -14.12 -14.20 -32.22
C VAL A 50 -15.02 -14.72 -33.34
N ALA A 51 -14.97 -16.03 -33.60
CA ALA A 51 -15.77 -16.65 -34.67
C ALA A 51 -17.27 -16.68 -34.37
N ALA A 52 -17.63 -16.71 -33.09
CA ALA A 52 -19.03 -16.75 -32.67
C ALA A 52 -19.81 -15.48 -33.05
N THR A 53 -19.10 -14.36 -33.06
CA THR A 53 -19.69 -13.06 -33.41
C THR A 53 -19.60 -12.77 -34.91
N GLY A 54 -19.11 -13.73 -35.68
CA GLY A 54 -18.94 -13.56 -37.12
C GLY A 54 -17.62 -12.91 -37.52
N ASP A 55 -16.64 -12.94 -36.61
CA ASP A 55 -15.33 -12.36 -36.86
C ASP A 55 -14.23 -13.43 -36.88
N GLY A 56 -12.98 -12.98 -36.74
CA GLY A 56 -11.84 -13.88 -36.71
C GLY A 56 -11.17 -14.06 -38.06
N PRO A 57 -10.24 -15.02 -38.17
CA PRO A 57 -9.51 -15.27 -39.41
C PRO A 57 -10.37 -16.05 -40.41
N ASP A 58 -9.99 -15.99 -41.68
CA ASP A 58 -10.65 -16.80 -42.70
C ASP A 58 -10.26 -18.27 -42.55
N ILE A 59 -9.00 -18.51 -42.17
CA ILE A 59 -8.46 -19.85 -42.04
C ILE A 59 -7.77 -20.03 -40.70
N ILE A 60 -8.05 -21.15 -40.02
CA ILE A 60 -7.37 -21.49 -38.78
C ILE A 60 -6.58 -22.79 -38.89
N PHE A 61 -5.30 -22.74 -38.50
CA PHE A 61 -4.45 -23.91 -38.44
C PHE A 61 -4.30 -24.41 -37.00
N TRP A 62 -4.69 -25.66 -36.76
CA TRP A 62 -4.55 -26.29 -35.46
C TRP A 62 -4.77 -27.80 -35.55
N ALA A 63 -4.36 -28.52 -34.51
CA ALA A 63 -4.63 -29.95 -34.39
C ALA A 63 -6.12 -30.22 -34.60
N HIS A 64 -6.40 -31.30 -35.34
CA HIS A 64 -7.77 -31.64 -35.76
C HIS A 64 -8.76 -31.80 -34.59
N ASP A 65 -8.27 -32.29 -33.45
CA ASP A 65 -9.11 -32.69 -32.32
C ASP A 65 -9.99 -31.57 -31.76
N ARG A 66 -9.59 -30.33 -32.01
CA ARG A 66 -10.33 -29.16 -31.53
C ARG A 66 -11.43 -28.77 -32.51
N PHE A 67 -11.32 -29.24 -33.74
CA PHE A 67 -12.21 -28.81 -34.83
C PHE A 67 -13.61 -29.41 -34.73
N GLY A 68 -13.72 -30.57 -34.09
CA GLY A 68 -15.02 -31.18 -33.78
C GLY A 68 -15.88 -30.30 -32.90
N GLY A 69 -15.26 -29.68 -31.89
CA GLY A 69 -15.93 -28.70 -31.04
C GLY A 69 -16.34 -27.45 -31.79
N TYR A 70 -15.41 -26.90 -32.58
CA TYR A 70 -15.68 -25.72 -33.43
C TYR A 70 -16.83 -25.98 -34.40
N ALA A 71 -16.80 -27.12 -35.07
CA ALA A 71 -17.84 -27.48 -36.04
C ALA A 71 -19.20 -27.59 -35.37
N GLN A 72 -19.22 -28.19 -34.17
CA GLN A 72 -20.43 -28.29 -33.34
C GLN A 72 -20.97 -26.92 -32.95
N SER A 73 -20.05 -26.00 -32.66
CA SER A 73 -20.40 -24.61 -32.31
C SER A 73 -20.93 -23.83 -33.51
N GLY A 74 -20.67 -24.33 -34.71
CA GLY A 74 -21.12 -23.70 -35.96
C GLY A 74 -20.14 -22.67 -36.50
N LEU A 75 -18.85 -22.90 -36.28
CA LEU A 75 -17.82 -21.92 -36.63
C LEU A 75 -17.04 -22.30 -37.89
N LEU A 76 -17.24 -23.50 -38.39
CA LEU A 76 -16.49 -24.00 -39.54
C LEU A 76 -17.37 -24.36 -40.72
N ALA A 77 -16.93 -23.97 -41.92
CA ALA A 77 -17.61 -24.35 -43.14
C ALA A 77 -17.29 -25.79 -43.50
N GLU A 78 -18.28 -26.49 -44.04
CA GLU A 78 -18.07 -27.82 -44.60
C GLU A 78 -17.25 -27.66 -45.87
N ILE A 79 -16.10 -28.34 -45.93
CA ILE A 79 -15.27 -28.28 -47.12
C ILE A 79 -15.72 -29.34 -48.13
N THR A 80 -15.61 -29.01 -49.42
CA THR A 80 -16.01 -29.93 -50.48
C THR A 80 -14.92 -30.13 -51.54
N PRO A 81 -13.80 -30.78 -51.17
CA PRO A 81 -12.82 -31.15 -52.19
C PRO A 81 -13.31 -32.37 -52.96
N ASP A 82 -13.02 -32.43 -54.26
CA ASP A 82 -13.47 -33.56 -55.07
C ASP A 82 -12.67 -34.84 -54.81
N LYS A 83 -13.12 -35.94 -55.40
CA LYS A 83 -12.47 -37.25 -55.26
C LYS A 83 -10.99 -37.20 -55.66
N ALA A 84 -10.70 -36.49 -56.75
CA ALA A 84 -9.34 -36.34 -57.26
C ALA A 84 -8.41 -35.66 -56.27
N PHE A 85 -8.90 -34.64 -55.57
CA PHE A 85 -8.09 -33.96 -54.56
C PHE A 85 -7.85 -34.85 -53.33
N GLN A 86 -8.92 -35.49 -52.86
CA GLN A 86 -8.86 -36.35 -51.68
C GLN A 86 -7.84 -37.48 -51.82
N ASP A 87 -7.69 -38.01 -53.04
CA ASP A 87 -6.74 -39.08 -53.32
C ASP A 87 -5.26 -38.64 -53.25
N LYS A 88 -5.01 -37.33 -53.24
CA LYS A 88 -3.67 -36.77 -53.06
C LYS A 88 -3.16 -36.93 -51.62
N LEU A 89 -4.09 -37.07 -50.68
CA LEU A 89 -3.73 -37.22 -49.27
C LEU A 89 -4.04 -38.62 -48.77
N TYR A 90 -3.35 -39.05 -47.70
CA TYR A 90 -3.59 -40.35 -47.09
C TYR A 90 -5.01 -40.45 -46.56
N PRO A 91 -5.73 -41.54 -46.91
CA PRO A 91 -7.14 -41.72 -46.58
C PRO A 91 -7.47 -41.54 -45.09
N PHE A 92 -6.56 -41.97 -44.21
CA PHE A 92 -6.81 -41.95 -42.77
C PHE A 92 -6.78 -40.54 -42.18
N THR A 93 -6.08 -39.63 -42.85
CA THR A 93 -6.05 -38.23 -42.42
C THR A 93 -7.41 -37.55 -42.64
N TRP A 94 -8.17 -38.04 -43.61
CA TRP A 94 -9.52 -37.54 -43.87
C TRP A 94 -10.50 -37.94 -42.76
N ASP A 95 -10.21 -39.05 -42.08
CA ASP A 95 -11.00 -39.49 -40.93
C ASP A 95 -10.88 -38.52 -39.75
N ALA A 96 -9.74 -37.84 -39.66
CA ALA A 96 -9.44 -36.93 -38.56
C ALA A 96 -10.23 -35.62 -38.63
N VAL A 97 -10.76 -35.32 -39.82
CA VAL A 97 -11.40 -34.03 -40.07
C VAL A 97 -12.89 -34.17 -40.44
N ARG A 98 -13.56 -35.14 -39.83
CA ARG A 98 -14.99 -35.36 -40.04
C ARG A 98 -15.84 -34.99 -38.82
N TYR A 99 -17.03 -34.47 -39.09
CA TYR A 99 -18.03 -34.19 -38.07
C TYR A 99 -19.42 -34.29 -38.71
N ASN A 100 -20.29 -35.08 -38.08
CA ASN A 100 -21.61 -35.42 -38.65
C ASN A 100 -21.51 -36.04 -40.04
N GLY A 101 -20.40 -36.74 -40.30
CA GLY A 101 -20.13 -37.36 -41.60
C GLY A 101 -19.76 -36.37 -42.69
N LYS A 102 -19.39 -35.15 -42.30
CA LYS A 102 -18.99 -34.11 -43.25
C LYS A 102 -17.58 -33.62 -42.97
N LEU A 103 -16.83 -33.34 -44.04
CA LEU A 103 -15.45 -32.86 -43.94
C LEU A 103 -15.44 -31.40 -43.53
N ILE A 104 -14.65 -31.09 -42.49
CA ILE A 104 -14.63 -29.74 -41.91
C ILE A 104 -13.25 -29.07 -41.89
N ALA A 105 -12.24 -29.74 -42.45
CA ALA A 105 -10.87 -29.19 -42.52
C ALA A 105 -9.94 -29.94 -43.47
N TYR A 106 -8.92 -29.24 -43.97
CA TYR A 106 -7.85 -29.83 -44.77
C TYR A 106 -6.70 -30.33 -43.90
N PRO A 107 -6.37 -31.62 -43.99
CA PRO A 107 -5.18 -32.17 -43.32
C PRO A 107 -3.89 -31.62 -43.93
N ILE A 108 -2.96 -31.17 -43.08
CA ILE A 108 -1.68 -30.63 -43.53
C ILE A 108 -0.51 -31.53 -43.09
N ALA A 109 -0.37 -31.71 -41.79
CA ALA A 109 0.77 -32.44 -41.22
C ALA A 109 0.30 -33.57 -40.29
N VAL A 110 1.17 -34.54 -40.06
CA VAL A 110 0.84 -35.70 -39.24
C VAL A 110 1.84 -35.84 -38.10
N GLU A 111 1.33 -35.97 -36.88
CA GLU A 111 2.16 -36.00 -35.69
C GLU A 111 1.88 -37.22 -34.81
N ALA A 112 2.93 -37.97 -34.50
CA ALA A 112 2.83 -39.15 -33.65
C ALA A 112 4.15 -39.41 -32.93
N LEU A 113 4.06 -40.02 -31.75
CA LEU A 113 5.25 -40.41 -30.99
C LEU A 113 6.03 -41.51 -31.69
N SER A 114 7.34 -41.50 -31.49
CA SER A 114 8.21 -42.55 -32.02
C SER A 114 9.22 -43.02 -30.99
N LEU A 115 9.88 -44.14 -31.30
CA LEU A 115 10.98 -44.64 -30.47
C LEU A 115 12.27 -43.99 -30.93
N ILE A 116 12.89 -43.24 -30.02
CA ILE A 116 14.14 -42.56 -30.29
C ILE A 116 15.26 -43.26 -29.51
N TYR A 117 16.41 -43.49 -30.16
CA TYR A 117 17.49 -44.26 -29.54
C TYR A 117 18.88 -43.70 -29.82
N ASN A 118 19.80 -44.00 -28.91
CA ASN A 118 21.21 -43.63 -29.04
C ASN A 118 21.96 -44.73 -29.77
N LYS A 119 22.48 -44.40 -30.95
CA LYS A 119 23.17 -45.38 -31.81
C LYS A 119 24.46 -45.93 -31.20
N ASP A 120 25.13 -45.12 -30.38
CA ASP A 120 26.39 -45.52 -29.74
C ASP A 120 26.16 -46.50 -28.59
N LEU A 121 25.07 -46.30 -27.85
CA LEU A 121 24.70 -47.18 -26.74
C LEU A 121 23.87 -48.37 -27.21
N LEU A 122 23.15 -48.19 -28.32
CA LEU A 122 22.28 -49.23 -28.86
C LEU A 122 22.21 -49.14 -30.38
N PRO A 123 22.98 -49.99 -31.08
CA PRO A 123 22.97 -50.01 -32.54
C PRO A 123 21.67 -50.56 -33.10
N ASN A 124 21.16 -51.63 -32.47
CA ASN A 124 19.94 -52.29 -32.93
C ASN A 124 18.79 -52.12 -31.92
N PRO A 125 17.78 -51.31 -32.27
CA PRO A 125 16.64 -51.08 -31.38
C PRO A 125 15.72 -52.31 -31.27
N PRO A 126 15.10 -52.52 -30.10
CA PRO A 126 14.19 -53.66 -29.90
C PRO A 126 12.89 -53.49 -30.67
N LYS A 127 12.35 -54.60 -31.17
CA LYS A 127 11.10 -54.58 -31.93
C LYS A 127 9.89 -54.80 -31.04
N THR A 128 10.14 -55.27 -29.81
CA THR A 128 9.07 -55.63 -28.87
C THR A 128 9.23 -54.94 -27.52
N TRP A 129 8.11 -54.78 -26.82
CA TRP A 129 8.09 -54.27 -25.45
C TRP A 129 8.66 -55.29 -24.47
N GLU A 130 8.49 -56.57 -24.79
CA GLU A 130 8.95 -57.68 -23.94
C GLU A 130 10.48 -57.78 -23.89
N GLU A 131 11.14 -57.14 -24.86
CA GLU A 131 12.59 -57.13 -24.97
C GLU A 131 13.24 -56.11 -24.03
N ILE A 132 12.44 -55.14 -23.56
CA ILE A 132 12.92 -54.05 -22.69
C ILE A 132 13.60 -54.53 -21.38
N PRO A 133 12.92 -55.39 -20.58
CA PRO A 133 13.50 -55.80 -19.29
C PRO A 133 14.90 -56.39 -19.40
N ALA A 134 15.10 -57.28 -20.37
CA ALA A 134 16.40 -57.89 -20.62
C ALA A 134 17.43 -56.86 -21.08
N LEU A 135 16.98 -55.90 -21.86
CA LEU A 135 17.84 -54.84 -22.39
C LEU A 135 18.28 -53.88 -21.29
N ASP A 136 17.42 -53.70 -20.29
CA ASP A 136 17.71 -52.85 -19.14
C ASP A 136 18.76 -53.49 -18.24
N LYS A 137 18.73 -54.83 -18.14
CA LYS A 137 19.69 -55.58 -17.34
C LYS A 137 21.15 -55.33 -17.73
N GLU A 138 21.43 -55.45 -19.03
CA GLU A 138 22.80 -55.29 -19.54
C GLU A 138 23.30 -53.85 -19.52
N LEU A 139 22.36 -52.90 -19.56
CA LEU A 139 22.68 -51.48 -19.50
C LEU A 139 22.84 -50.95 -18.08
N LYS A 140 22.10 -51.55 -17.13
CA LYS A 140 22.24 -51.23 -15.70
C LYS A 140 23.62 -51.59 -15.16
N ALA A 141 24.22 -52.62 -15.75
CA ALA A 141 25.57 -53.05 -15.39
C ALA A 141 26.62 -52.04 -15.88
N LYS A 142 26.26 -51.28 -16.91
CA LYS A 142 27.13 -50.23 -17.46
C LYS A 142 26.71 -48.84 -16.98
N GLY A 143 25.95 -48.82 -15.88
CA GLY A 143 25.56 -47.56 -15.23
C GLY A 143 24.50 -46.74 -15.93
N LYS A 144 23.81 -47.36 -16.89
CA LYS A 144 22.81 -46.68 -17.71
C LYS A 144 21.40 -47.24 -17.45
N SER A 145 20.44 -46.79 -18.25
CA SER A 145 19.10 -47.38 -18.26
C SER A 145 18.66 -47.62 -19.71
N ALA A 146 17.64 -48.45 -19.89
CA ALA A 146 17.15 -48.76 -21.24
C ALA A 146 16.15 -47.74 -21.75
N LEU A 147 15.08 -47.53 -21.00
CA LEU A 147 13.98 -46.68 -21.43
C LEU A 147 13.48 -45.75 -20.33
N MET A 148 13.45 -44.46 -20.64
CA MET A 148 12.91 -43.42 -19.77
C MET A 148 12.04 -42.48 -20.59
N PHE A 149 10.73 -42.50 -20.34
CA PHE A 149 9.80 -41.57 -20.99
C PHE A 149 8.76 -41.03 -20.00
N ASN A 150 7.95 -40.08 -20.47
CA ASN A 150 6.95 -39.44 -19.62
C ASN A 150 5.86 -40.40 -19.18
N LEU A 151 5.85 -40.72 -17.88
CA LEU A 151 4.85 -41.62 -17.30
C LEU A 151 3.72 -40.85 -16.63
N GLN A 152 3.86 -39.53 -16.58
CA GLN A 152 2.91 -38.66 -15.88
C GLN A 152 1.72 -38.28 -16.75
N GLU A 153 1.93 -38.26 -18.06
CA GLU A 153 0.87 -37.87 -19.00
C GLU A 153 0.39 -39.05 -19.85
N PRO A 154 -0.94 -39.26 -19.92
CA PRO A 154 -1.55 -40.41 -20.61
C PRO A 154 -1.22 -40.47 -22.10
N TYR A 155 -0.96 -39.32 -22.70
CA TYR A 155 -0.56 -39.21 -24.11
C TYR A 155 0.68 -40.04 -24.43
N PHE A 156 1.64 -40.06 -23.51
CA PHE A 156 2.89 -40.80 -23.69
C PHE A 156 2.77 -42.29 -23.37
N THR A 157 1.85 -42.65 -22.48
CA THR A 157 1.69 -44.04 -22.02
C THR A 157 0.61 -44.81 -22.76
N TRP A 158 -0.18 -44.09 -23.56
CA TRP A 158 -1.30 -44.68 -24.31
C TRP A 158 -0.88 -45.67 -25.41
N PRO A 159 0.25 -45.43 -26.11
CA PRO A 159 0.67 -46.37 -27.16
C PRO A 159 0.71 -47.83 -26.69
N LEU A 160 1.21 -48.05 -25.47
CA LEU A 160 1.29 -49.38 -24.88
C LEU A 160 -0.08 -49.88 -24.40
N ILE A 161 -0.85 -48.99 -23.79
CA ILE A 161 -2.17 -49.31 -23.26
C ILE A 161 -3.17 -49.67 -24.38
N ALA A 162 -3.05 -48.97 -25.52
CA ALA A 162 -3.97 -49.16 -26.65
C ALA A 162 -3.59 -50.33 -27.56
N ALA A 163 -2.40 -50.90 -27.34
CA ALA A 163 -1.86 -51.96 -28.20
C ALA A 163 -2.73 -53.22 -28.26
N ASP A 164 -2.99 -53.84 -27.11
CA ASP A 164 -3.71 -55.12 -27.06
C ASP A 164 -5.21 -54.99 -27.40
N GLY A 165 -5.79 -53.84 -27.08
CA GLY A 165 -7.21 -53.61 -27.39
C GLY A 165 -7.83 -52.35 -26.80
N GLY A 166 -7.00 -51.52 -26.17
CA GLY A 166 -7.46 -50.26 -25.58
C GLY A 166 -7.80 -49.20 -26.61
N TYR A 167 -8.84 -48.43 -26.32
CA TYR A 167 -9.25 -47.30 -27.18
C TYR A 167 -10.04 -46.25 -26.39
N ALA A 168 -10.01 -45.01 -26.86
CA ALA A 168 -10.71 -43.91 -26.20
C ALA A 168 -12.23 -44.01 -26.45
N PHE A 169 -12.62 -43.84 -27.71
CA PHE A 169 -14.01 -43.97 -28.13
C PHE A 169 -14.04 -44.73 -29.45
N LYS A 170 -14.97 -45.67 -29.57
CA LYS A 170 -15.09 -46.51 -30.77
C LYS A 170 -15.45 -45.69 -32.01
N TYR A 171 -14.62 -45.81 -33.04
CA TYR A 171 -14.88 -45.18 -34.34
C TYR A 171 -15.53 -46.23 -35.24
N GLU A 172 -16.86 -46.32 -35.14
CA GLU A 172 -17.62 -47.39 -35.78
C GLU A 172 -17.53 -47.38 -37.31
N ASN A 173 -18.10 -46.34 -37.93
CA ASN A 173 -18.07 -46.20 -39.39
C ASN A 173 -18.21 -44.74 -39.84
N GLY A 174 -17.42 -43.86 -39.23
CA GLY A 174 -17.46 -42.43 -39.54
C GLY A 174 -17.89 -41.57 -38.36
N LYS A 175 -18.47 -42.20 -37.34
CA LYS A 175 -18.97 -41.48 -36.17
C LYS A 175 -18.54 -42.16 -34.87
N TYR A 176 -18.39 -41.36 -33.82
CA TYR A 176 -18.02 -41.86 -32.49
C TYR A 176 -19.24 -42.18 -31.64
N ASP A 177 -19.20 -43.31 -30.93
CA ASP A 177 -20.22 -43.69 -29.98
C ASP A 177 -19.73 -43.36 -28.57
N ILE A 178 -20.48 -42.50 -27.88
CA ILE A 178 -20.06 -41.98 -26.57
C ILE A 178 -20.08 -43.00 -25.43
N LYS A 179 -21.00 -43.95 -25.49
CA LYS A 179 -21.13 -44.97 -24.46
C LYS A 179 -20.08 -46.09 -24.59
N ASP A 180 -19.51 -46.22 -25.78
CA ASP A 180 -18.50 -47.25 -26.04
C ASP A 180 -17.09 -46.72 -25.75
N VAL A 181 -16.66 -46.90 -24.51
CA VAL A 181 -15.31 -46.53 -24.09
C VAL A 181 -14.52 -47.80 -23.81
N GLY A 182 -13.28 -47.84 -24.31
CA GLY A 182 -12.43 -49.02 -24.16
C GLY A 182 -11.19 -48.81 -23.30
N VAL A 183 -11.39 -48.27 -22.11
CA VAL A 183 -10.30 -48.14 -21.14
C VAL A 183 -10.44 -49.17 -20.01
N ASP A 184 -11.60 -49.81 -19.94
CA ASP A 184 -11.92 -50.81 -18.92
C ASP A 184 -11.59 -52.23 -19.38
N ASN A 185 -11.61 -52.46 -20.68
CA ASN A 185 -11.48 -53.81 -21.26
C ASN A 185 -10.12 -54.51 -21.04
N ALA A 186 -10.06 -55.78 -21.43
CA ALA A 186 -8.87 -56.62 -21.25
C ALA A 186 -7.62 -56.12 -21.96
N GLY A 187 -7.80 -55.35 -23.03
CA GLY A 187 -6.69 -54.77 -23.78
C GLY A 187 -5.94 -53.72 -22.98
N ALA A 188 -6.69 -52.82 -22.37
CA ALA A 188 -6.12 -51.74 -21.56
C ALA A 188 -5.48 -52.28 -20.28
N LYS A 189 -6.14 -53.25 -19.66
CA LYS A 189 -5.62 -53.92 -18.46
C LYS A 189 -4.26 -54.57 -18.71
N ALA A 190 -4.13 -55.26 -19.85
CA ALA A 190 -2.88 -55.91 -20.25
C ALA A 190 -1.74 -54.90 -20.47
N GLY A 191 -2.06 -53.77 -21.10
CA GLY A 191 -1.07 -52.75 -21.41
C GLY A 191 -0.55 -52.03 -20.17
N LEU A 192 -1.45 -51.71 -19.25
CA LEU A 192 -1.09 -50.99 -18.03
C LEU A 192 -0.37 -51.90 -17.03
N THR A 193 -0.83 -53.16 -16.93
CA THR A 193 -0.18 -54.15 -16.05
C THR A 193 1.30 -54.31 -16.42
N PHE A 194 1.60 -54.33 -17.72
CA PHE A 194 2.97 -54.44 -18.19
C PHE A 194 3.81 -53.19 -17.85
N LEU A 195 3.17 -52.02 -17.94
CA LEU A 195 3.82 -50.76 -17.57
C LEU A 195 4.14 -50.74 -16.07
N VAL A 196 3.16 -51.09 -15.27
CA VAL A 196 3.29 -51.14 -13.81
C VAL A 196 4.33 -52.18 -13.36
N ASP A 197 4.43 -53.28 -14.11
CA ASP A 197 5.43 -54.31 -13.83
C ASP A 197 6.86 -53.85 -14.10
N LEU A 198 7.03 -53.00 -15.11
CA LEU A 198 8.32 -52.37 -15.38
C LEU A 198 8.73 -51.48 -14.20
N ILE A 199 7.75 -50.80 -13.62
CA ILE A 199 7.96 -49.95 -12.45
C ILE A 199 8.26 -50.79 -11.20
N LYS A 200 7.47 -51.85 -11.00
CA LYS A 200 7.66 -52.75 -9.86
C LYS A 200 8.99 -53.50 -9.88
N ASN A 201 9.54 -53.72 -11.08
CA ASN A 201 10.83 -54.37 -11.24
C ASN A 201 11.96 -53.35 -11.44
N LYS A 202 11.68 -52.10 -11.08
CA LYS A 202 12.64 -50.99 -11.10
C LYS A 202 13.34 -50.74 -12.44
N HIS A 203 12.65 -51.07 -13.53
CA HIS A 203 13.15 -50.77 -14.88
C HIS A 203 12.81 -49.33 -15.26
N MET A 204 11.72 -48.81 -14.68
CA MET A 204 11.32 -47.42 -14.85
C MET A 204 10.78 -46.88 -13.52
N ASN A 205 10.84 -45.55 -13.35
CA ASN A 205 10.35 -44.90 -12.12
C ASN A 205 9.04 -44.15 -12.36
N ALA A 206 8.13 -44.23 -11.39
CA ALA A 206 6.76 -43.73 -11.54
C ALA A 206 6.62 -42.22 -11.69
N ASP A 207 7.51 -41.47 -11.05
CA ASP A 207 7.44 -40.01 -11.09
C ASP A 207 8.35 -39.40 -12.15
N THR A 208 8.73 -40.21 -13.15
CA THR A 208 9.47 -39.74 -14.31
C THR A 208 8.54 -38.91 -15.20
N ASP A 209 8.88 -37.64 -15.38
CA ASP A 209 8.10 -36.72 -16.20
C ASP A 209 8.82 -36.39 -17.51
N TYR A 210 8.24 -35.49 -18.31
CA TYR A 210 8.80 -35.13 -19.61
C TYR A 210 10.24 -34.63 -19.49
N SER A 211 10.42 -33.62 -18.64
CA SER A 211 11.69 -32.92 -18.48
C SER A 211 12.85 -33.84 -18.05
N ILE A 212 12.57 -34.77 -17.13
CA ILE A 212 13.59 -35.71 -16.65
C ILE A 212 13.97 -36.72 -17.73
N ALA A 213 12.96 -37.29 -18.40
CA ALA A 213 13.18 -38.25 -19.47
C ALA A 213 14.01 -37.67 -20.62
N GLU A 214 13.69 -36.43 -21.01
CA GLU A 214 14.40 -35.73 -22.08
C GLU A 214 15.84 -35.40 -21.71
N ALA A 215 16.04 -34.91 -20.48
CA ALA A 215 17.38 -34.56 -20.01
C ALA A 215 18.32 -35.77 -19.95
N ALA A 216 17.81 -36.88 -19.44
CA ALA A 216 18.58 -38.13 -19.33
C ALA A 216 19.01 -38.68 -20.68
N PHE A 217 18.11 -38.59 -21.68
CA PHE A 217 18.43 -39.07 -23.02
C PHE A 217 19.41 -38.16 -23.77
N ASN A 218 19.26 -36.85 -23.60
CA ASN A 218 20.14 -35.90 -24.26
C ASN A 218 21.57 -35.89 -23.71
N LYS A 219 21.75 -36.46 -22.52
CA LYS A 219 23.07 -36.56 -21.89
C LYS A 219 23.66 -37.96 -21.95
N GLY A 220 22.96 -38.87 -22.63
CA GLY A 220 23.45 -40.24 -22.84
C GLY A 220 23.39 -41.14 -21.62
N GLU A 221 22.41 -40.91 -20.76
CA GLU A 221 22.23 -41.72 -19.55
C GLU A 221 21.22 -42.85 -19.77
N THR A 222 20.38 -42.69 -20.79
CA THR A 222 19.37 -43.68 -21.15
C THR A 222 19.47 -43.96 -22.64
N ALA A 223 19.42 -45.25 -22.99
CA ALA A 223 19.58 -45.69 -24.37
C ALA A 223 18.45 -45.25 -25.30
N MET A 224 17.22 -45.21 -24.78
CA MET A 224 16.05 -44.81 -25.57
C MET A 224 14.95 -44.09 -24.79
N THR A 225 14.17 -43.29 -25.52
CA THR A 225 13.01 -42.60 -24.97
C THR A 225 11.87 -42.55 -25.99
N ILE A 226 10.68 -42.17 -25.54
CA ILE A 226 9.53 -42.00 -26.42
C ILE A 226 9.16 -40.52 -26.50
N ASN A 227 9.31 -39.94 -27.70
CA ASN A 227 9.06 -38.52 -27.92
C ASN A 227 8.67 -38.21 -29.37
N GLY A 228 8.28 -36.95 -29.61
CA GLY A 228 7.82 -36.52 -30.94
C GLY A 228 8.84 -35.74 -31.74
N PRO A 229 8.48 -35.33 -32.97
CA PRO A 229 9.35 -34.59 -33.88
C PRO A 229 9.82 -33.23 -33.34
N TRP A 230 9.03 -32.64 -32.45
CA TRP A 230 9.36 -31.37 -31.81
C TRP A 230 10.64 -31.44 -30.98
N ALA A 231 10.97 -32.65 -30.51
CA ALA A 231 12.11 -32.85 -29.63
C ALA A 231 13.43 -33.08 -30.36
N TRP A 232 13.38 -33.20 -31.69
CA TRP A 232 14.56 -33.55 -32.48
C TRP A 232 15.67 -32.49 -32.47
N SER A 233 15.29 -31.21 -32.52
CA SER A 233 16.27 -30.12 -32.61
C SER A 233 17.13 -29.99 -31.34
N ASN A 234 16.55 -30.37 -30.19
CA ASN A 234 17.28 -30.45 -28.93
C ASN A 234 18.35 -31.54 -28.93
N ILE A 235 18.03 -32.67 -29.57
CA ILE A 235 18.97 -33.78 -29.67
C ILE A 235 20.10 -33.44 -30.65
N ASP A 236 19.78 -32.63 -31.66
CA ASP A 236 20.76 -32.14 -32.63
C ASP A 236 21.84 -31.28 -31.97
N THR A 237 21.44 -30.37 -31.08
CA THR A 237 22.39 -29.48 -30.40
C THR A 237 23.24 -30.24 -29.38
N SER A 238 22.71 -31.35 -28.88
CA SER A 238 23.45 -32.25 -27.99
C SER A 238 24.56 -32.99 -28.73
N LYS A 239 24.39 -33.12 -30.05
CA LYS A 239 25.33 -33.84 -30.93
C LYS A 239 25.51 -35.31 -30.54
N VAL A 240 24.40 -35.92 -30.13
CA VAL A 240 24.31 -37.34 -29.86
C VAL A 240 23.99 -38.06 -31.16
N ASN A 241 24.75 -39.11 -31.48
CA ASN A 241 24.47 -39.96 -32.63
C ASN A 241 23.17 -40.72 -32.40
N TYR A 242 22.07 -40.18 -32.93
CA TYR A 242 20.74 -40.70 -32.63
C TYR A 242 19.95 -41.20 -33.85
N GLY A 243 18.90 -41.98 -33.58
CA GLY A 243 18.02 -42.48 -34.61
C GLY A 243 16.55 -42.49 -34.19
N VAL A 244 15.66 -42.46 -35.17
CA VAL A 244 14.22 -42.50 -34.92
C VAL A 244 13.61 -43.68 -35.69
N THR A 245 12.91 -44.56 -34.96
CA THR A 245 12.33 -45.77 -35.55
C THR A 245 10.90 -46.04 -35.06
N VAL A 246 10.29 -47.08 -35.62
CA VAL A 246 8.95 -47.54 -35.24
C VAL A 246 8.92 -47.98 -33.77
N LEU A 247 7.78 -47.73 -33.12
CA LEU A 247 7.58 -48.09 -31.72
C LEU A 247 7.54 -49.61 -31.53
N PRO A 248 8.07 -50.10 -30.39
CA PRO A 248 8.09 -51.53 -30.10
C PRO A 248 6.68 -52.11 -29.99
N THR A 249 6.52 -53.38 -30.35
CA THR A 249 5.22 -54.05 -30.32
C THR A 249 4.96 -54.71 -28.95
N PHE A 250 3.69 -54.96 -28.66
CA PHE A 250 3.28 -55.58 -27.41
C PHE A 250 2.24 -56.66 -27.68
N LYS A 251 2.60 -57.90 -27.33
CA LYS A 251 1.75 -59.09 -27.56
C LYS A 251 1.45 -59.31 -29.05
N GLY A 252 2.40 -58.96 -29.91
CA GLY A 252 2.25 -59.13 -31.36
C GLY A 252 1.50 -58.00 -32.03
N GLN A 253 0.97 -57.08 -31.23
CA GLN A 253 0.22 -55.94 -31.73
C GLN A 253 1.01 -54.65 -31.56
N PRO A 254 1.14 -53.86 -32.65
CA PRO A 254 1.91 -52.62 -32.63
C PRO A 254 1.41 -51.62 -31.59
N SER A 255 2.31 -50.76 -31.11
CA SER A 255 1.94 -49.64 -30.26
C SER A 255 0.97 -48.74 -31.03
N LYS A 256 -0.01 -48.17 -30.32
CA LYS A 256 -1.02 -47.33 -30.96
C LYS A 256 -1.03 -45.92 -30.37
N PRO A 257 -0.03 -45.09 -30.73
CA PRO A 257 0.01 -43.73 -30.22
C PRO A 257 -1.13 -42.90 -30.78
N PHE A 258 -1.53 -41.87 -30.04
CA PHE A 258 -2.49 -40.92 -30.58
C PHE A 258 -1.89 -40.17 -31.76
N VAL A 259 -2.75 -39.85 -32.74
CA VAL A 259 -2.30 -39.21 -33.96
C VAL A 259 -2.88 -37.80 -34.03
N GLY A 260 -1.99 -36.82 -34.06
CA GLY A 260 -2.37 -35.42 -34.20
C GLY A 260 -2.20 -34.99 -35.64
N VAL A 261 -3.28 -34.46 -36.22
CA VAL A 261 -3.28 -34.02 -37.60
C VAL A 261 -3.47 -32.51 -37.65
N LEU A 262 -2.37 -31.80 -37.95
CA LEU A 262 -2.42 -30.35 -38.19
C LEU A 262 -3.35 -30.12 -39.37
N SER A 263 -4.44 -29.41 -39.11
CA SER A 263 -5.49 -29.22 -40.09
C SER A 263 -5.78 -27.75 -40.28
N ALA A 264 -6.31 -27.41 -41.45
CA ALA A 264 -6.66 -26.03 -41.77
C ALA A 264 -8.17 -25.92 -41.97
N GLY A 265 -8.81 -25.16 -41.10
CA GLY A 265 -10.27 -24.99 -41.14
C GLY A 265 -10.67 -23.66 -41.72
N ILE A 266 -11.83 -23.63 -42.36
CA ILE A 266 -12.35 -22.38 -42.93
C ILE A 266 -13.49 -21.86 -42.05
N ASN A 267 -13.33 -20.63 -41.58
CA ASN A 267 -14.34 -19.94 -40.78
C ASN A 267 -15.68 -19.87 -41.51
N ALA A 268 -16.75 -20.33 -40.86
CA ALA A 268 -18.10 -20.35 -41.45
C ALA A 268 -18.64 -18.94 -41.73
N ALA A 269 -18.09 -17.95 -41.03
CA ALA A 269 -18.51 -16.56 -41.21
C ALA A 269 -17.73 -15.84 -42.32
N SER A 270 -16.74 -16.51 -42.91
CA SER A 270 -15.91 -15.90 -43.95
C SER A 270 -16.66 -15.70 -45.27
N PRO A 271 -16.58 -14.49 -45.85
CA PRO A 271 -17.11 -14.24 -47.19
C PRO A 271 -16.07 -14.54 -48.27
N ASN A 272 -14.99 -15.21 -47.88
CA ASN A 272 -13.87 -15.54 -48.76
C ASN A 272 -13.61 -17.05 -48.88
N LYS A 273 -14.67 -17.86 -48.71
CA LYS A 273 -14.52 -19.33 -48.68
C LYS A 273 -13.88 -19.88 -49.96
N GLU A 274 -14.24 -19.29 -51.10
CA GLU A 274 -13.71 -19.73 -52.39
C GLU A 274 -12.24 -19.35 -52.56
N LEU A 275 -11.85 -18.20 -52.02
CA LEU A 275 -10.45 -17.78 -52.04
C LEU A 275 -9.64 -18.68 -51.14
N ALA A 276 -10.22 -19.05 -50.00
CA ALA A 276 -9.57 -19.93 -49.02
C ALA A 276 -9.39 -21.34 -49.58
N LYS A 277 -10.41 -21.81 -50.30
CA LYS A 277 -10.38 -23.13 -50.94
C LYS A 277 -9.26 -23.20 -51.98
N GLU A 278 -9.15 -22.17 -52.81
CA GLU A 278 -8.12 -22.08 -53.85
C GLU A 278 -6.70 -21.98 -53.25
N PHE A 279 -6.55 -21.17 -52.21
CA PHE A 279 -5.27 -21.03 -51.51
C PHE A 279 -4.83 -22.35 -50.89
N LEU A 280 -5.76 -23.06 -50.26
CA LEU A 280 -5.42 -24.30 -49.57
C LEU A 280 -5.17 -25.47 -50.54
N GLU A 281 -6.05 -25.64 -51.53
CA GLU A 281 -5.98 -26.79 -52.44
C GLU A 281 -4.87 -26.69 -53.47
N ASN A 282 -4.69 -25.50 -54.06
CA ASN A 282 -3.81 -25.33 -55.21
C ASN A 282 -2.53 -24.55 -54.95
N TYR A 283 -2.40 -23.99 -53.74
CA TYR A 283 -1.16 -23.30 -53.36
C TYR A 283 -0.43 -23.99 -52.21
N LEU A 284 -1.09 -24.12 -51.06
CA LEU A 284 -0.43 -24.72 -49.89
C LEU A 284 -0.19 -26.23 -50.07
N LEU A 285 -1.24 -26.96 -50.42
CA LEU A 285 -1.11 -28.42 -50.56
C LEU A 285 -0.53 -28.84 -51.90
N THR A 286 0.60 -28.22 -52.24
CA THR A 286 1.44 -28.64 -53.36
C THR A 286 2.80 -28.95 -52.79
N ASP A 287 3.65 -29.59 -53.59
CA ASP A 287 5.03 -29.83 -53.18
C ASP A 287 5.77 -28.52 -52.88
N GLU A 288 5.52 -27.51 -53.71
CA GLU A 288 6.16 -26.19 -53.58
C GLU A 288 5.69 -25.42 -52.35
N GLY A 289 4.38 -25.48 -52.08
CA GLY A 289 3.78 -24.79 -50.95
C GLY A 289 4.21 -25.37 -49.60
N LEU A 290 4.22 -26.69 -49.50
CA LEU A 290 4.63 -27.34 -48.26
C LEU A 290 6.13 -27.19 -48.01
N GLU A 291 6.91 -27.16 -49.10
CA GLU A 291 8.35 -26.94 -49.00
C GLU A 291 8.67 -25.57 -48.41
N ALA A 292 8.01 -24.53 -48.91
CA ALA A 292 8.22 -23.18 -48.42
C ALA A 292 7.96 -23.07 -46.91
N VAL A 293 6.92 -23.75 -46.44
CA VAL A 293 6.59 -23.82 -45.01
C VAL A 293 7.62 -24.67 -44.25
N ASN A 294 7.98 -25.82 -44.83
CA ASN A 294 8.94 -26.76 -44.23
C ASN A 294 10.36 -26.19 -44.12
N LYS A 295 10.74 -25.35 -45.08
CA LYS A 295 12.06 -24.74 -45.13
C LYS A 295 12.24 -23.71 -44.01
N ASP A 296 11.13 -23.11 -43.59
CA ASP A 296 11.15 -22.13 -42.51
C ASP A 296 11.19 -22.82 -41.15
N LYS A 297 10.28 -23.78 -40.95
CA LYS A 297 10.24 -24.61 -39.76
C LYS A 297 9.66 -25.96 -40.16
N PRO A 298 10.40 -27.06 -39.90
CA PRO A 298 10.00 -28.39 -40.37
C PRO A 298 8.62 -28.85 -39.87
N LEU A 299 7.83 -29.42 -40.78
CA LEU A 299 6.49 -29.91 -40.47
C LEU A 299 6.47 -31.34 -39.94
N GLY A 300 7.56 -32.07 -40.16
CA GLY A 300 7.60 -33.50 -39.90
C GLY A 300 6.94 -34.24 -41.04
N ALA A 301 6.08 -35.21 -40.71
CA ALA A 301 5.29 -35.93 -41.69
C ALA A 301 4.14 -35.07 -42.21
N VAL A 302 3.84 -35.19 -43.50
CA VAL A 302 2.75 -34.41 -44.12
C VAL A 302 1.67 -35.31 -44.70
N ALA A 303 0.47 -34.75 -44.87
CA ALA A 303 -0.67 -35.49 -45.40
C ALA A 303 -0.61 -35.67 -46.93
N LEU A 304 0.10 -34.77 -47.61
CA LEU A 304 0.24 -34.85 -49.07
C LEU A 304 1.22 -35.96 -49.47
N LYS A 305 0.70 -36.97 -50.16
CA LYS A 305 1.47 -38.16 -50.57
C LYS A 305 2.77 -37.82 -51.30
N SER A 306 2.67 -36.97 -52.32
CA SER A 306 3.81 -36.61 -53.17
C SER A 306 4.97 -35.98 -52.40
N TYR A 307 4.66 -35.09 -51.45
CA TYR A 307 5.71 -34.42 -50.68
C TYR A 307 6.25 -35.29 -49.55
N GLU A 308 5.38 -36.09 -48.94
CA GLU A 308 5.77 -37.04 -47.90
C GLU A 308 6.83 -38.03 -48.40
N GLU A 309 6.63 -38.56 -49.61
CA GLU A 309 7.57 -39.48 -50.23
C GLU A 309 8.96 -38.87 -50.40
N GLU A 310 9.01 -37.57 -50.66
CA GLU A 310 10.27 -36.83 -50.74
C GLU A 310 10.87 -36.63 -49.34
N LEU A 311 10.02 -36.36 -48.35
CA LEU A 311 10.46 -36.20 -46.96
C LEU A 311 10.82 -37.54 -46.30
N ALA A 312 10.15 -38.61 -46.73
CA ALA A 312 10.35 -39.95 -46.15
C ALA A 312 11.73 -40.54 -46.44
N LYS A 313 12.53 -39.83 -47.24
CA LYS A 313 13.93 -40.19 -47.45
C LYS A 313 14.72 -39.99 -46.16
N ASP A 314 14.23 -39.09 -45.31
CA ASP A 314 14.72 -38.93 -43.95
C ASP A 314 14.02 -39.98 -43.07
N PRO A 315 14.79 -40.94 -42.52
CA PRO A 315 14.27 -42.07 -41.73
C PRO A 315 13.42 -41.65 -40.53
N ARG A 316 13.68 -40.45 -39.99
CA ARG A 316 12.93 -39.93 -38.86
C ARG A 316 11.47 -39.68 -39.23
N ILE A 317 11.27 -39.06 -40.40
CA ILE A 317 9.94 -38.75 -40.92
C ILE A 317 9.19 -40.03 -41.31
N ALA A 318 9.89 -40.95 -41.96
CA ALA A 318 9.33 -42.27 -42.32
C ALA A 318 8.78 -43.02 -41.11
N ALA A 319 9.58 -43.03 -40.03
CA ALA A 319 9.18 -43.67 -38.77
C ALA A 319 7.96 -42.98 -38.13
N THR A 320 7.93 -41.65 -38.21
CA THR A 320 6.79 -40.87 -37.72
C THR A 320 5.50 -41.25 -38.45
N MET A 321 5.57 -41.35 -39.78
CA MET A 321 4.42 -41.73 -40.58
C MET A 321 3.99 -43.16 -40.30
N GLU A 322 4.97 -44.06 -40.17
CA GLU A 322 4.70 -45.46 -39.87
C GLU A 322 3.97 -45.63 -38.53
N ASN A 323 4.41 -44.89 -37.51
CA ASN A 323 3.78 -44.92 -36.20
C ASN A 323 2.36 -44.34 -36.21
N ALA A 324 2.15 -43.32 -37.03
CA ALA A 324 0.85 -42.66 -37.17
C ALA A 324 -0.17 -43.52 -37.91
N GLN A 325 0.30 -44.28 -38.90
CA GLN A 325 -0.55 -45.18 -39.66
C GLN A 325 -1.00 -46.38 -38.81
N LYS A 326 -0.15 -46.79 -37.88
CA LYS A 326 -0.47 -47.86 -36.93
C LYS A 326 -1.09 -47.28 -35.65
N GLY A 327 -1.16 -45.96 -35.57
CA GLY A 327 -1.68 -45.28 -34.39
C GLY A 327 -3.17 -45.04 -34.38
N GLU A 328 -3.65 -44.39 -33.33
CA GLU A 328 -5.07 -44.09 -33.17
C GLU A 328 -5.33 -42.61 -33.40
N ILE A 329 -6.27 -42.30 -34.28
CA ILE A 329 -6.69 -40.93 -34.52
C ILE A 329 -7.30 -40.36 -33.23
N MET A 330 -6.72 -39.27 -32.75
CA MET A 330 -7.20 -38.59 -31.55
C MET A 330 -8.61 -38.06 -31.82
N PRO A 331 -9.61 -38.58 -31.09
CA PRO A 331 -11.02 -38.23 -31.34
C PRO A 331 -11.30 -36.74 -31.18
N ASN A 332 -12.17 -36.21 -32.05
CA ASN A 332 -12.46 -34.78 -32.09
C ASN A 332 -13.73 -34.37 -31.32
N ILE A 333 -14.24 -35.28 -30.51
CA ILE A 333 -15.46 -35.02 -29.74
C ILE A 333 -15.15 -34.39 -28.37
N PRO A 334 -16.06 -33.52 -27.85
CA PRO A 334 -15.84 -32.83 -26.58
C PRO A 334 -15.70 -33.78 -25.39
N GLN A 335 -16.17 -35.01 -25.56
CA GLN A 335 -16.11 -36.04 -24.51
C GLN A 335 -14.68 -36.43 -24.12
N MET A 336 -13.71 -36.09 -24.98
CA MET A 336 -12.30 -36.43 -24.75
C MET A 336 -11.66 -35.73 -23.55
N SER A 337 -12.20 -34.58 -23.15
CA SER A 337 -11.70 -33.86 -21.96
C SER A 337 -11.85 -34.67 -20.67
N ALA A 338 -12.94 -35.43 -20.55
CA ALA A 338 -13.13 -36.34 -19.43
C ALA A 338 -12.12 -37.48 -19.48
N PHE A 339 -11.87 -37.99 -20.68
CA PHE A 339 -10.90 -39.05 -20.92
C PHE A 339 -9.50 -38.68 -20.43
N TRP A 340 -9.04 -37.47 -20.79
CA TRP A 340 -7.68 -37.05 -20.50
C TRP A 340 -7.34 -37.03 -19.01
N TYR A 341 -8.24 -36.48 -18.20
CA TYR A 341 -8.05 -36.45 -16.76
C TYR A 341 -8.21 -37.82 -16.11
N ALA A 342 -9.25 -38.56 -16.51
CA ALA A 342 -9.55 -39.86 -15.92
C ALA A 342 -8.43 -40.89 -16.13
N VAL A 343 -7.90 -40.95 -17.35
CA VAL A 343 -6.80 -41.86 -17.69
C VAL A 343 -5.50 -41.42 -17.01
N ARG A 344 -5.25 -40.11 -16.96
CA ARG A 344 -4.08 -39.57 -16.27
C ARG A 344 -4.08 -39.99 -14.80
N THR A 345 -5.21 -39.76 -14.14
CA THR A 345 -5.41 -40.16 -12.76
C THR A 345 -5.21 -41.67 -12.56
N ALA A 346 -5.78 -42.46 -13.48
CA ALA A 346 -5.74 -43.92 -13.40
C ALA A 346 -4.32 -44.49 -13.48
N VAL A 347 -3.52 -43.97 -14.41
CA VAL A 347 -2.13 -44.41 -14.59
C VAL A 347 -1.29 -44.01 -13.38
N ILE A 348 -1.53 -42.81 -12.85
CA ILE A 348 -0.86 -42.31 -11.65
C ILE A 348 -1.15 -43.23 -10.45
N ASN A 349 -2.43 -43.58 -10.26
CA ASN A 349 -2.86 -44.45 -9.18
C ASN A 349 -2.26 -45.87 -9.25
N ALA A 350 -2.11 -46.38 -10.46
CA ALA A 350 -1.56 -47.73 -10.66
C ALA A 350 -0.03 -47.74 -10.57
N ALA A 351 0.61 -46.66 -11.04
CA ALA A 351 2.07 -46.54 -11.01
C ALA A 351 2.61 -46.30 -9.61
N SER A 352 1.86 -45.54 -8.80
CA SER A 352 2.28 -45.20 -7.44
C SER A 352 1.86 -46.26 -6.41
N GLY A 353 1.12 -47.28 -6.86
CA GLY A 353 0.63 -48.33 -5.98
C GLY A 353 -0.61 -47.94 -5.18
N ARG A 354 -1.13 -46.75 -5.45
CA ARG A 354 -2.33 -46.24 -4.80
C ARG A 354 -3.57 -47.10 -5.12
N GLN A 355 -3.63 -47.60 -6.35
CA GLN A 355 -4.66 -48.53 -6.77
C GLN A 355 -4.06 -49.70 -7.55
N THR A 356 -4.85 -50.75 -7.74
CA THR A 356 -4.50 -51.83 -8.65
C THR A 356 -4.80 -51.37 -10.08
N VAL A 357 -4.21 -52.06 -11.05
CA VAL A 357 -4.43 -51.76 -12.47
C VAL A 357 -5.91 -51.89 -12.85
N ASP A 358 -6.56 -52.93 -12.31
CA ASP A 358 -7.97 -53.23 -12.60
C ASP A 358 -8.92 -52.15 -12.07
N GLU A 359 -8.74 -51.75 -10.82
CA GLU A 359 -9.64 -50.79 -10.16
C GLU A 359 -9.46 -49.35 -10.67
N ALA A 360 -8.22 -48.98 -10.99
CA ALA A 360 -7.91 -47.65 -11.52
C ALA A 360 -8.60 -47.41 -12.85
N LEU A 361 -8.58 -48.42 -13.72
CA LEU A 361 -9.23 -48.35 -15.03
C LEU A 361 -10.75 -48.49 -14.94
N LYS A 362 -11.21 -49.25 -13.94
CA LYS A 362 -12.65 -49.42 -13.68
C LYS A 362 -13.28 -48.09 -13.28
N ASP A 363 -12.61 -47.36 -12.40
CA ASP A 363 -13.09 -46.05 -11.97
C ASP A 363 -12.83 -44.98 -13.04
N ALA A 364 -11.83 -45.22 -13.89
CA ALA A 364 -11.56 -44.33 -15.03
C ALA A 364 -12.71 -44.35 -16.03
N GLN A 365 -13.12 -45.56 -16.43
CA GLN A 365 -14.25 -45.73 -17.36
C GLN A 365 -15.55 -45.19 -16.78
N THR A 366 -15.83 -45.54 -15.52
CA THR A 366 -17.00 -45.05 -14.79
C THR A 366 -17.11 -43.53 -14.88
N ARG A 367 -16.00 -42.84 -14.63
CA ARG A 367 -15.96 -41.38 -14.66
C ARG A 367 -16.14 -40.82 -16.07
N ILE A 368 -15.66 -41.53 -17.08
CA ILE A 368 -15.81 -41.10 -18.48
C ILE A 368 -17.24 -41.28 -18.98
N THR A 369 -17.81 -42.47 -18.77
CA THR A 369 -19.15 -42.80 -19.26
C THR A 369 -20.28 -42.01 -18.57
N LYS A 370 -20.07 -41.64 -17.31
CA LYS A 370 -21.04 -40.83 -16.57
C LYS A 370 -20.86 -39.34 -16.84
N ALA A 371 -19.77 -38.97 -17.50
CA ALA A 371 -19.52 -37.60 -17.94
C ALA A 371 -20.09 -37.37 -19.35
N SER A 372 -20.22 -38.46 -20.11
CA SER A 372 -20.80 -38.41 -21.45
C SER A 372 -22.33 -38.58 -21.43
N ALA A 373 -22.86 -38.98 -20.28
CA ALA A 373 -24.31 -39.18 -20.12
C ALA A 373 -24.99 -38.02 -19.39
N SER A 374 -24.22 -37.32 -18.55
CA SER A 374 -24.75 -36.20 -17.77
C SER A 374 -23.74 -35.05 -17.71
N TRP B 10 -5.21 33.83 -11.89
CA TRP B 10 -6.31 32.86 -11.61
C TRP B 10 -7.25 32.72 -12.80
N GLN B 11 -7.70 31.50 -13.07
CA GLN B 11 -8.63 31.21 -14.17
C GLN B 11 -10.03 31.73 -13.86
N SER B 12 -10.72 32.17 -14.91
CA SER B 12 -12.04 32.80 -14.78
C SER B 12 -13.13 31.83 -14.33
N ASP B 13 -14.17 32.37 -13.71
CA ASP B 13 -15.32 31.61 -13.25
C ASP B 13 -16.19 31.15 -14.41
N ALA B 14 -16.17 31.90 -15.51
CA ALA B 14 -16.90 31.57 -16.72
C ALA B 14 -16.27 30.39 -17.47
N LEU B 15 -14.99 30.15 -17.22
CA LEU B 15 -14.26 29.04 -17.84
C LEU B 15 -14.72 27.68 -17.30
N LYS B 16 -15.16 27.66 -16.05
CA LYS B 16 -15.72 26.45 -15.44
C LYS B 16 -16.96 25.96 -16.18
N TRP B 17 -17.80 26.92 -16.60
CA TRP B 17 -18.99 26.61 -17.39
C TRP B 17 -18.64 26.33 -18.85
N SER B 18 -17.48 26.84 -19.29
CA SER B 18 -16.97 26.58 -20.64
C SER B 18 -16.38 25.17 -20.75
N VAL B 19 -15.70 24.72 -19.70
CA VAL B 19 -15.15 23.37 -19.63
C VAL B 19 -16.28 22.35 -19.49
N LEU B 20 -17.25 22.65 -18.64
CA LEU B 20 -18.41 21.78 -18.41
C LEU B 20 -19.39 21.83 -19.60
N GLY B 21 -19.32 22.91 -20.38
CA GLY B 21 -20.13 23.05 -21.58
C GLY B 21 -19.62 22.21 -22.73
N LEU B 22 -18.30 22.22 -22.92
CA LEU B 22 -17.63 21.42 -23.95
C LEU B 22 -17.69 19.92 -23.64
N LEU B 23 -17.61 19.58 -22.35
CA LEU B 23 -17.77 18.20 -21.90
C LEU B 23 -19.23 17.76 -21.98
N GLY B 24 -20.14 18.72 -21.78
CA GLY B 24 -21.57 18.48 -21.94
C GLY B 24 -22.00 18.44 -23.40
N LEU B 25 -21.11 18.91 -24.29
CA LEU B 25 -21.35 18.89 -25.72
C LEU B 25 -21.12 17.49 -26.29
N LEU B 26 -20.05 16.85 -25.84
CA LEU B 26 -19.72 15.48 -26.25
C LEU B 26 -20.80 14.49 -25.80
N VAL B 27 -21.24 14.64 -24.55
CA VAL B 27 -22.35 13.84 -24.02
C VAL B 27 -23.65 14.36 -24.64
N GLY B 28 -24.12 13.62 -25.64
CA GLY B 28 -25.25 14.07 -26.46
C GLY B 28 -24.90 13.88 -27.92
N TYR B 29 -23.71 14.35 -28.31
CA TYR B 29 -23.18 14.11 -29.64
C TYR B 29 -22.72 12.67 -29.79
N LEU B 30 -22.27 12.08 -28.68
CA LEU B 30 -21.87 10.67 -28.64
C LEU B 30 -23.06 9.77 -28.29
N VAL B 31 -23.93 10.24 -27.41
CA VAL B 31 -25.07 9.46 -26.91
C VAL B 31 -26.11 9.17 -28.00
N VAL B 32 -26.50 10.21 -28.74
CA VAL B 32 -27.45 10.06 -29.85
C VAL B 32 -26.81 9.27 -31.01
N LEU B 33 -25.49 9.42 -31.17
CA LEU B 33 -24.73 8.67 -32.16
C LEU B 33 -24.71 7.18 -31.84
N MET B 34 -24.70 6.85 -30.55
CA MET B 34 -24.76 5.46 -30.08
C MET B 34 -26.17 4.89 -30.20
N TYR B 35 -27.17 5.77 -30.14
CA TYR B 35 -28.57 5.38 -30.29
C TYR B 35 -28.86 4.84 -31.68
N ALA B 36 -28.10 5.32 -32.66
CA ALA B 36 -28.16 4.82 -34.04
C ALA B 36 -27.54 3.42 -34.15
N GLN B 37 -27.45 2.90 -35.38
CA GLN B 37 -27.02 1.52 -35.68
C GLN B 37 -27.61 0.40 -34.79
N GLY B 38 -27.42 0.51 -33.48
CA GLY B 38 -27.99 -0.44 -32.52
C GLY B 38 -27.07 -0.72 -31.35
N GLU B 39 -26.80 0.31 -30.55
CA GLU B 39 -25.93 0.19 -29.39
C GLU B 39 -26.63 0.75 -28.14
N TYR B 40 -27.69 0.06 -27.73
CA TYR B 40 -28.58 0.54 -26.66
C TYR B 40 -28.00 0.38 -25.26
N LEU B 41 -27.39 -0.77 -25.00
CA LEU B 41 -26.75 -1.05 -23.71
C LEU B 41 -25.62 -0.06 -23.44
N PHE B 42 -24.87 0.28 -24.49
CA PHE B 42 -23.77 1.22 -24.41
C PHE B 42 -24.24 2.67 -24.29
N ALA B 43 -25.44 2.94 -24.79
CA ALA B 43 -26.02 4.29 -24.73
C ALA B 43 -26.59 4.62 -23.34
N ILE B 44 -27.19 3.62 -22.71
CA ILE B 44 -27.76 3.78 -21.36
C ILE B 44 -26.66 3.99 -20.32
N THR B 45 -25.60 3.18 -20.41
CA THR B 45 -24.49 3.25 -19.45
C THR B 45 -23.69 4.55 -19.55
N THR B 46 -23.48 5.04 -20.77
CA THR B 46 -22.72 6.26 -21.01
C THR B 46 -23.45 7.51 -20.53
N LEU B 47 -24.78 7.46 -20.56
CA LEU B 47 -25.61 8.59 -20.15
C LEU B 47 -25.69 8.72 -18.62
N ILE B 48 -26.00 7.63 -17.94
CA ILE B 48 -26.12 7.64 -16.47
C ILE B 48 -24.79 7.94 -15.76
N LEU B 49 -23.69 7.54 -16.39
CA LEU B 49 -22.34 7.74 -15.84
C LEU B 49 -21.84 9.17 -16.06
N SER B 50 -22.05 9.69 -17.27
CA SER B 50 -21.64 11.05 -17.63
C SER B 50 -22.45 12.10 -16.88
N SER B 51 -23.76 11.89 -16.81
CA SER B 51 -24.66 12.78 -16.07
C SER B 51 -24.27 12.86 -14.60
N ALA B 52 -23.92 11.70 -14.01
CA ALA B 52 -23.43 11.64 -12.64
C ALA B 52 -22.19 12.51 -12.46
N GLY B 53 -21.27 12.43 -13.42
CA GLY B 53 -20.04 13.21 -13.41
C GLY B 53 -20.26 14.70 -13.57
N LEU B 54 -21.07 15.08 -14.55
CA LEU B 54 -21.39 16.48 -14.83
C LEU B 54 -22.07 17.17 -13.63
N TYR B 55 -23.01 16.45 -13.00
CA TYR B 55 -23.71 16.95 -11.81
C TYR B 55 -22.81 17.07 -10.59
N ILE B 56 -21.91 16.10 -10.41
CA ILE B 56 -20.95 16.11 -9.30
C ILE B 56 -20.03 17.33 -9.37
N PHE B 57 -19.53 17.62 -10.56
CA PHE B 57 -18.66 18.79 -10.77
C PHE B 57 -19.44 20.10 -10.91
N ALA B 58 -20.76 20.01 -11.05
CA ALA B 58 -21.62 21.19 -11.19
C ALA B 58 -21.82 21.94 -9.87
N ASN B 59 -22.36 21.24 -8.87
CA ASN B 59 -22.69 21.88 -7.59
C ASN B 59 -21.69 21.58 -6.47
N ARG B 60 -21.41 22.59 -5.67
CA ARG B 60 -20.43 22.52 -4.58
C ARG B 60 -20.78 21.52 -3.47
N LYS B 61 -22.07 21.20 -3.36
CA LYS B 61 -22.54 20.29 -2.31
C LYS B 61 -22.16 18.82 -2.54
N ALA B 62 -21.75 18.51 -3.78
CA ALA B 62 -21.26 17.17 -4.11
C ALA B 62 -19.74 17.15 -4.24
N TYR B 63 -19.06 17.98 -3.44
CA TYR B 63 -17.61 18.13 -3.49
C TYR B 63 -16.85 16.83 -3.21
N ALA B 64 -17.24 16.14 -2.15
CA ALA B 64 -16.59 14.90 -1.73
C ALA B 64 -16.64 13.81 -2.80
N TRP B 65 -17.68 13.86 -3.63
CA TRP B 65 -17.89 12.89 -4.69
C TRP B 65 -16.96 13.10 -5.90
N ARG B 66 -16.34 14.28 -5.97
CA ARG B 66 -15.34 14.57 -7.01
C ARG B 66 -14.08 13.74 -6.84
N TYR B 67 -13.75 13.40 -5.61
CA TYR B 67 -12.57 12.59 -5.28
C TYR B 67 -12.83 11.10 -5.48
N VAL B 68 -14.10 10.72 -5.47
CA VAL B 68 -14.52 9.33 -5.47
C VAL B 68 -14.98 8.86 -6.87
N TYR B 69 -15.62 9.76 -7.60
CA TYR B 69 -16.21 9.45 -8.92
C TYR B 69 -15.28 8.80 -9.94
N PRO B 70 -14.08 9.38 -10.19
CA PRO B 70 -13.21 8.79 -11.22
C PRO B 70 -12.83 7.34 -10.92
N GLY B 71 -12.50 7.05 -9.66
CA GLY B 71 -12.16 5.70 -9.21
C GLY B 71 -13.33 4.73 -9.27
N MET B 72 -14.53 5.20 -8.89
CA MET B 72 -15.73 4.37 -8.94
C MET B 72 -16.19 4.09 -10.37
N ALA B 73 -15.91 5.01 -11.28
CA ALA B 73 -16.19 4.81 -12.70
C ALA B 73 -15.29 3.72 -13.27
N GLY B 74 -14.02 3.71 -12.85
CA GLY B 74 -13.07 2.66 -13.25
C GLY B 74 -13.43 1.30 -12.68
N MET B 75 -13.86 1.29 -11.42
CA MET B 75 -14.33 0.06 -10.78
C MET B 75 -15.65 -0.45 -11.37
N GLY B 76 -16.53 0.48 -11.72
CA GLY B 76 -17.82 0.12 -12.30
C GLY B 76 -17.69 -0.49 -13.68
N LEU B 77 -16.73 0.03 -14.44
CA LEU B 77 -16.53 -0.36 -15.83
C LEU B 77 -15.75 -1.67 -15.97
N PHE B 78 -14.76 -1.88 -15.11
CA PHE B 78 -13.83 -3.01 -15.26
C PHE B 78 -13.90 -4.06 -14.15
N VAL B 79 -14.67 -3.79 -13.09
CA VAL B 79 -14.88 -4.78 -12.03
C VAL B 79 -16.34 -5.19 -11.96
N LEU B 80 -17.23 -4.20 -11.87
CA LEU B 80 -18.67 -4.45 -11.74
C LEU B 80 -19.32 -4.95 -13.03
N PHE B 81 -19.02 -4.30 -14.15
CA PHE B 81 -19.57 -4.70 -15.46
C PHE B 81 -19.24 -6.17 -15.82
N PRO B 82 -17.98 -6.61 -15.62
CA PRO B 82 -17.67 -8.03 -15.81
C PRO B 82 -18.33 -8.94 -14.77
N LEU B 83 -18.60 -8.40 -13.59
CA LEU B 83 -19.25 -9.14 -12.52
C LEU B 83 -20.72 -9.43 -12.88
N VAL B 84 -21.42 -8.42 -13.37
CA VAL B 84 -22.83 -8.52 -13.73
C VAL B 84 -23.04 -9.43 -14.94
N CYS B 85 -22.11 -9.38 -15.90
CA CYS B 85 -22.14 -10.24 -17.08
C CYS B 85 -22.05 -11.72 -16.73
N THR B 86 -21.08 -12.06 -15.88
CA THR B 86 -20.88 -13.43 -15.40
C THR B 86 -22.17 -13.94 -14.76
N ILE B 87 -22.76 -13.12 -13.90
CA ILE B 87 -24.01 -13.47 -13.22
C ILE B 87 -25.16 -13.57 -14.23
N ALA B 88 -25.20 -12.66 -15.21
CA ALA B 88 -26.24 -12.69 -16.25
C ALA B 88 -26.15 -13.97 -17.09
N ILE B 89 -24.92 -14.37 -17.40
CA ILE B 89 -24.63 -15.59 -18.17
C ILE B 89 -25.05 -16.85 -17.41
N ALA B 90 -25.00 -16.78 -16.08
CA ALA B 90 -25.37 -17.90 -15.21
C ALA B 90 -26.84 -18.32 -15.35
N PHE B 91 -27.68 -17.41 -15.85
CA PHE B 91 -29.09 -17.69 -16.10
C PHE B 91 -29.34 -18.18 -17.53
N THR B 92 -28.27 -18.54 -18.24
CA THR B 92 -28.37 -18.99 -19.64
C THR B 92 -27.68 -20.35 -19.85
N ASN B 93 -27.89 -20.93 -21.03
CA ASN B 93 -27.19 -22.17 -21.42
C ASN B 93 -25.98 -21.91 -22.30
N TYR B 94 -25.40 -20.72 -22.16
CA TYR B 94 -24.22 -20.31 -22.91
C TYR B 94 -23.05 -21.27 -22.67
N SER B 95 -22.60 -21.91 -23.75
CA SER B 95 -21.56 -22.95 -23.69
C SER B 95 -20.99 -23.22 -25.09
N SER B 96 -20.06 -24.17 -25.17
CA SER B 96 -19.54 -24.66 -26.45
C SER B 96 -20.66 -25.13 -27.38
N THR B 97 -21.62 -25.86 -26.80
CA THR B 97 -22.77 -26.40 -27.52
C THR B 97 -23.76 -25.30 -27.94
N ASN B 98 -23.95 -24.32 -27.07
CA ASN B 98 -24.90 -23.22 -27.31
C ASN B 98 -24.21 -21.87 -27.24
N GLN B 99 -23.33 -21.60 -28.20
CA GLN B 99 -22.47 -20.43 -28.16
C GLN B 99 -22.98 -19.26 -29.00
N LEU B 100 -23.73 -19.56 -30.05
CA LEU B 100 -24.22 -18.54 -30.97
C LEU B 100 -25.52 -17.92 -30.48
N THR B 101 -25.80 -16.71 -30.95
CA THR B 101 -27.12 -16.11 -30.77
C THR B 101 -28.06 -16.81 -31.76
N PHE B 102 -29.36 -16.68 -31.53
CA PHE B 102 -30.35 -17.26 -32.43
C PHE B 102 -30.19 -16.75 -33.87
N GLU B 103 -29.99 -15.45 -34.02
CA GLU B 103 -29.79 -14.81 -35.31
C GLU B 103 -28.59 -15.41 -36.06
N ARG B 104 -27.47 -15.58 -35.35
CA ARG B 104 -26.25 -16.13 -35.93
C ARG B 104 -26.39 -17.62 -36.27
N ALA B 105 -27.04 -18.38 -35.38
CA ALA B 105 -27.29 -19.82 -35.60
C ALA B 105 -28.20 -20.06 -36.81
N GLN B 106 -29.17 -19.16 -37.00
CA GLN B 106 -30.06 -19.16 -38.15
C GLN B 106 -29.28 -18.86 -39.44
N GLU B 107 -28.36 -17.90 -39.34
CA GLU B 107 -27.52 -17.48 -40.47
C GLU B 107 -26.59 -18.60 -40.93
N VAL B 108 -26.04 -19.36 -39.96
CA VAL B 108 -25.16 -20.49 -40.24
C VAL B 108 -25.91 -21.63 -40.96
N LEU B 109 -27.12 -21.92 -40.51
CA LEU B 109 -27.93 -22.99 -41.09
C LEU B 109 -28.41 -22.66 -42.52
N LEU B 110 -28.74 -21.39 -42.75
CA LEU B 110 -29.18 -20.93 -44.07
C LEU B 110 -28.01 -20.77 -45.05
N ASP B 111 -26.78 -20.83 -44.55
CA ASP B 111 -25.57 -20.83 -45.38
C ASP B 111 -25.17 -22.24 -45.82
N ARG B 112 -25.61 -23.25 -45.06
CA ARG B 112 -25.35 -24.65 -45.38
C ARG B 112 -25.87 -25.06 -46.75
N SER B 113 -25.28 -26.09 -47.32
CA SER B 113 -25.63 -26.54 -48.66
C SER B 113 -25.44 -28.04 -48.84
N TRP B 114 -26.09 -28.57 -49.89
CA TRP B 114 -25.89 -29.96 -50.29
C TRP B 114 -25.68 -30.05 -51.79
N GLN B 115 -24.96 -31.08 -52.22
CA GLN B 115 -24.72 -31.31 -53.64
C GLN B 115 -25.89 -32.05 -54.27
N ALA B 116 -26.70 -31.32 -55.03
CA ALA B 116 -27.92 -31.87 -55.62
C ALA B 116 -27.68 -32.45 -57.02
N GLY B 117 -26.64 -31.97 -57.69
CA GLY B 117 -26.37 -32.39 -59.06
C GLY B 117 -24.93 -32.75 -59.34
N LYS B 118 -24.46 -32.36 -60.52
CA LYS B 118 -23.11 -32.70 -60.98
C LYS B 118 -22.16 -31.55 -60.69
N THR B 119 -20.85 -31.84 -60.77
CA THR B 119 -19.79 -30.85 -60.64
C THR B 119 -19.03 -30.76 -61.96
N TYR B 120 -18.80 -29.53 -62.43
CA TYR B 120 -18.15 -29.29 -63.71
C TYR B 120 -16.98 -28.35 -63.56
N ASN B 121 -15.82 -28.73 -64.09
CA ASN B 121 -14.70 -27.80 -64.19
C ASN B 121 -15.02 -26.73 -65.24
N PHE B 122 -14.81 -25.46 -64.89
CA PHE B 122 -15.11 -24.37 -65.82
C PHE B 122 -13.88 -23.57 -66.22
N GLY B 123 -14.00 -22.91 -67.37
CA GLY B 123 -13.03 -21.94 -67.84
C GLY B 123 -13.76 -20.73 -68.39
N LEU B 124 -13.04 -19.61 -68.48
CA LEU B 124 -13.57 -18.36 -68.98
C LEU B 124 -12.74 -17.93 -70.19
N TYR B 125 -13.40 -17.59 -71.28
CA TYR B 125 -12.76 -17.28 -72.55
C TYR B 125 -13.29 -15.98 -73.15
N PRO B 126 -12.40 -15.03 -73.43
CA PRO B 126 -12.75 -13.76 -74.07
C PRO B 126 -13.33 -13.97 -75.46
N ALA B 127 -14.47 -13.33 -75.71
CA ALA B 127 -15.08 -13.27 -77.03
C ALA B 127 -15.23 -11.81 -77.41
N GLY B 128 -14.13 -11.21 -77.87
CA GLY B 128 -14.06 -9.78 -78.11
C GLY B 128 -14.00 -9.03 -76.79
N ASP B 129 -14.95 -8.12 -76.60
CA ASP B 129 -15.11 -7.39 -75.33
C ASP B 129 -15.97 -8.19 -74.33
N GLU B 130 -16.55 -9.28 -74.82
CA GLU B 130 -17.44 -10.12 -74.00
C GLU B 130 -16.75 -11.43 -73.59
N TRP B 131 -17.51 -12.33 -72.98
CA TRP B 131 -16.96 -13.57 -72.44
C TRP B 131 -17.78 -14.79 -72.83
N GLN B 132 -17.13 -15.96 -72.81
CA GLN B 132 -17.81 -17.24 -72.93
C GLN B 132 -17.43 -18.15 -71.77
N LEU B 133 -18.42 -18.87 -71.25
CA LEU B 133 -18.19 -19.85 -70.19
C LEU B 133 -18.17 -21.26 -70.77
N ALA B 134 -17.17 -22.05 -70.37
CA ALA B 134 -17.06 -23.44 -70.77
C ALA B 134 -17.20 -24.35 -69.56
N LEU B 135 -18.00 -25.40 -69.69
CA LEU B 135 -18.14 -26.40 -68.64
C LEU B 135 -17.71 -27.76 -69.16
N SER B 136 -16.98 -28.50 -68.34
CA SER B 136 -16.54 -29.84 -68.70
C SER B 136 -17.14 -30.87 -67.77
N ASP B 137 -17.78 -31.89 -68.34
CA ASP B 137 -18.38 -32.98 -67.58
C ASP B 137 -17.46 -34.20 -67.62
N GLY B 138 -16.80 -34.46 -66.49
CA GLY B 138 -15.80 -35.51 -66.38
C GLY B 138 -16.32 -36.93 -66.42
N GLU B 139 -17.59 -37.14 -66.11
CA GLU B 139 -18.12 -38.51 -66.04
C GLU B 139 -18.65 -39.02 -67.39
N THR B 140 -18.95 -38.10 -68.31
CA THR B 140 -19.50 -38.45 -69.61
C THR B 140 -18.58 -38.05 -70.77
N GLY B 141 -17.60 -37.20 -70.46
CA GLY B 141 -16.69 -36.69 -71.50
C GLY B 141 -17.32 -35.65 -72.41
N LYS B 142 -18.33 -34.96 -71.89
CA LYS B 142 -19.06 -33.93 -72.65
C LYS B 142 -18.61 -32.53 -72.22
N ASN B 143 -18.56 -31.64 -73.20
CA ASN B 143 -18.18 -30.26 -72.93
C ASN B 143 -19.26 -29.29 -73.38
N TYR B 144 -19.37 -28.19 -72.65
CA TYR B 144 -20.45 -27.24 -72.86
C TYR B 144 -19.90 -25.83 -72.95
N LEU B 145 -20.53 -25.03 -73.80
CA LEU B 145 -20.07 -23.69 -74.10
C LEU B 145 -21.27 -22.77 -74.23
N SER B 146 -21.21 -21.61 -73.58
CA SER B 146 -22.29 -20.63 -73.64
C SER B 146 -22.08 -19.65 -74.79
N ASP B 147 -23.10 -18.83 -75.04
CA ASP B 147 -22.99 -17.69 -75.93
C ASP B 147 -22.15 -16.60 -75.27
N ALA B 148 -21.76 -15.59 -76.05
CA ALA B 148 -21.05 -14.42 -75.53
C ALA B 148 -21.94 -13.63 -74.56
N PHE B 149 -21.35 -13.19 -73.45
CA PHE B 149 -22.06 -12.44 -72.42
C PHE B 149 -21.13 -11.41 -71.75
N LYS B 150 -21.74 -10.41 -71.12
CA LYS B 150 -21.00 -9.41 -70.35
C LYS B 150 -21.25 -9.60 -68.85
N PHE B 151 -20.23 -9.35 -68.05
CA PHE B 151 -20.37 -9.39 -66.59
C PHE B 151 -21.28 -8.29 -66.05
N GLY B 152 -21.99 -8.59 -64.97
CA GLY B 152 -22.81 -7.61 -64.27
C GLY B 152 -24.22 -8.07 -63.96
N GLY B 153 -24.51 -8.23 -62.68
CA GLY B 153 -25.87 -8.56 -62.22
C GLY B 153 -26.25 -10.02 -62.38
N GLU B 154 -27.40 -10.39 -61.82
CA GLU B 154 -27.92 -11.74 -61.97
C GLU B 154 -28.39 -11.99 -63.41
N GLN B 155 -27.90 -13.07 -64.00
CA GLN B 155 -28.26 -13.44 -65.37
C GLN B 155 -28.19 -14.95 -65.57
N LYS B 156 -28.86 -15.43 -66.62
CA LYS B 156 -28.85 -16.85 -66.94
C LYS B 156 -28.15 -17.11 -68.27
N LEU B 157 -27.53 -18.27 -68.38
CA LEU B 157 -26.81 -18.66 -69.58
C LEU B 157 -27.22 -20.05 -70.06
N GLN B 158 -27.73 -20.11 -71.28
CA GLN B 158 -27.96 -21.39 -71.93
C GLN B 158 -26.62 -21.91 -72.45
N LEU B 159 -26.26 -23.11 -72.02
CA LEU B 159 -25.06 -23.77 -72.51
C LEU B 159 -25.43 -24.75 -73.61
N LYS B 160 -24.59 -24.80 -74.65
CA LYS B 160 -24.77 -25.75 -75.73
C LYS B 160 -23.63 -26.77 -75.72
N GLU B 161 -23.98 -28.04 -75.89
CA GLU B 161 -23.01 -29.11 -76.00
C GLU B 161 -22.12 -28.86 -77.22
N THR B 162 -20.81 -28.99 -77.04
CA THR B 162 -19.88 -28.69 -78.11
C THR B 162 -18.76 -29.71 -78.22
N THR B 163 -18.33 -29.94 -79.45
CA THR B 163 -17.25 -30.86 -79.76
C THR B 163 -16.01 -30.04 -80.13
N ALA B 164 -16.18 -28.72 -80.13
CA ALA B 164 -15.15 -27.78 -80.54
C ALA B 164 -14.49 -27.06 -79.36
N GLN B 165 -13.54 -26.18 -79.69
CA GLN B 165 -12.84 -25.36 -78.72
C GLN B 165 -13.26 -23.89 -78.87
N PRO B 166 -13.27 -23.14 -77.75
CA PRO B 166 -13.54 -21.69 -77.85
C PRO B 166 -12.36 -20.96 -78.48
N GLU B 167 -12.64 -19.82 -79.10
CA GLU B 167 -11.62 -19.09 -79.86
C GLU B 167 -10.63 -18.31 -79.00
N GLY B 168 -11.09 -17.75 -77.89
CA GLY B 168 -10.25 -16.97 -76.99
C GLY B 168 -9.29 -17.83 -76.18
N GLU B 169 -8.18 -17.23 -75.76
CA GLU B 169 -7.24 -17.87 -74.85
C GLU B 169 -7.86 -17.93 -73.44
N ARG B 170 -7.63 -19.04 -72.74
CA ARG B 170 -8.19 -19.25 -71.40
C ARG B 170 -7.75 -18.14 -70.42
N ALA B 171 -8.71 -17.58 -69.70
CA ALA B 171 -8.45 -16.55 -68.70
C ALA B 171 -7.74 -17.12 -67.47
N ASN B 172 -6.72 -16.40 -67.00
CA ASN B 172 -5.95 -16.81 -65.82
C ASN B 172 -6.72 -16.60 -64.51
N LEU B 173 -6.15 -17.09 -63.41
CA LEU B 173 -6.78 -17.03 -62.09
C LEU B 173 -7.09 -15.61 -61.62
N ARG B 174 -6.31 -14.64 -62.10
CA ARG B 174 -6.50 -13.23 -61.76
C ARG B 174 -7.81 -12.67 -62.31
N VAL B 175 -8.08 -12.92 -63.59
CA VAL B 175 -9.31 -12.46 -64.23
C VAL B 175 -10.54 -13.07 -63.56
N ILE B 176 -10.45 -14.36 -63.21
CA ILE B 176 -11.53 -15.06 -62.52
C ILE B 176 -11.77 -14.48 -61.13
N THR B 177 -10.69 -14.16 -60.43
CA THR B 177 -10.78 -13.58 -59.09
C THR B 177 -11.34 -12.16 -59.10
N GLN B 178 -10.83 -11.32 -60.01
CA GLN B 178 -11.31 -9.93 -60.15
C GLN B 178 -12.81 -9.88 -60.44
N ASN B 179 -13.29 -10.84 -61.23
CA ASN B 179 -14.67 -10.88 -61.68
C ASN B 179 -15.54 -11.92 -60.97
N ARG B 180 -15.09 -12.35 -59.79
N ARG B 180 -15.10 -12.34 -59.78
CA ARG B 180 -15.73 -13.44 -59.05
CA ARG B 180 -15.73 -13.44 -59.06
C ARG B 180 -17.16 -13.14 -58.59
C ARG B 180 -17.16 -13.15 -58.56
N GLN B 181 -17.45 -11.88 -58.31
CA GLN B 181 -18.80 -11.48 -57.87
C GLN B 181 -19.83 -11.66 -58.98
N ALA B 182 -19.58 -11.06 -60.14
CA ALA B 182 -20.44 -11.23 -61.31
C ALA B 182 -20.51 -12.69 -61.78
N LEU B 183 -19.42 -13.43 -61.60
CA LEU B 183 -19.38 -14.84 -61.98
C LEU B 183 -20.26 -15.71 -61.07
N SER B 184 -20.39 -15.30 -59.81
CA SER B 184 -21.22 -16.01 -58.85
C SER B 184 -22.71 -15.67 -58.97
N ASP B 185 -23.02 -14.70 -59.83
CA ASP B 185 -24.41 -14.29 -60.05
C ASP B 185 -25.01 -14.95 -61.29
N ILE B 186 -24.22 -15.79 -61.94
CA ILE B 186 -24.60 -16.48 -63.16
C ILE B 186 -25.22 -17.84 -62.86
N THR B 187 -26.44 -18.05 -63.37
CA THR B 187 -27.06 -19.37 -63.37
C THR B 187 -26.87 -20.00 -64.76
N ALA B 188 -26.11 -21.09 -64.80
CA ALA B 188 -25.87 -21.81 -66.06
C ALA B 188 -26.82 -22.99 -66.21
N ILE B 189 -27.42 -23.12 -67.39
CA ILE B 189 -28.40 -24.17 -67.66
C ILE B 189 -27.88 -25.12 -68.76
N LEU B 190 -27.79 -26.40 -68.41
CA LEU B 190 -27.33 -27.43 -69.35
C LEU B 190 -28.47 -27.84 -70.30
N PRO B 191 -28.13 -28.35 -71.49
CA PRO B 191 -29.14 -28.81 -72.46
C PRO B 191 -30.14 -29.83 -71.89
N ASP B 192 -29.72 -30.59 -70.88
CA ASP B 192 -30.61 -31.57 -70.23
C ASP B 192 -31.61 -30.91 -69.26
N GLY B 193 -31.36 -29.65 -68.93
CA GLY B 193 -32.28 -28.88 -68.09
C GLY B 193 -31.79 -28.61 -66.68
N ASN B 194 -30.65 -29.19 -66.30
CA ASN B 194 -30.08 -29.00 -64.97
C ASN B 194 -29.46 -27.62 -64.78
N LYS B 195 -29.62 -27.09 -63.57
CA LYS B 195 -29.15 -25.76 -63.19
C LYS B 195 -27.82 -25.89 -62.49
N VAL B 196 -26.91 -24.95 -62.75
CA VAL B 196 -25.57 -24.99 -62.21
C VAL B 196 -25.04 -23.59 -61.92
N MET B 197 -24.39 -23.42 -60.77
CA MET B 197 -23.82 -22.13 -60.35
C MET B 197 -22.39 -22.31 -59.86
N MET B 198 -21.62 -21.22 -59.86
CA MET B 198 -20.25 -21.22 -59.37
C MET B 198 -20.18 -21.67 -57.91
N SER B 199 -19.33 -22.66 -57.65
CA SER B 199 -19.18 -23.22 -56.30
C SER B 199 -17.74 -23.11 -55.81
N SER B 200 -16.83 -22.82 -56.74
CA SER B 200 -15.43 -22.54 -56.43
C SER B 200 -14.84 -21.73 -57.57
N LEU B 201 -13.57 -21.33 -57.45
CA LEU B 201 -12.89 -20.58 -58.51
C LEU B 201 -12.54 -21.48 -59.70
N ARG B 202 -12.81 -22.78 -59.56
CA ARG B 202 -12.50 -23.75 -60.60
C ARG B 202 -13.75 -24.45 -61.14
N GLN B 203 -14.83 -24.46 -60.36
CA GLN B 203 -15.99 -25.27 -60.70
C GLN B 203 -17.35 -24.57 -60.62
N PHE B 204 -18.29 -25.08 -61.43
CA PHE B 204 -19.71 -24.80 -61.29
C PHE B 204 -20.33 -26.12 -60.88
N SER B 205 -21.42 -26.07 -60.10
CA SER B 205 -22.06 -27.29 -59.63
C SER B 205 -23.54 -27.10 -59.26
N GLY B 206 -24.24 -28.22 -59.06
CA GLY B 206 -25.63 -28.21 -58.67
C GLY B 206 -25.82 -28.06 -57.17
N THR B 207 -24.92 -27.30 -56.54
CA THR B 207 -25.01 -27.01 -55.11
C THR B 207 -26.23 -26.13 -54.83
N GLN B 208 -27.04 -26.55 -53.86
CA GLN B 208 -28.24 -25.81 -53.46
C GLN B 208 -28.32 -25.64 -51.94
N PRO B 209 -29.06 -24.63 -51.46
CA PRO B 209 -29.24 -24.44 -50.01
C PRO B 209 -29.90 -25.65 -49.36
N LEU B 210 -29.32 -26.12 -48.26
CA LEU B 210 -29.84 -27.29 -47.53
C LEU B 210 -31.19 -27.01 -46.87
N TYR B 211 -31.41 -25.76 -46.45
CA TYR B 211 -32.66 -25.35 -45.80
C TYR B 211 -33.28 -24.13 -46.47
N THR B 212 -34.59 -23.98 -46.30
CA THR B 212 -35.30 -22.75 -46.67
C THR B 212 -36.15 -22.25 -45.50
N LEU B 213 -36.10 -20.94 -45.28
CA LEU B 213 -36.90 -20.30 -44.23
C LEU B 213 -38.32 -20.03 -44.75
N ASP B 214 -39.31 -20.31 -43.91
CA ASP B 214 -40.71 -20.27 -44.33
C ASP B 214 -41.43 -18.95 -44.00
N GLY B 215 -41.05 -18.31 -42.89
CA GLY B 215 -41.68 -17.04 -42.50
C GLY B 215 -42.29 -17.04 -41.11
N ASP B 216 -43.00 -18.12 -40.76
CA ASP B 216 -43.52 -18.29 -39.41
C ASP B 216 -42.42 -18.71 -38.44
N GLY B 217 -41.41 -19.40 -38.97
CA GLY B 217 -40.23 -19.79 -38.20
C GLY B 217 -39.61 -21.12 -38.59
N THR B 218 -40.38 -21.96 -39.29
CA THR B 218 -39.94 -23.33 -39.61
C THR B 218 -38.90 -23.42 -40.73
N LEU B 219 -37.80 -24.09 -40.45
CA LEU B 219 -36.80 -24.42 -41.46
C LEU B 219 -37.11 -25.82 -42.01
N THR B 220 -37.05 -25.95 -43.32
CA THR B 220 -37.31 -27.24 -43.94
C THR B 220 -36.12 -27.71 -44.77
N ASN B 221 -35.71 -28.96 -44.54
CA ASN B 221 -34.61 -29.58 -45.24
C ASN B 221 -35.02 -29.90 -46.68
N ASN B 222 -34.21 -29.45 -47.65
CA ASN B 222 -34.53 -29.62 -49.06
C ASN B 222 -34.12 -30.99 -49.63
N GLN B 223 -33.33 -31.74 -48.87
CA GLN B 223 -32.85 -33.04 -49.29
C GLN B 223 -33.71 -34.19 -48.74
N SER B 224 -34.11 -34.08 -47.47
CA SER B 224 -34.84 -35.15 -46.80
C SER B 224 -36.33 -34.87 -46.62
N GLY B 225 -36.70 -33.59 -46.58
CA GLY B 225 -38.10 -33.18 -46.42
C GLY B 225 -38.54 -33.01 -44.97
N VAL B 226 -37.61 -33.25 -44.05
CA VAL B 226 -37.86 -33.10 -42.61
C VAL B 226 -37.98 -31.62 -42.26
N LYS B 227 -38.96 -31.29 -41.43
CA LYS B 227 -39.19 -29.92 -41.00
C LYS B 227 -38.68 -29.68 -39.58
N TYR B 228 -38.16 -28.48 -39.34
CA TYR B 228 -37.53 -28.13 -38.06
C TYR B 228 -38.10 -26.83 -37.50
N ARG B 229 -38.24 -26.79 -36.18
CA ARG B 229 -38.72 -25.59 -35.48
C ARG B 229 -37.79 -25.25 -34.31
N PRO B 230 -37.69 -23.94 -33.98
CA PRO B 230 -36.82 -23.52 -32.88
C PRO B 230 -37.38 -23.95 -31.53
N ASN B 231 -36.60 -24.72 -30.79
CA ASN B 231 -36.96 -25.14 -29.45
C ASN B 231 -36.21 -24.31 -28.41
N ASN B 232 -36.85 -23.23 -27.96
CA ASN B 232 -36.24 -22.24 -27.08
C ASN B 232 -35.99 -22.69 -25.64
N GLN B 233 -36.38 -23.92 -25.33
CA GLN B 233 -36.13 -24.48 -24.00
C GLN B 233 -34.71 -25.02 -23.86
N ILE B 234 -34.18 -25.58 -24.94
CA ILE B 234 -32.85 -26.18 -24.95
C ILE B 234 -31.88 -25.47 -25.91
N GLY B 235 -32.44 -24.58 -26.74
CA GLY B 235 -31.67 -23.78 -27.68
C GLY B 235 -31.21 -24.55 -28.90
N PHE B 236 -32.13 -25.29 -29.50
CA PHE B 236 -31.84 -26.05 -30.73
C PHE B 236 -33.02 -26.01 -31.68
N TYR B 237 -32.73 -26.10 -32.97
CA TYR B 237 -33.73 -26.45 -33.95
C TYR B 237 -33.99 -27.95 -33.82
N GLN B 238 -35.25 -28.32 -33.64
CA GLN B 238 -35.62 -29.72 -33.49
C GLN B 238 -36.69 -30.12 -34.50
N SER B 239 -36.64 -31.38 -34.93
CA SER B 239 -37.55 -31.92 -35.94
C SER B 239 -38.98 -32.04 -35.45
N ILE B 240 -39.93 -31.85 -36.36
CA ILE B 240 -41.36 -31.98 -36.05
C ILE B 240 -42.02 -33.08 -36.88
N ASN B 245 -45.21 -32.38 -30.17
CA ASN B 245 -45.11 -32.42 -31.63
C ASN B 245 -43.63 -32.46 -32.09
N TRP B 246 -42.75 -32.84 -31.17
CA TRP B 246 -41.33 -32.91 -31.43
C TRP B 246 -40.88 -34.31 -31.84
N GLY B 247 -39.90 -34.38 -32.73
CA GLY B 247 -39.30 -35.66 -33.14
C GLY B 247 -38.21 -36.07 -32.16
N ASP B 248 -36.99 -36.22 -32.67
CA ASP B 248 -35.83 -36.53 -31.83
C ASP B 248 -34.52 -35.96 -32.38
N GLU B 249 -34.47 -35.73 -33.70
CA GLU B 249 -33.29 -35.17 -34.33
C GLU B 249 -33.16 -33.67 -34.03
N LYS B 250 -31.96 -33.26 -33.60
CA LYS B 250 -31.68 -31.86 -33.31
C LYS B 250 -30.59 -31.35 -34.25
N LEU B 251 -30.64 -30.06 -34.58
CA LEU B 251 -29.65 -29.46 -35.48
C LEU B 251 -28.62 -28.63 -34.74
N SER B 252 -27.35 -28.93 -34.99
CA SER B 252 -26.26 -28.06 -34.60
C SER B 252 -26.03 -27.06 -35.74
N PRO B 253 -25.60 -25.82 -35.42
CA PRO B 253 -25.24 -25.32 -34.09
C PRO B 253 -26.45 -24.93 -33.24
N GLY B 254 -26.32 -25.13 -31.94
CA GLY B 254 -27.30 -24.65 -30.98
C GLY B 254 -27.13 -23.17 -30.73
N TYR B 255 -28.10 -22.57 -30.05
CA TYR B 255 -28.06 -21.13 -29.76
C TYR B 255 -28.36 -20.82 -28.30
N THR B 256 -27.83 -19.69 -27.83
CA THR B 256 -27.98 -19.27 -26.44
C THR B 256 -29.42 -18.92 -26.10
N VAL B 257 -29.89 -19.44 -24.98
CA VAL B 257 -31.22 -19.12 -24.46
C VAL B 257 -31.22 -19.10 -22.94
N THR B 258 -32.14 -18.35 -22.35
CA THR B 258 -32.29 -18.25 -20.90
C THR B 258 -32.81 -19.57 -20.30
N THR B 259 -32.18 -20.01 -19.22
CA THR B 259 -32.55 -21.26 -18.55
C THR B 259 -33.01 -21.06 -17.10
N GLY B 260 -32.91 -19.83 -16.61
CA GLY B 260 -33.31 -19.50 -15.24
C GLY B 260 -32.38 -20.08 -14.20
N TRP B 261 -32.94 -20.84 -13.27
CA TRP B 261 -32.18 -21.41 -12.15
C TRP B 261 -31.50 -22.75 -12.48
N LYS B 262 -31.65 -23.22 -13.72
CA LYS B 262 -31.13 -24.53 -14.14
C LYS B 262 -29.67 -24.79 -13.74
N ASN B 263 -28.79 -23.82 -14.01
CA ASN B 263 -27.38 -23.94 -13.63
C ASN B 263 -27.14 -23.95 -12.13
N PHE B 264 -27.91 -23.16 -11.39
CA PHE B 264 -27.81 -23.09 -9.94
C PHE B 264 -28.28 -24.36 -9.24
N THR B 265 -29.42 -24.90 -9.66
CA THR B 265 -29.97 -26.12 -9.05
C THR B 265 -29.18 -27.38 -9.40
N ARG B 266 -28.46 -27.34 -10.52
CA ARG B 266 -27.61 -28.46 -10.92
C ARG B 266 -26.48 -28.71 -9.91
N VAL B 267 -26.10 -27.65 -9.18
CA VAL B 267 -25.11 -27.74 -8.11
C VAL B 267 -25.80 -28.24 -6.82
N PHE B 268 -27.05 -27.83 -6.62
CA PHE B 268 -27.79 -28.17 -5.41
C PHE B 268 -28.66 -29.44 -5.52
N THR B 269 -28.51 -30.18 -6.62
CA THR B 269 -29.25 -31.43 -6.82
C THR B 269 -28.33 -32.63 -7.03
N ASP B 270 -27.26 -32.44 -7.81
CA ASP B 270 -26.35 -33.53 -8.16
C ASP B 270 -25.53 -34.00 -6.96
N GLU B 271 -25.89 -35.18 -6.45
CA GLU B 271 -25.15 -35.80 -5.33
C GLU B 271 -23.73 -36.19 -5.74
N GLY B 272 -23.54 -36.47 -7.02
CA GLY B 272 -22.22 -36.79 -7.57
C GLY B 272 -21.18 -35.73 -7.27
N ILE B 273 -21.55 -34.47 -7.48
CA ILE B 273 -20.63 -33.35 -7.27
C ILE B 273 -20.63 -32.79 -5.85
N GLN B 274 -21.50 -33.34 -5.00
CA GLN B 274 -21.66 -32.86 -3.63
C GLN B 274 -20.89 -33.67 -2.59
N LYS B 275 -20.52 -34.91 -2.94
CA LYS B 275 -19.84 -35.82 -2.01
C LYS B 275 -18.53 -35.28 -1.42
N PRO B 276 -17.63 -34.74 -2.27
CA PRO B 276 -16.38 -34.26 -1.69
C PRO B 276 -16.38 -32.79 -1.29
N PHE B 277 -17.52 -32.11 -1.45
CA PHE B 277 -17.63 -30.66 -1.19
C PHE B 277 -17.13 -30.25 0.20
N LEU B 278 -17.59 -30.94 1.24
CA LEU B 278 -17.22 -30.58 2.61
C LEU B 278 -15.72 -30.79 2.87
N ALA B 279 -15.18 -31.91 2.40
CA ALA B 279 -13.75 -32.22 2.53
C ALA B 279 -12.88 -31.24 1.74
N ILE B 280 -13.36 -30.81 0.57
CA ILE B 280 -12.65 -29.84 -0.26
C ILE B 280 -12.73 -28.44 0.37
N PHE B 281 -13.93 -28.02 0.77
CA PHE B 281 -14.15 -26.73 1.41
C PHE B 281 -13.26 -26.51 2.63
N VAL B 282 -13.13 -27.55 3.46
CA VAL B 282 -12.25 -27.53 4.63
C VAL B 282 -10.80 -27.27 4.24
N TRP B 283 -10.33 -27.98 3.22
CA TRP B 283 -8.97 -27.80 2.72
C TRP B 283 -8.70 -26.37 2.24
N THR B 284 -9.58 -25.84 1.38
CA THR B 284 -9.39 -24.50 0.80
C THR B 284 -9.37 -23.41 1.87
N VAL B 285 -10.24 -23.55 2.87
CA VAL B 285 -10.27 -22.62 4.00
C VAL B 285 -8.96 -22.68 4.78
N VAL B 286 -8.48 -23.89 5.04
CA VAL B 286 -7.23 -24.10 5.79
C VAL B 286 -6.01 -23.64 4.98
N PHE B 287 -5.97 -24.04 3.71
CA PHE B 287 -4.90 -23.63 2.78
C PHE B 287 -4.74 -22.11 2.67
N SER B 288 -5.87 -21.41 2.66
CA SER B 288 -5.86 -19.95 2.57
C SER B 288 -5.43 -19.30 3.88
N LEU B 289 -5.91 -19.85 5.00
CA LEU B 289 -5.57 -19.33 6.33
C LEU B 289 -4.09 -19.49 6.66
N ILE B 290 -3.54 -20.68 6.41
CA ILE B 290 -2.12 -20.94 6.66
C ILE B 290 -1.23 -20.08 5.75
N THR B 291 -1.63 -19.91 4.49
CA THR B 291 -0.90 -19.04 3.58
C THR B 291 -0.82 -17.62 4.15
N VAL B 292 -1.98 -17.05 4.45
CA VAL B 292 -2.06 -15.68 4.97
C VAL B 292 -1.25 -15.51 6.25
N PHE B 293 -1.34 -16.49 7.15
CA PHE B 293 -0.59 -16.46 8.40
C PHE B 293 0.92 -16.49 8.18
N LEU B 294 1.41 -17.44 7.39
CA LEU B 294 2.84 -17.60 7.15
C LEU B 294 3.45 -16.47 6.31
N THR B 295 2.68 -15.95 5.35
CA THR B 295 3.17 -14.87 4.48
C THR B 295 3.24 -13.52 5.20
N VAL B 296 2.25 -13.24 6.06
CA VAL B 296 2.26 -12.04 6.89
C VAL B 296 3.38 -12.11 7.92
N ALA B 297 3.50 -13.25 8.59
CA ALA B 297 4.52 -13.45 9.62
C ALA B 297 5.94 -13.25 9.07
N VAL B 298 6.26 -13.96 7.98
CA VAL B 298 7.56 -13.85 7.32
C VAL B 298 7.75 -12.45 6.73
N GLY B 299 6.71 -11.94 6.06
CA GLY B 299 6.74 -10.61 5.46
C GLY B 299 7.04 -9.50 6.46
N MET B 300 6.36 -9.53 7.61
CA MET B 300 6.52 -8.50 8.64
C MET B 300 7.88 -8.57 9.33
N VAL B 301 8.31 -9.78 9.69
CA VAL B 301 9.62 -10.00 10.34
C VAL B 301 10.77 -9.50 9.46
N LEU B 302 10.73 -9.84 8.18
CA LEU B 302 11.74 -9.41 7.21
C LEU B 302 11.74 -7.89 7.01
N ALA B 303 10.55 -7.29 6.94
CA ALA B 303 10.42 -5.85 6.80
C ALA B 303 10.99 -5.10 8.01
N CYS B 304 10.74 -5.62 9.20
CA CYS B 304 11.32 -5.07 10.43
C CYS B 304 12.84 -5.13 10.41
N LEU B 305 13.38 -6.29 10.04
CA LEU B 305 14.83 -6.49 9.99
C LEU B 305 15.51 -5.58 8.97
N VAL B 306 14.86 -5.40 7.83
CA VAL B 306 15.49 -4.71 6.71
C VAL B 306 15.46 -3.16 6.82
N GLN B 307 14.76 -2.66 7.84
CA GLN B 307 14.82 -1.23 8.17
C GLN B 307 15.60 -0.98 9.47
N TRP B 308 16.05 -2.07 10.09
CA TRP B 308 16.85 -2.00 11.31
C TRP B 308 18.21 -1.38 11.02
N GLU B 309 18.45 -0.21 11.61
CA GLU B 309 19.61 0.63 11.33
C GLU B 309 20.96 -0.05 11.61
N ALA B 310 20.96 -1.02 12.53
CA ALA B 310 22.17 -1.76 12.87
C ALA B 310 22.56 -2.83 11.85
N LEU B 311 21.66 -3.14 10.91
CA LEU B 311 21.95 -4.10 9.83
C LEU B 311 22.72 -3.46 8.67
N ARG B 312 24.00 -3.80 8.57
CA ARG B 312 24.94 -3.14 7.66
C ARG B 312 24.66 -3.31 6.17
N GLY B 313 24.16 -4.48 5.77
CA GLY B 313 23.89 -4.75 4.35
C GLY B 313 22.41 -4.80 3.98
N LYS B 314 21.60 -4.05 4.72
CA LYS B 314 20.14 -4.08 4.56
C LYS B 314 19.62 -3.70 3.17
N ALA B 315 20.31 -2.77 2.50
CA ALA B 315 19.90 -2.32 1.17
C ALA B 315 20.04 -3.40 0.10
N VAL B 316 20.99 -4.32 0.31
CA VAL B 316 21.16 -5.46 -0.60
C VAL B 316 20.14 -6.56 -0.25
N TYR B 317 20.03 -6.88 1.03
CA TYR B 317 19.06 -7.88 1.52
C TYR B 317 17.66 -7.57 1.01
N ARG B 318 17.31 -6.29 1.09
CA ARG B 318 16.01 -5.76 0.71
C ARG B 318 15.59 -6.22 -0.67
N VAL B 319 16.45 -5.97 -1.66
CA VAL B 319 16.18 -6.28 -3.06
C VAL B 319 16.16 -7.79 -3.31
N LEU B 320 17.13 -8.51 -2.73
CA LEU B 320 17.19 -9.96 -2.88
C LEU B 320 15.91 -10.62 -2.39
N LEU B 321 15.37 -10.12 -1.28
CA LEU B 321 14.20 -10.70 -0.64
C LEU B 321 12.91 -10.61 -1.47
N ILE B 322 12.83 -9.59 -2.33
CA ILE B 322 11.64 -9.40 -3.16
C ILE B 322 11.68 -10.08 -4.54
N LEU B 323 12.84 -10.61 -4.92
CA LEU B 323 13.03 -11.24 -6.25
C LEU B 323 12.08 -12.41 -6.61
N PRO B 324 11.62 -13.22 -5.63
CA PRO B 324 10.59 -14.23 -5.94
C PRO B 324 9.30 -13.64 -6.51
N TYR B 325 9.11 -12.33 -6.34
CA TYR B 325 7.93 -11.64 -6.83
C TYR B 325 8.26 -10.88 -8.11
N ALA B 326 9.55 -10.77 -8.44
CA ALA B 326 10.01 -10.03 -9.62
C ALA B 326 9.93 -10.88 -10.89
N VAL B 327 9.98 -12.19 -10.71
CA VAL B 327 9.90 -13.15 -11.80
C VAL B 327 8.45 -13.67 -11.87
N PRO B 328 7.89 -13.78 -13.09
CA PRO B 328 6.51 -14.31 -13.22
C PRO B 328 6.37 -15.68 -12.55
N SER B 329 5.26 -15.87 -11.86
CA SER B 329 5.06 -17.06 -11.02
C SER B 329 4.90 -18.37 -11.81
N PHE B 330 4.53 -18.26 -13.09
CA PHE B 330 4.33 -19.44 -13.95
C PHE B 330 5.57 -20.34 -14.01
N ILE B 331 6.71 -19.76 -14.39
CA ILE B 331 7.95 -20.52 -14.50
C ILE B 331 8.44 -21.04 -13.14
N SER B 332 8.22 -20.26 -12.09
CA SER B 332 8.64 -20.61 -10.74
C SER B 332 7.90 -21.84 -10.20
N ILE B 333 6.58 -21.85 -10.40
CA ILE B 333 5.74 -22.98 -9.98
C ILE B 333 6.18 -24.29 -10.65
N LEU B 334 6.50 -24.21 -11.94
CA LEU B 334 6.95 -25.39 -12.70
C LEU B 334 8.34 -25.86 -12.28
N ILE B 335 9.19 -24.92 -11.87
CA ILE B 335 10.51 -25.28 -11.34
C ILE B 335 10.39 -25.96 -9.97
N PHE B 336 9.46 -25.49 -9.15
CA PHE B 336 9.16 -26.15 -7.87
C PHE B 336 8.63 -27.57 -8.10
N LYS B 337 7.79 -27.72 -9.12
CA LYS B 337 7.34 -29.04 -9.57
C LYS B 337 8.53 -29.96 -9.84
N GLY B 338 9.56 -29.43 -10.51
CA GLY B 338 10.81 -30.15 -10.74
C GLY B 338 11.63 -30.35 -9.47
N LEU B 339 11.68 -29.33 -8.62
CA LEU B 339 12.45 -29.39 -7.36
C LEU B 339 11.88 -30.41 -6.38
N PHE B 340 10.55 -30.51 -6.33
CA PHE B 340 9.84 -31.37 -5.38
C PHE B 340 9.60 -32.80 -5.87
N ASN B 341 10.05 -33.12 -7.09
CA ASN B 341 9.95 -34.47 -7.63
C ASN B 341 10.49 -35.50 -6.63
N GLN B 342 9.76 -36.61 -6.48
CA GLN B 342 10.02 -37.57 -5.39
C GLN B 342 11.30 -38.38 -5.51
N SER B 343 11.69 -38.73 -6.74
CA SER B 343 12.90 -39.53 -6.97
C SER B 343 14.05 -38.67 -7.45
N PHE B 344 13.79 -37.85 -8.48
CA PHE B 344 14.75 -36.88 -8.97
C PHE B 344 14.45 -35.54 -8.32
N GLY B 345 15.14 -34.49 -8.73
CA GLY B 345 14.90 -33.18 -8.14
C GLY B 345 15.79 -32.94 -6.95
N GLU B 346 16.34 -31.72 -6.87
CA GLU B 346 17.44 -31.41 -5.96
C GLU B 346 17.10 -31.37 -4.46
N ILE B 347 15.82 -31.24 -4.13
CA ILE B 347 15.37 -31.22 -2.73
C ILE B 347 15.53 -32.60 -2.06
N ASN B 348 14.93 -33.62 -2.65
CA ASN B 348 15.02 -34.98 -2.10
C ASN B 348 16.39 -35.63 -2.29
N MET B 349 17.14 -35.16 -3.28
CA MET B 349 18.53 -35.57 -3.47
C MET B 349 19.43 -34.97 -2.39
N MET B 350 19.02 -33.83 -1.84
CA MET B 350 19.71 -33.19 -0.72
C MET B 350 19.27 -33.82 0.60
N LEU B 351 17.99 -34.16 0.70
CA LEU B 351 17.41 -34.78 1.90
C LEU B 351 17.83 -36.24 2.07
N SER B 352 18.22 -36.89 0.98
CA SER B 352 18.76 -38.25 1.01
C SER B 352 20.19 -38.23 1.52
N ALA B 353 20.95 -37.22 1.11
CA ALA B 353 22.35 -37.07 1.49
C ALA B 353 22.50 -36.60 2.95
N LEU B 354 21.55 -35.81 3.42
CA LEU B 354 21.58 -35.27 4.78
C LEU B 354 20.84 -36.17 5.78
N PHE B 355 19.53 -35.96 5.91
CA PHE B 355 18.71 -36.64 6.91
C PHE B 355 18.50 -38.13 6.61
N GLY B 356 18.49 -38.48 5.33
CA GLY B 356 18.26 -39.86 4.90
C GLY B 356 16.78 -40.16 4.66
N VAL B 357 16.05 -39.15 4.22
CA VAL B 357 14.60 -39.26 3.98
C VAL B 357 14.23 -38.72 2.60
N LYS B 358 13.24 -39.35 1.96
CA LYS B 358 12.70 -38.88 0.69
C LYS B 358 11.16 -38.74 0.75
N PRO B 359 10.68 -37.58 1.26
CA PRO B 359 9.24 -37.33 1.44
C PRO B 359 8.42 -37.50 0.17
N ALA B 360 7.26 -38.12 0.31
CA ALA B 360 6.34 -38.34 -0.81
C ALA B 360 5.56 -37.06 -1.11
N TRP B 361 6.24 -36.12 -1.76
CA TRP B 361 5.71 -34.78 -2.04
C TRP B 361 4.45 -34.77 -2.93
N PHE B 362 4.28 -35.82 -3.72
CA PHE B 362 3.12 -35.91 -4.63
C PHE B 362 2.17 -37.07 -4.28
N SER B 363 2.71 -38.12 -3.65
CA SER B 363 1.94 -39.32 -3.32
C SER B 363 1.04 -39.14 -2.09
N ASP B 364 1.64 -38.74 -0.98
CA ASP B 364 0.91 -38.58 0.29
C ASP B 364 0.20 -37.22 0.33
N PRO B 365 -1.11 -37.22 0.64
CA PRO B 365 -1.96 -36.02 0.68
C PRO B 365 -1.42 -34.90 1.57
N THR B 366 -0.99 -35.23 2.78
CA THR B 366 -0.52 -34.22 3.74
C THR B 366 0.83 -33.62 3.33
N THR B 367 1.71 -34.45 2.77
CA THR B 367 3.01 -33.99 2.30
C THR B 367 2.84 -33.13 1.05
N ALA B 368 1.84 -33.48 0.24
CA ALA B 368 1.46 -32.69 -0.93
C ALA B 368 0.88 -31.34 -0.52
N ARG B 369 0.04 -31.37 0.52
CA ARG B 369 -0.54 -30.15 1.08
C ARG B 369 0.55 -29.25 1.68
N THR B 370 1.56 -29.89 2.30
CA THR B 370 2.72 -29.19 2.87
C THR B 370 3.57 -28.52 1.79
N MET B 371 3.80 -29.21 0.68
CA MET B 371 4.54 -28.65 -0.46
C MET B 371 3.87 -27.40 -1.02
N LEU B 372 2.55 -27.47 -1.18
CA LEU B 372 1.72 -26.38 -1.68
C LEU B 372 1.80 -25.14 -0.78
N ILE B 373 1.77 -25.37 0.54
CA ILE B 373 1.93 -24.30 1.52
C ILE B 373 3.32 -23.65 1.43
N ILE B 374 4.36 -24.49 1.31
CA ILE B 374 5.73 -23.99 1.18
C ILE B 374 5.91 -23.11 -0.04
N VAL B 375 5.45 -23.59 -1.21
CA VAL B 375 5.56 -22.85 -2.46
C VAL B 375 4.76 -21.55 -2.42
N ASN B 376 3.55 -21.61 -1.83
CA ASN B 376 2.69 -20.45 -1.71
C ASN B 376 3.24 -19.38 -0.77
N THR B 377 3.97 -19.83 0.26
CA THR B 377 4.68 -18.92 1.16
C THR B 377 5.82 -18.21 0.43
N TRP B 378 6.59 -18.97 -0.35
CA TRP B 378 7.69 -18.42 -1.17
C TRP B 378 7.16 -17.39 -2.17
N LEU B 379 6.02 -17.70 -2.80
CA LEU B 379 5.36 -16.81 -3.75
C LEU B 379 4.73 -15.59 -3.08
N GLY B 380 4.19 -15.81 -1.88
CA GLY B 380 3.34 -14.82 -1.22
C GLY B 380 3.98 -13.85 -0.25
N TYR B 381 5.06 -14.26 0.42
CA TYR B 381 5.70 -13.43 1.45
C TYR B 381 6.17 -12.04 0.97
N PRO B 382 6.70 -11.93 -0.26
CA PRO B 382 7.20 -10.60 -0.69
C PRO B 382 6.11 -9.53 -0.80
N TYR B 383 4.92 -9.94 -1.25
CA TYR B 383 3.75 -9.05 -1.29
C TYR B 383 3.49 -8.43 0.07
N MET B 384 3.48 -9.28 1.10
CA MET B 384 3.24 -8.85 2.48
C MET B 384 4.42 -8.04 3.00
N MET B 385 5.63 -8.44 2.60
CA MET B 385 6.84 -7.72 2.99
C MET B 385 6.82 -6.28 2.48
N ILE B 386 6.47 -6.11 1.21
CA ILE B 386 6.37 -4.78 0.59
C ILE B 386 5.32 -3.92 1.32
N LEU B 387 4.15 -4.50 1.57
CA LEU B 387 3.10 -3.85 2.36
C LEU B 387 3.64 -3.39 3.71
N CYS B 388 4.20 -4.32 4.48
CA CYS B 388 4.75 -4.02 5.79
C CYS B 388 5.87 -2.96 5.75
N MET B 389 6.70 -2.99 4.72
CA MET B 389 7.74 -1.97 4.54
C MET B 389 7.16 -0.56 4.54
N GLY B 390 6.03 -0.36 3.85
CA GLY B 390 5.34 0.92 3.85
C GLY B 390 4.61 1.18 5.15
N LEU B 391 3.84 0.20 5.61
CA LEU B 391 3.03 0.35 6.83
C LEU B 391 3.85 0.64 8.10
N LEU B 392 5.08 0.13 8.15
CA LEU B 392 6.00 0.39 9.26
C LEU B 392 6.40 1.86 9.39
N LYS B 393 6.38 2.59 8.28
CA LYS B 393 6.81 3.99 8.30
C LYS B 393 5.79 4.91 8.98
N ALA B 394 4.58 4.39 9.20
CA ALA B 394 3.52 5.11 9.87
C ALA B 394 3.70 5.14 11.40
N ILE B 395 4.55 4.25 11.91
CA ILE B 395 4.84 4.19 13.34
C ILE B 395 5.94 5.22 13.66
N PRO B 396 5.60 6.23 14.48
CA PRO B 396 6.57 7.28 14.82
C PRO B 396 7.77 6.72 15.58
N ASP B 397 8.96 7.24 15.26
CA ASP B 397 10.21 6.79 15.88
C ASP B 397 10.24 7.00 17.39
N ASP B 398 9.60 8.06 17.89
CA ASP B 398 9.67 8.36 19.32
C ASP B 398 8.90 7.36 20.21
N LEU B 399 8.06 6.53 19.59
CA LEU B 399 7.42 5.41 20.29
C LEU B 399 8.43 4.33 20.65
N TYR B 400 9.40 4.11 19.76
CA TYR B 400 10.51 3.19 20.03
C TYR B 400 11.53 3.80 20.97
N GLU B 401 11.61 5.13 21.00
CA GLU B 401 12.43 5.83 21.97
C GLU B 401 11.82 5.69 23.36
N ALA B 402 10.49 5.85 23.43
CA ALA B 402 9.75 5.66 24.67
C ALA B 402 9.88 4.24 25.23
N SER B 403 9.71 3.25 24.36
CA SER B 403 9.78 1.84 24.77
C SER B 403 11.18 1.45 25.25
N ALA B 404 12.21 2.03 24.63
CA ALA B 404 13.59 1.85 25.07
C ALA B 404 13.78 2.38 26.49
N MET B 405 13.22 3.56 26.75
CA MET B 405 13.24 4.17 28.08
C MET B 405 12.42 3.38 29.12
N ASP B 406 11.48 2.57 28.62
CA ASP B 406 10.73 1.64 29.46
C ASP B 406 11.41 0.26 29.54
N GLY B 407 12.52 0.11 28.82
CA GLY B 407 13.34 -1.10 28.90
C GLY B 407 12.97 -2.20 27.93
N ALA B 408 12.33 -1.85 26.82
CA ALA B 408 11.92 -2.83 25.83
C ALA B 408 13.08 -3.24 24.92
N GLY B 409 13.15 -4.53 24.61
CA GLY B 409 14.06 -5.05 23.60
C GLY B 409 13.31 -5.27 22.29
N PRO B 410 13.93 -6.02 21.36
CA PRO B 410 13.33 -6.25 20.05
C PRO B 410 12.04 -7.09 20.09
N PHE B 411 12.06 -8.19 20.84
CA PHE B 411 10.90 -9.07 20.94
C PHE B 411 9.71 -8.38 21.60
N GLN B 412 9.99 -7.64 22.68
CA GLN B 412 8.98 -6.84 23.35
C GLN B 412 8.43 -5.73 22.46
N ASN B 413 9.30 -5.06 21.71
CA ASN B 413 8.88 -4.03 20.74
C ASN B 413 7.90 -4.54 19.68
N PHE B 414 8.20 -5.73 19.14
CA PHE B 414 7.41 -6.34 18.08
C PHE B 414 5.97 -6.64 18.53
N PHE B 415 5.82 -7.24 19.71
CA PHE B 415 4.52 -7.66 20.19
C PHE B 415 3.73 -6.58 20.96
N LYS B 416 4.42 -5.55 21.45
CA LYS B 416 3.77 -4.49 22.22
C LYS B 416 3.50 -3.22 21.42
N ILE B 417 4.32 -2.96 20.41
CA ILE B 417 4.18 -1.76 19.59
C ILE B 417 3.92 -2.06 18.11
N THR B 418 4.84 -2.77 17.47
CA THR B 418 4.82 -3.00 16.03
C THR B 418 3.56 -3.73 15.56
N LEU B 419 3.35 -4.96 16.03
CA LEU B 419 2.21 -5.78 15.65
C LEU B 419 0.84 -5.15 16.01
N PRO B 420 0.65 -4.68 17.26
CA PRO B 420 -0.64 -4.06 17.60
C PRO B 420 -1.00 -2.84 16.74
N LEU B 421 0.01 -2.14 16.24
CA LEU B 421 -0.20 -0.95 15.40
C LEU B 421 -0.39 -1.28 13.93
N LEU B 422 0.08 -2.46 13.51
CA LEU B 422 -0.04 -2.87 12.11
C LEU B 422 -1.28 -3.71 11.81
N ILE B 423 -1.82 -4.40 12.82
CA ILE B 423 -2.94 -5.34 12.61
C ILE B 423 -4.21 -4.71 12.04
N LYS B 424 -4.51 -3.47 12.43
CA LYS B 424 -5.71 -2.79 11.92
C LYS B 424 -5.63 -2.46 10.42
N PRO B 425 -4.55 -1.76 9.98
CA PRO B 425 -4.42 -1.53 8.53
C PRO B 425 -4.18 -2.80 7.72
N LEU B 426 -3.69 -3.85 8.38
CA LEU B 426 -3.36 -5.11 7.72
C LEU B 426 -4.53 -6.09 7.65
N THR B 427 -5.58 -5.83 8.44
CA THR B 427 -6.77 -6.69 8.48
C THR B 427 -7.49 -6.82 7.12
N PRO B 428 -7.87 -5.69 6.49
CA PRO B 428 -8.53 -5.80 5.18
C PRO B 428 -7.67 -6.49 4.12
N LEU B 429 -6.36 -6.28 4.19
CA LEU B 429 -5.40 -6.90 3.28
C LEU B 429 -5.27 -8.41 3.51
N MET B 430 -5.35 -8.83 4.77
CA MET B 430 -5.32 -10.25 5.13
C MET B 430 -6.62 -10.95 4.71
N ILE B 431 -7.72 -10.21 4.77
CA ILE B 431 -9.04 -10.72 4.38
C ILE B 431 -9.12 -10.89 2.86
N ALA B 432 -8.62 -9.89 2.12
CA ALA B 432 -8.54 -9.97 0.67
C ALA B 432 -7.60 -11.09 0.22
N SER B 433 -6.50 -11.28 0.95
CA SER B 433 -5.55 -12.35 0.68
C SER B 433 -6.16 -13.73 0.93
N PHE B 434 -7.02 -13.84 1.95
CA PHE B 434 -7.77 -15.07 2.20
C PHE B 434 -8.64 -15.42 1.00
N ALA B 435 -9.38 -14.42 0.51
CA ALA B 435 -10.29 -14.57 -0.63
C ALA B 435 -9.57 -14.90 -1.93
N PHE B 436 -8.38 -14.32 -2.10
CA PHE B 436 -7.54 -14.59 -3.26
C PHE B 436 -7.05 -16.03 -3.28
N ASN B 437 -6.51 -16.48 -2.14
CA ASN B 437 -6.00 -17.85 -2.01
C ASN B 437 -7.10 -18.91 -1.95
N PHE B 438 -8.30 -18.49 -1.56
CA PHE B 438 -9.49 -19.35 -1.62
C PHE B 438 -9.71 -19.84 -3.05
N ASN B 439 -9.48 -18.95 -4.02
CA ASN B 439 -9.65 -19.28 -5.43
C ASN B 439 -8.33 -19.32 -6.20
N ASN B 440 -7.29 -19.92 -5.58
CA ASN B 440 -5.97 -20.02 -6.20
C ASN B 440 -5.87 -21.20 -7.16
N PHE B 441 -6.73 -21.19 -8.18
CA PHE B 441 -6.80 -22.20 -9.24
C PHE B 441 -5.41 -22.58 -9.79
N VAL B 442 -4.69 -21.56 -10.25
CA VAL B 442 -3.43 -21.72 -10.98
C VAL B 442 -2.36 -22.55 -10.26
N LEU B 443 -2.07 -22.22 -9.01
CA LEU B 443 -1.03 -22.93 -8.25
C LEU B 443 -1.31 -24.43 -8.11
N ILE B 444 -2.58 -24.77 -7.87
CA ILE B 444 -2.98 -26.15 -7.69
C ILE B 444 -2.87 -26.94 -9.00
N GLN B 445 -3.39 -26.37 -10.08
CA GLN B 445 -3.41 -27.05 -11.38
C GLN B 445 -2.03 -27.25 -11.99
N LEU B 446 -1.15 -26.28 -11.78
CA LEU B 446 0.21 -26.37 -12.32
C LEU B 446 1.13 -27.28 -11.51
N LEU B 447 0.97 -27.25 -10.18
CA LEU B 447 1.84 -28.03 -9.31
C LEU B 447 1.36 -29.46 -9.07
N THR B 448 0.08 -29.62 -8.72
CA THR B 448 -0.42 -30.92 -8.26
C THR B 448 -1.53 -31.55 -9.11
N ASN B 449 -2.18 -30.75 -9.95
CA ASN B 449 -3.40 -31.15 -10.66
C ASN B 449 -4.56 -31.45 -9.70
N GLY B 450 -4.37 -31.09 -8.44
CA GLY B 450 -5.31 -31.44 -7.38
C GLY B 450 -4.98 -32.78 -6.74
N GLY B 451 -3.85 -33.36 -7.13
CA GLY B 451 -3.43 -34.69 -6.68
C GLY B 451 -3.01 -34.76 -5.22
N PRO B 452 -3.08 -35.96 -4.61
CA PRO B 452 -3.49 -37.22 -5.23
C PRO B 452 -5.01 -37.41 -5.28
N ASP B 453 -5.45 -38.45 -5.96
CA ASP B 453 -6.87 -38.74 -6.19
C ASP B 453 -7.61 -39.21 -4.93
N ARG B 454 -8.79 -38.65 -4.71
CA ARG B 454 -9.73 -39.15 -3.72
C ARG B 454 -10.49 -40.32 -4.35
N LEU B 455 -10.22 -41.53 -3.88
CA LEU B 455 -10.79 -42.74 -4.47
C LEU B 455 -12.28 -42.86 -4.16
N GLY B 456 -13.06 -43.17 -5.19
CA GLY B 456 -14.51 -43.29 -5.06
C GLY B 456 -15.31 -42.18 -5.73
N THR B 457 -14.69 -41.01 -5.94
CA THR B 457 -15.38 -39.85 -6.50
C THR B 457 -15.79 -40.05 -7.97
N THR B 458 -17.08 -40.24 -8.19
CA THR B 458 -17.64 -40.44 -9.53
C THR B 458 -17.45 -39.21 -10.43
N THR B 459 -17.56 -38.03 -9.82
CA THR B 459 -17.14 -36.79 -10.47
C THR B 459 -15.80 -36.39 -9.87
N PRO B 460 -14.71 -36.54 -10.64
CA PRO B 460 -13.35 -36.67 -10.12
C PRO B 460 -12.88 -35.52 -9.22
N ALA B 461 -12.40 -35.88 -8.03
CA ALA B 461 -11.87 -34.93 -7.06
C ALA B 461 -10.54 -35.41 -6.49
N GLY B 462 -9.63 -34.48 -6.26
CA GLY B 462 -8.35 -34.78 -5.65
C GLY B 462 -8.23 -34.22 -4.24
N TYR B 463 -7.12 -34.51 -3.57
CA TYR B 463 -6.92 -34.09 -2.19
C TYR B 463 -6.50 -32.62 -2.05
N THR B 464 -5.65 -32.15 -2.96
CA THR B 464 -5.21 -30.74 -2.94
C THR B 464 -6.09 -29.82 -3.77
N ASP B 465 -7.07 -30.41 -4.47
CA ASP B 465 -8.07 -29.64 -5.20
C ASP B 465 -8.72 -28.59 -4.30
N LEU B 466 -8.77 -27.35 -4.78
CA LEU B 466 -9.60 -26.35 -4.14
C LEU B 466 -11.00 -26.44 -4.73
N LEU B 467 -11.93 -25.69 -4.13
CA LEU B 467 -13.30 -25.60 -4.64
C LEU B 467 -13.33 -25.02 -6.06
N VAL B 468 -12.31 -24.23 -6.40
CA VAL B 468 -12.18 -23.65 -7.73
C VAL B 468 -11.70 -24.68 -8.77
N ASN B 469 -10.82 -25.59 -8.35
CA ASN B 469 -10.24 -26.59 -9.25
C ASN B 469 -11.23 -27.71 -9.58
N TYR B 470 -11.81 -28.29 -8.53
CA TYR B 470 -12.77 -29.38 -8.66
C TYR B 470 -13.98 -28.97 -9.50
N THR B 471 -14.46 -27.76 -9.27
CA THR B 471 -15.66 -27.25 -9.92
C THR B 471 -15.46 -26.92 -11.40
N TYR B 472 -14.30 -26.34 -11.73
CA TYR B 472 -14.02 -25.97 -13.12
C TYR B 472 -13.71 -27.20 -13.98
N ARG B 473 -13.29 -28.28 -13.33
CA ARG B 473 -13.11 -29.58 -13.98
C ARG B 473 -14.45 -30.15 -14.46
N ILE B 474 -15.54 -29.76 -13.79
CA ILE B 474 -16.88 -30.20 -14.16
C ILE B 474 -17.46 -29.38 -15.30
N ALA B 475 -17.16 -28.07 -15.30
CA ALA B 475 -17.70 -27.14 -16.28
C ALA B 475 -16.96 -27.14 -17.61
N PHE B 476 -15.62 -27.18 -17.54
CA PHE B 476 -14.78 -27.05 -18.73
C PHE B 476 -14.22 -28.38 -19.24
N GLU B 477 -13.84 -29.26 -18.32
CA GLU B 477 -13.51 -30.64 -18.68
C GLU B 477 -14.77 -31.49 -18.50
N GLY B 478 -14.61 -32.72 -18.03
CA GLY B 478 -15.76 -33.59 -17.77
C GLY B 478 -16.62 -33.95 -18.97
N GLY B 479 -16.04 -33.83 -20.17
CA GLY B 479 -16.65 -34.32 -21.41
C GLY B 479 -17.96 -33.72 -21.87
N GLY B 480 -18.20 -32.46 -21.52
CA GLY B 480 -19.42 -31.76 -21.95
C GLY B 480 -19.16 -30.42 -22.62
N GLY B 481 -18.04 -30.33 -23.34
CA GLY B 481 -17.61 -29.07 -23.95
C GLY B 481 -17.16 -28.09 -22.88
N GLN B 482 -17.38 -26.80 -23.13
CA GLN B 482 -17.08 -25.77 -22.14
C GLN B 482 -18.35 -25.08 -21.70
N ASP B 483 -18.84 -25.47 -20.52
CA ASP B 483 -20.12 -24.99 -20.00
C ASP B 483 -19.95 -23.67 -19.25
N PHE B 484 -20.01 -22.56 -20.01
CA PHE B 484 -19.81 -21.23 -19.45
C PHE B 484 -20.92 -20.80 -18.49
N GLY B 485 -22.15 -21.22 -18.78
CA GLY B 485 -23.30 -20.89 -17.95
C GLY B 485 -23.20 -21.49 -16.56
N LEU B 486 -22.83 -22.76 -16.51
CA LEU B 486 -22.63 -23.48 -15.24
C LEU B 486 -21.43 -22.92 -14.49
N ALA B 487 -20.35 -22.61 -15.21
CA ALA B 487 -19.13 -22.04 -14.62
C ALA B 487 -19.42 -20.70 -13.96
N ALA B 488 -20.26 -19.90 -14.60
CA ALA B 488 -20.69 -18.60 -14.10
C ALA B 488 -21.54 -18.72 -12.83
N ALA B 489 -22.44 -19.70 -12.82
CA ALA B 489 -23.34 -19.94 -11.69
C ALA B 489 -22.59 -20.38 -10.44
N ILE B 490 -21.57 -21.23 -10.64
CA ILE B 490 -20.73 -21.68 -9.53
C ILE B 490 -19.86 -20.53 -9.04
N ALA B 491 -19.36 -19.71 -9.97
CA ALA B 491 -18.60 -18.50 -9.62
C ALA B 491 -19.44 -17.55 -8.77
N THR B 492 -20.74 -17.48 -9.06
CA THR B 492 -21.68 -16.67 -8.28
C THR B 492 -21.89 -17.29 -6.89
N LEU B 493 -21.88 -18.62 -6.82
CA LEU B 493 -22.06 -19.33 -5.55
C LEU B 493 -20.83 -19.25 -4.65
N ILE B 494 -19.64 -19.36 -5.24
CA ILE B 494 -18.39 -19.29 -4.47
C ILE B 494 -18.04 -17.85 -4.06
N PHE B 495 -18.61 -16.87 -4.76
CA PHE B 495 -18.51 -15.46 -4.38
C PHE B 495 -19.39 -15.17 -3.16
N LEU B 496 -20.59 -15.73 -3.16
CA LEU B 496 -21.50 -15.62 -2.02
C LEU B 496 -20.95 -16.31 -0.78
N LEU B 497 -20.20 -17.39 -0.98
CA LEU B 497 -19.57 -18.13 0.12
C LEU B 497 -18.37 -17.39 0.71
N VAL B 498 -17.52 -16.85 -0.16
CA VAL B 498 -16.32 -16.12 0.26
C VAL B 498 -16.67 -14.75 0.87
N GLY B 499 -17.78 -14.18 0.42
CA GLY B 499 -18.30 -12.93 0.98
C GLY B 499 -18.97 -13.18 2.32
N ALA B 500 -19.53 -14.38 2.49
CA ALA B 500 -20.17 -14.78 3.75
C ALA B 500 -19.16 -15.07 4.85
N LEU B 501 -18.01 -15.63 4.48
CA LEU B 501 -16.92 -15.91 5.41
C LEU B 501 -16.21 -14.64 5.85
N ALA B 502 -16.00 -13.73 4.90
CA ALA B 502 -15.44 -12.41 5.17
C ALA B 502 -16.54 -11.50 5.72
N ILE B 503 -17.01 -11.83 6.93
CA ILE B 503 -18.15 -11.15 7.55
C ILE B 503 -17.74 -10.38 8.81
N ALA C 11 26.35 -9.68 18.89
CA ALA C 11 25.82 -11.05 19.10
C ALA C 11 24.53 -11.29 18.34
N ARG C 12 23.58 -10.35 18.49
CA ARG C 12 22.31 -10.41 17.76
C ARG C 12 22.54 -10.11 16.27
N LEU C 13 23.51 -9.24 15.99
CA LEU C 13 23.87 -8.89 14.62
C LEU C 13 24.46 -10.08 13.87
N PHE C 14 25.33 -10.85 14.53
CA PHE C 14 25.96 -12.01 13.92
C PHE C 14 24.94 -13.10 13.58
N ILE C 15 24.02 -13.37 14.49
CA ILE C 15 23.01 -14.41 14.30
C ILE C 15 21.96 -14.01 13.25
N THR C 16 21.68 -12.72 13.14
CA THR C 16 20.75 -12.19 12.14
C THR C 16 21.33 -12.32 10.74
N HIS C 17 22.56 -11.87 10.56
CA HIS C 17 23.26 -11.95 9.27
C HIS C 17 23.32 -13.39 8.74
N LEU C 18 23.67 -14.32 9.63
CA LEU C 18 23.79 -15.72 9.28
C LEU C 18 22.43 -16.33 8.91
N LEU C 19 21.41 -16.08 9.72
CA LEU C 19 20.06 -16.60 9.46
C LEU C 19 19.39 -15.94 8.24
N LEU C 20 19.75 -14.69 7.98
CA LEU C 20 19.29 -14.01 6.76
C LEU C 20 19.94 -14.59 5.52
N LEU C 21 21.25 -14.81 5.58
CA LEU C 21 22.00 -15.38 4.46
C LEU C 21 21.51 -16.76 4.04
N LEU C 22 21.20 -17.60 5.03
CA LEU C 22 20.67 -18.93 4.75
C LEU C 22 19.26 -18.87 4.18
N PHE C 23 18.45 -17.93 4.68
CA PHE C 23 17.12 -17.70 4.14
C PHE C 23 17.19 -17.19 2.70
N ILE C 24 18.08 -16.22 2.46
CA ILE C 24 18.35 -15.71 1.11
C ILE C 24 18.78 -16.86 0.19
N ALA C 25 19.72 -17.68 0.66
CA ALA C 25 20.21 -18.84 -0.11
C ALA C 25 19.07 -19.78 -0.50
N ALA C 26 18.15 -20.02 0.43
CA ALA C 26 17.02 -20.93 0.21
C ALA C 26 15.97 -20.37 -0.76
N ILE C 27 15.71 -19.07 -0.67
CA ILE C 27 14.69 -18.46 -1.53
C ILE C 27 15.20 -18.08 -2.92
N MET C 28 16.52 -17.89 -3.02
CA MET C 28 17.17 -17.56 -4.29
C MET C 28 17.41 -18.78 -5.20
N PHE C 29 17.44 -19.97 -4.60
CA PHE C 29 17.76 -21.20 -5.31
C PHE C 29 16.86 -21.49 -6.53
N PRO C 30 15.52 -21.39 -6.36
CA PRO C 30 14.63 -21.58 -7.50
C PRO C 30 14.86 -20.56 -8.62
N LEU C 31 15.32 -19.37 -8.25
CA LEU C 31 15.57 -18.30 -9.21
C LEU C 31 16.88 -18.50 -9.95
N LEU C 32 17.86 -19.09 -9.30
CA LEU C 32 19.14 -19.41 -9.94
C LEU C 32 18.97 -20.55 -10.95
N MET C 33 17.99 -21.42 -10.72
CA MET C 33 17.64 -22.48 -11.67
C MET C 33 17.00 -21.90 -12.93
N VAL C 34 16.19 -20.84 -12.75
CA VAL C 34 15.63 -20.08 -13.88
C VAL C 34 16.78 -19.52 -14.71
N VAL C 35 17.71 -18.83 -14.04
CA VAL C 35 18.90 -18.29 -14.69
C VAL C 35 19.67 -19.39 -15.44
N ALA C 36 19.82 -20.55 -14.80
CA ALA C 36 20.51 -21.69 -15.40
C ALA C 36 19.84 -22.16 -16.69
N ILE C 37 18.52 -22.25 -16.68
CA ILE C 37 17.74 -22.59 -17.88
C ILE C 37 18.02 -21.63 -19.05
N SER C 38 18.23 -20.35 -18.72
CA SER C 38 18.49 -19.32 -19.74
C SER C 38 19.90 -19.38 -20.33
N LEU C 39 20.82 -20.06 -19.65
CA LEU C 39 22.22 -20.14 -20.11
C LEU C 39 22.60 -21.56 -20.59
N ARG C 40 21.61 -22.42 -20.67
CA ARG C 40 21.81 -23.82 -21.03
C ARG C 40 21.51 -24.02 -22.52
N GLN C 41 22.39 -24.76 -23.21
CA GLN C 41 22.23 -25.00 -24.65
C GLN C 41 20.98 -25.84 -24.94
N GLY C 42 20.24 -25.43 -25.97
CA GLY C 42 18.95 -26.03 -26.27
C GLY C 42 17.92 -25.57 -25.25
N ASN C 43 16.83 -26.33 -25.14
CA ASN C 43 15.73 -25.96 -24.27
C ASN C 43 15.39 -27.08 -23.28
N PHE C 44 15.90 -26.94 -22.06
CA PHE C 44 15.76 -27.96 -21.02
C PHE C 44 15.39 -27.33 -19.68
N ALA C 45 14.27 -27.80 -19.10
CA ALA C 45 13.77 -27.27 -17.84
C ALA C 45 14.57 -27.74 -16.62
N THR C 46 15.31 -28.84 -16.78
CA THR C 46 16.09 -29.41 -15.67
C THR C 46 17.54 -29.70 -16.05
N GLY C 47 18.41 -29.74 -15.03
CA GLY C 47 19.84 -29.99 -15.20
C GLY C 47 20.61 -29.47 -14.01
N SER C 48 21.91 -29.28 -14.17
CA SER C 48 22.76 -28.78 -13.09
C SER C 48 22.64 -27.28 -12.92
N LEU C 49 22.93 -26.80 -11.71
CA LEU C 49 22.87 -25.37 -11.35
C LEU C 49 23.73 -24.52 -12.27
N ILE C 50 24.93 -25.02 -12.58
CA ILE C 50 25.77 -24.48 -13.64
C ILE C 50 25.70 -25.48 -14.79
N PRO C 51 25.12 -25.07 -15.93
CA PRO C 51 24.90 -25.98 -17.06
C PRO C 51 26.20 -26.63 -17.55
N GLU C 52 26.14 -27.93 -17.84
CA GLU C 52 27.30 -28.67 -18.34
C GLU C 52 27.73 -28.15 -19.70
N GLN C 53 26.76 -27.66 -20.47
CA GLN C 53 27.00 -27.04 -21.77
C GLN C 53 26.34 -25.65 -21.78
N ILE C 54 27.17 -24.62 -21.67
CA ILE C 54 26.70 -23.24 -21.60
C ILE C 54 26.54 -22.64 -22.99
N SER C 55 25.47 -21.87 -23.18
CA SER C 55 25.20 -21.18 -24.44
C SER C 55 24.67 -19.77 -24.18
N TRP C 56 25.17 -18.82 -24.96
CA TRP C 56 24.75 -17.43 -24.85
C TRP C 56 23.62 -17.10 -25.85
N ASP C 57 23.20 -18.10 -26.60
CA ASP C 57 22.28 -17.93 -27.73
C ASP C 57 20.91 -17.41 -27.34
N HIS C 58 20.34 -17.93 -26.26
CA HIS C 58 19.03 -17.49 -25.78
C HIS C 58 19.06 -16.00 -25.43
N TRP C 59 20.14 -15.58 -24.79
CA TRP C 59 20.36 -14.18 -24.44
C TRP C 59 20.69 -13.32 -25.65
N LYS C 60 21.44 -13.88 -26.60
CA LYS C 60 21.76 -13.19 -27.85
C LYS C 60 20.49 -12.82 -28.62
N LEU C 61 19.59 -13.79 -28.77
CA LEU C 61 18.34 -13.60 -29.51
C LEU C 61 17.42 -12.59 -28.83
N ALA C 62 17.40 -12.59 -27.50
CA ALA C 62 16.54 -11.69 -26.74
C ALA C 62 17.05 -10.25 -26.73
N LEU C 63 18.35 -10.08 -27.00
CA LEU C 63 18.97 -8.75 -27.01
C LEU C 63 19.12 -8.17 -28.42
N GLY C 64 18.60 -8.90 -29.41
CA GLY C 64 18.57 -8.41 -30.79
C GLY C 64 19.72 -8.87 -31.68
N PHE C 65 20.59 -9.72 -31.15
CA PHE C 65 21.72 -10.25 -31.90
C PHE C 65 21.34 -11.46 -32.74
N SER C 66 22.02 -11.62 -33.88
CA SER C 66 21.85 -12.78 -34.73
C SER C 66 22.77 -13.92 -34.31
N VAL C 67 22.24 -15.13 -34.31
CA VAL C 67 22.95 -16.32 -33.83
C VAL C 67 23.49 -17.16 -35.00
N GLU C 68 24.77 -17.53 -34.91
CA GLU C 68 25.40 -18.39 -35.89
C GLU C 68 25.32 -19.86 -35.45
N GLN C 69 24.49 -20.64 -36.13
CA GLN C 69 24.24 -22.03 -35.75
C GLN C 69 25.30 -23.03 -36.25
N ALA C 70 25.03 -24.31 -36.04
CA ALA C 70 26.00 -25.39 -36.29
C ALA C 70 26.53 -25.50 -37.72
N ASP C 71 25.68 -25.24 -38.71
CA ASP C 71 26.04 -25.44 -40.12
C ASP C 71 26.31 -24.16 -40.92
N GLY C 72 26.65 -23.08 -40.22
CA GLY C 72 27.05 -21.83 -40.86
C GLY C 72 25.94 -20.83 -41.10
N ARG C 73 24.69 -21.29 -40.99
CA ARG C 73 23.52 -20.43 -41.18
C ARG C 73 23.34 -19.44 -40.03
N ILE C 74 23.08 -18.18 -40.37
CA ILE C 74 22.85 -17.12 -39.39
C ILE C 74 21.36 -16.89 -39.19
N THR C 75 20.87 -17.30 -38.02
CA THR C 75 19.45 -17.18 -37.67
C THR C 75 19.16 -15.82 -37.03
N PRO C 76 18.35 -14.98 -37.71
CA PRO C 76 18.00 -13.67 -37.17
C PRO C 76 17.02 -13.79 -35.99
N PRO C 77 17.03 -12.80 -35.07
CA PRO C 77 16.12 -12.87 -33.92
C PRO C 77 14.65 -12.90 -34.36
N PRO C 78 13.93 -13.97 -33.98
CA PRO C 78 12.53 -14.13 -34.40
C PRO C 78 11.59 -13.06 -33.84
N PHE C 79 11.89 -12.55 -32.65
CA PHE C 79 11.02 -11.61 -31.95
C PHE C 79 11.76 -10.37 -31.44
N PRO C 80 11.08 -9.21 -31.39
CA PRO C 80 11.71 -8.02 -30.81
C PRO C 80 11.52 -7.99 -29.28
N VAL C 81 12.36 -8.73 -28.56
CA VAL C 81 12.19 -8.94 -27.12
C VAL C 81 12.39 -7.64 -26.32
N LEU C 82 13.32 -6.80 -26.75
CA LEU C 82 13.60 -5.54 -26.07
C LEU C 82 12.47 -4.52 -26.26
N LEU C 83 11.83 -4.55 -27.42
CA LEU C 83 10.67 -3.71 -27.70
C LEU C 83 9.50 -4.14 -26.81
N TRP C 84 9.34 -5.45 -26.65
CA TRP C 84 8.35 -6.00 -25.73
C TRP C 84 8.59 -5.49 -24.30
N LEU C 85 9.85 -5.45 -23.89
CA LEU C 85 10.23 -4.96 -22.56
C LEU C 85 9.90 -3.47 -22.38
N TRP C 86 10.22 -2.67 -23.40
CA TRP C 86 9.84 -1.26 -23.41
C TRP C 86 8.32 -1.08 -23.34
N ASN C 87 7.58 -1.90 -24.10
CA ASN C 87 6.11 -1.87 -24.03
C ASN C 87 5.60 -2.20 -22.63
N SER C 88 6.23 -3.19 -21.98
CA SER C 88 5.91 -3.56 -20.60
C SER C 88 6.13 -2.41 -19.61
N VAL C 89 7.24 -1.70 -19.78
CA VAL C 89 7.60 -0.57 -18.92
C VAL C 89 6.60 0.59 -19.07
N LYS C 90 6.23 0.90 -20.31
CA LYS C 90 5.24 1.94 -20.59
C LYS C 90 3.86 1.58 -20.05
N VAL C 91 3.39 0.39 -20.36
CA VAL C 91 2.08 -0.06 -19.87
C VAL C 91 2.07 -0.12 -18.35
N ALA C 92 3.09 -0.74 -17.75
CA ALA C 92 3.18 -0.86 -16.29
C ALA C 92 3.38 0.48 -15.58
N GLY C 93 4.17 1.36 -16.17
CA GLY C 93 4.48 2.66 -15.58
C GLY C 93 3.29 3.60 -15.57
N ILE C 94 2.70 3.83 -16.75
CA ILE C 94 1.53 4.70 -16.87
C ILE C 94 0.35 4.19 -16.03
N SER C 95 0.14 2.87 -16.02
CA SER C 95 -0.99 2.32 -15.25
C SER C 95 -0.77 2.33 -13.74
N ALA C 96 0.48 2.25 -13.31
CA ALA C 96 0.80 2.39 -11.88
C ALA C 96 0.57 3.83 -11.41
N ILE C 97 0.99 4.80 -12.23
CA ILE C 97 0.72 6.21 -11.97
C ILE C 97 -0.78 6.46 -11.85
N GLY C 98 -1.55 5.93 -12.80
CA GLY C 98 -3.00 6.08 -12.81
C GLY C 98 -3.68 5.46 -11.59
N ILE C 99 -3.22 4.28 -11.21
CA ILE C 99 -3.72 3.59 -10.02
C ILE C 99 -3.42 4.38 -8.73
N VAL C 100 -2.21 4.92 -8.60
CA VAL C 100 -1.87 5.79 -7.46
C VAL C 100 -2.72 7.08 -7.46
N ALA C 101 -2.94 7.66 -8.63
CA ALA C 101 -3.74 8.88 -8.75
C ALA C 101 -5.19 8.66 -8.33
N LEU C 102 -5.82 7.60 -8.87
CA LEU C 102 -7.21 7.28 -8.56
C LEU C 102 -7.41 6.77 -7.13
N SER C 103 -6.45 6.00 -6.62
N SER C 103 -6.44 5.99 -6.62
CA SER C 103 -6.56 5.41 -5.28
CA SER C 103 -6.53 5.40 -5.28
C SER C 103 -6.38 6.42 -4.14
C SER C 103 -6.40 6.43 -4.17
N THR C 104 -5.42 7.33 -4.28
CA THR C 104 -5.16 8.35 -3.25
C THR C 104 -6.28 9.38 -3.12
N THR C 105 -6.77 9.88 -4.25
CA THR C 105 -7.89 10.83 -4.26
C THR C 105 -9.14 10.20 -3.64
N CYS C 106 -9.42 8.96 -4.04
CA CYS C 106 -10.50 8.17 -3.49
C CYS C 106 -10.35 7.98 -1.97
N ALA C 107 -9.16 7.58 -1.55
CA ALA C 107 -8.87 7.32 -0.12
C ALA C 107 -8.93 8.59 0.73
N TYR C 108 -8.63 9.73 0.13
CA TYR C 108 -8.69 11.01 0.84
C TYR C 108 -10.13 11.35 1.26
N ALA C 109 -11.07 11.16 0.34
CA ALA C 109 -12.48 11.38 0.64
C ALA C 109 -12.98 10.40 1.70
N PHE C 110 -12.58 9.13 1.56
CA PHE C 110 -13.00 8.10 2.51
C PHE C 110 -12.40 8.27 3.91
N ALA C 111 -11.28 8.97 4.01
CA ALA C 111 -10.59 9.15 5.29
C ALA C 111 -10.88 10.50 5.97
N ARG C 112 -11.25 11.51 5.19
CA ARG C 112 -11.37 12.89 5.68
C ARG C 112 -12.74 13.54 5.46
N MET C 113 -13.50 13.03 4.51
CA MET C 113 -14.79 13.64 4.15
C MET C 113 -15.99 12.77 4.49
N ARG C 114 -17.13 13.41 4.76
CA ARG C 114 -18.37 12.70 5.09
C ARG C 114 -19.35 12.73 3.93
N PHE C 115 -19.92 11.56 3.62
CA PHE C 115 -20.96 11.42 2.61
C PHE C 115 -21.78 10.15 2.88
N PRO C 116 -23.08 10.16 2.48
CA PRO C 116 -23.99 9.04 2.79
C PRO C 116 -23.51 7.70 2.25
N GLY C 117 -23.54 6.67 3.11
CA GLY C 117 -23.14 5.31 2.74
C GLY C 117 -21.66 5.15 2.51
N LYS C 118 -20.85 5.76 3.38
CA LYS C 118 -19.39 5.73 3.27
C LYS C 118 -18.85 4.34 3.59
N ALA C 119 -19.34 3.76 4.68
CA ALA C 119 -18.90 2.44 5.13
C ALA C 119 -19.43 1.31 4.23
N THR C 120 -20.60 1.53 3.63
CA THR C 120 -21.20 0.55 2.72
C THR C 120 -20.39 0.40 1.44
N LEU C 121 -20.08 1.53 0.79
CA LEU C 121 -19.31 1.54 -0.45
C LEU C 121 -17.90 0.99 -0.28
N LEU C 122 -17.27 1.29 0.86
CA LEU C 122 -15.94 0.74 1.17
C LEU C 122 -15.96 -0.78 1.24
N LYS C 123 -16.95 -1.32 1.96
CA LYS C 123 -17.15 -2.76 2.06
C LYS C 123 -17.47 -3.35 0.68
N GLY C 124 -18.36 -2.68 -0.04
CA GLY C 124 -18.77 -3.09 -1.39
C GLY C 124 -17.61 -3.16 -2.36
N MET C 125 -16.75 -2.14 -2.34
CA MET C 125 -15.55 -2.10 -3.16
C MET C 125 -14.68 -3.33 -2.93
N LEU C 126 -14.43 -3.64 -1.66
CA LEU C 126 -13.61 -4.78 -1.29
C LEU C 126 -14.29 -6.11 -1.69
N ILE C 127 -15.59 -6.19 -1.46
CA ILE C 127 -16.37 -7.40 -1.76
C ILE C 127 -16.48 -7.67 -3.26
N PHE C 128 -16.83 -6.65 -4.04
CA PHE C 128 -16.99 -6.80 -5.49
C PHE C 128 -15.68 -7.09 -6.23
N GLN C 129 -14.54 -6.69 -5.65
CA GLN C 129 -13.23 -7.01 -6.22
C GLN C 129 -12.85 -8.47 -5.93
N MET C 130 -13.50 -9.06 -4.93
CA MET C 130 -13.26 -10.45 -4.54
C MET C 130 -13.97 -11.48 -5.42
N PHE C 131 -14.86 -11.02 -6.29
CA PHE C 131 -15.59 -11.89 -7.23
C PHE C 131 -14.60 -12.58 -8.19
N PRO C 132 -14.79 -13.90 -8.41
CA PRO C 132 -13.91 -14.67 -9.29
C PRO C 132 -14.00 -14.25 -10.76
N ALA C 133 -12.87 -13.84 -11.33
CA ALA C 133 -12.82 -13.38 -12.72
C ALA C 133 -12.66 -14.55 -13.69
N VAL C 134 -13.68 -15.40 -13.75
CA VAL C 134 -13.67 -16.60 -14.60
C VAL C 134 -14.14 -16.32 -16.03
N LEU C 135 -15.13 -15.45 -16.17
CA LEU C 135 -15.67 -15.07 -17.47
C LEU C 135 -15.44 -13.58 -17.80
N SER C 136 -14.52 -12.94 -17.07
CA SER C 136 -14.26 -11.52 -17.21
C SER C 136 -13.79 -11.11 -18.62
N LEU C 137 -13.05 -11.99 -19.29
CA LEU C 137 -12.49 -11.69 -20.60
C LEU C 137 -13.53 -11.47 -21.70
N VAL C 138 -14.64 -12.20 -21.64
CA VAL C 138 -15.73 -12.07 -22.61
C VAL C 138 -16.35 -10.67 -22.53
N ALA C 139 -16.65 -10.23 -21.32
CA ALA C 139 -17.22 -8.91 -21.07
C ALA C 139 -16.24 -7.79 -21.47
N LEU C 140 -14.97 -7.96 -21.11
CA LEU C 140 -13.93 -6.99 -21.44
C LEU C 140 -13.73 -6.80 -22.95
N TYR C 141 -13.72 -7.91 -23.69
CA TYR C 141 -13.58 -7.85 -25.14
C TYR C 141 -14.76 -7.13 -25.79
N ALA C 142 -15.97 -7.44 -25.33
CA ALA C 142 -17.17 -6.77 -25.81
C ALA C 142 -17.10 -5.27 -25.54
N LEU C 143 -16.64 -4.91 -24.34
CA LEU C 143 -16.51 -3.51 -23.94
C LEU C 143 -15.54 -2.74 -24.84
N PHE C 144 -14.34 -3.27 -25.00
CA PHE C 144 -13.30 -2.59 -25.78
C PHE C 144 -13.52 -2.59 -27.29
N ASP C 145 -14.23 -3.61 -27.78
CA ASP C 145 -14.64 -3.66 -29.18
C ASP C 145 -15.63 -2.53 -29.44
N ARG C 146 -16.57 -2.36 -28.52
CA ARG C 146 -17.55 -1.28 -28.56
C ARG C 146 -16.92 0.09 -28.36
N LEU C 147 -15.99 0.18 -27.40
CA LEU C 147 -15.32 1.43 -27.06
C LEU C 147 -14.47 1.97 -28.21
N GLY C 148 -13.85 1.06 -28.96
CA GLY C 148 -12.92 1.40 -30.03
C GLY C 148 -13.48 2.14 -31.22
N GLU C 149 -14.76 1.94 -31.52
CA GLU C 149 -15.41 2.62 -32.64
C GLU C 149 -15.74 4.09 -32.34
N TYR C 150 -15.65 4.48 -31.07
CA TYR C 150 -15.86 5.87 -30.66
C TYR C 150 -14.57 6.56 -30.24
N ILE C 151 -13.82 5.94 -29.32
CA ILE C 151 -12.51 6.44 -28.91
C ILE C 151 -11.43 5.45 -29.33
N PRO C 152 -10.67 5.77 -30.39
CA PRO C 152 -9.72 4.85 -31.00
C PRO C 152 -8.51 4.50 -30.12
N PHE C 153 -8.00 5.47 -29.36
CA PHE C 153 -6.72 5.29 -28.66
C PHE C 153 -6.80 4.42 -27.39
N ILE C 154 -8.01 4.05 -26.99
CA ILE C 154 -8.23 3.11 -25.88
C ILE C 154 -9.05 1.89 -26.29
N GLY C 155 -9.14 1.64 -27.59
CA GLY C 155 -9.84 0.47 -28.12
C GLY C 155 -8.98 -0.77 -28.14
N LEU C 156 -9.44 -1.80 -28.86
CA LEU C 156 -8.68 -3.01 -29.08
C LEU C 156 -7.36 -2.71 -29.81
N ASN C 157 -6.33 -3.50 -29.51
CA ASN C 157 -5.01 -3.36 -30.13
C ASN C 157 -4.32 -2.03 -29.83
N THR C 158 -4.50 -1.54 -28.61
CA THR C 158 -3.83 -0.31 -28.16
C THR C 158 -3.30 -0.45 -26.75
N HIS C 159 -2.20 0.24 -26.44
CA HIS C 159 -1.68 0.29 -25.08
C HIS C 159 -2.64 1.05 -24.18
N GLY C 160 -3.24 2.12 -24.70
CA GLY C 160 -4.25 2.89 -23.98
C GLY C 160 -5.35 2.01 -23.40
N GLY C 161 -5.85 1.09 -24.22
CA GLY C 161 -6.91 0.16 -23.83
C GLY C 161 -6.50 -0.78 -22.71
N VAL C 162 -5.27 -1.30 -22.79
CA VAL C 162 -4.72 -2.19 -21.76
C VAL C 162 -4.57 -1.43 -20.43
N ILE C 163 -3.99 -0.24 -20.50
CA ILE C 163 -3.83 0.66 -19.35
C ILE C 163 -5.19 0.97 -18.70
N PHE C 164 -6.14 1.40 -19.53
CA PHE C 164 -7.48 1.75 -19.09
C PHE C 164 -8.11 0.59 -18.30
N ALA C 165 -7.89 -0.64 -18.77
CA ALA C 165 -8.46 -1.83 -18.14
C ALA C 165 -7.86 -2.16 -16.76
N TYR C 166 -6.60 -1.76 -16.52
CA TYR C 166 -5.96 -2.02 -15.23
C TYR C 166 -6.41 -1.04 -14.14
N LEU C 167 -6.99 0.09 -14.56
CA LEU C 167 -7.37 1.16 -13.63
C LEU C 167 -8.55 0.81 -12.70
N GLY C 168 -9.23 -0.29 -12.99
CA GLY C 168 -10.34 -0.74 -12.16
C GLY C 168 -9.91 -1.46 -10.88
N GLY C 169 -8.66 -1.90 -10.82
CA GLY C 169 -8.17 -2.65 -9.66
C GLY C 169 -7.62 -1.77 -8.55
N ILE C 170 -8.48 -0.92 -7.98
CA ILE C 170 -8.06 0.07 -6.98
C ILE C 170 -8.59 -0.16 -5.56
N ALA C 171 -9.66 -0.94 -5.43
CA ALA C 171 -10.36 -1.12 -4.14
C ALA C 171 -9.45 -1.41 -2.95
N LEU C 172 -8.51 -2.35 -3.12
CA LEU C 172 -7.56 -2.69 -2.07
C LEU C 172 -6.56 -1.58 -1.77
N HIS C 173 -6.12 -0.89 -2.82
CA HIS C 173 -5.20 0.23 -2.66
C HIS C 173 -5.86 1.40 -1.95
N VAL C 174 -7.17 1.57 -2.16
CA VAL C 174 -7.94 2.60 -1.48
C VAL C 174 -7.92 2.36 0.04
N TRP C 175 -8.21 1.12 0.46
CA TRP C 175 -8.17 0.74 1.87
C TRP C 175 -6.79 0.91 2.48
N THR C 176 -5.76 0.51 1.73
CA THR C 176 -4.36 0.58 2.15
C THR C 176 -3.92 2.02 2.42
N ILE C 177 -4.25 2.91 1.50
CA ILE C 177 -3.90 4.33 1.61
C ILE C 177 -4.77 5.02 2.65
N LYS C 178 -6.07 4.69 2.68
CA LYS C 178 -6.99 5.17 3.72
C LYS C 178 -6.42 4.89 5.11
N GLY C 179 -6.01 3.65 5.35
CA GLY C 179 -5.44 3.24 6.63
C GLY C 179 -4.20 4.03 7.03
N TYR C 180 -3.35 4.34 6.04
CA TYR C 180 -2.15 5.13 6.28
C TYR C 180 -2.50 6.58 6.60
N PHE C 181 -3.46 7.13 5.86
CA PHE C 181 -3.93 8.49 6.08
C PHE C 181 -4.41 8.68 7.52
N GLU C 182 -5.03 7.64 8.08
CA GLU C 182 -5.59 7.72 9.42
C GLU C 182 -4.56 7.66 10.56
N THR C 183 -3.31 7.37 10.22
CA THR C 183 -2.21 7.36 11.22
C THR C 183 -1.61 8.74 11.42
N ILE C 184 -1.79 9.63 10.44
CA ILE C 184 -1.23 10.97 10.50
C ILE C 184 -2.08 11.88 11.38
N ASP C 185 -1.44 12.50 12.38
CA ASP C 185 -2.13 13.34 13.36
C ASP C 185 -2.96 14.41 12.66
N SER C 186 -4.23 14.52 13.08
CA SER C 186 -5.20 15.38 12.41
C SER C 186 -4.95 16.88 12.59
N SER C 187 -4.09 17.25 13.54
CA SER C 187 -3.83 18.67 13.80
C SER C 187 -3.05 19.38 12.69
N LEU C 188 -2.40 18.60 11.82
CA LEU C 188 -1.63 19.15 10.69
C LEU C 188 -2.55 19.69 9.60
N GLU C 189 -3.61 18.94 9.30
CA GLU C 189 -4.61 19.38 8.33
C GLU C 189 -5.53 20.44 8.91
N GLU C 190 -5.66 20.44 10.24
CA GLU C 190 -6.33 21.52 10.98
C GLU C 190 -5.55 22.82 10.84
N ALA C 191 -4.24 22.75 11.04
CA ALA C 191 -3.36 23.90 10.89
C ALA C 191 -3.39 24.42 9.45
N ALA C 192 -3.42 23.50 8.48
CA ALA C 192 -3.52 23.85 7.07
C ALA C 192 -4.84 24.56 6.74
N ALA C 193 -5.95 24.02 7.22
CA ALA C 193 -7.26 24.62 7.02
C ALA C 193 -7.35 26.04 7.60
N LEU C 194 -6.74 26.24 8.77
CA LEU C 194 -6.64 27.58 9.36
C LEU C 194 -5.70 28.50 8.58
N ASP C 195 -4.67 27.92 7.97
CA ASP C 195 -3.77 28.65 7.08
C ASP C 195 -4.44 29.05 5.77
N GLY C 196 -5.67 28.57 5.55
CA GLY C 196 -6.46 28.95 4.38
C GLY C 196 -6.51 27.93 3.25
N ALA C 197 -5.90 26.76 3.47
CA ALA C 197 -5.88 25.70 2.46
C ALA C 197 -7.28 25.15 2.16
N THR C 198 -7.51 24.82 0.90
CA THR C 198 -8.71 24.08 0.50
C THR C 198 -8.46 22.60 0.80
N PRO C 199 -9.52 21.78 0.82
CA PRO C 199 -9.29 20.33 0.96
C PRO C 199 -8.31 19.78 -0.07
N TRP C 200 -8.30 20.36 -1.27
CA TRP C 200 -7.36 19.93 -2.31
C TRP C 200 -5.91 20.30 -1.97
N GLN C 201 -5.71 21.52 -1.50
CA GLN C 201 -4.37 22.02 -1.17
C GLN C 201 -3.77 21.29 0.02
N ALA C 202 -4.60 20.97 1.00
CA ALA C 202 -4.16 20.24 2.19
C ALA C 202 -3.81 18.81 1.83
N PHE C 203 -4.57 18.25 0.87
CA PHE C 203 -4.31 16.92 0.31
C PHE C 203 -2.97 16.90 -0.40
N ARG C 204 -2.75 17.84 -1.32
CA ARG C 204 -1.55 17.88 -2.14
C ARG C 204 -0.30 18.32 -1.38
N LEU C 205 -0.44 19.33 -0.52
CA LEU C 205 0.72 20.01 0.08
C LEU C 205 1.08 19.56 1.51
N VAL C 206 0.17 18.82 2.15
CA VAL C 206 0.40 18.38 3.52
C VAL C 206 0.31 16.86 3.65
N LEU C 207 -0.82 16.29 3.25
CA LEU C 207 -1.06 14.86 3.46
C LEU C 207 -0.24 13.94 2.54
N LEU C 208 -0.20 14.24 1.25
CA LEU C 208 0.55 13.41 0.29
C LEU C 208 2.06 13.33 0.53
N PRO C 209 2.72 14.47 0.88
CA PRO C 209 4.16 14.37 1.16
C PRO C 209 4.49 13.54 2.40
N LEU C 210 3.53 13.42 3.32
CA LEU C 210 3.74 12.66 4.56
C LEU C 210 3.30 11.20 4.44
N SER C 211 2.59 10.87 3.36
CA SER C 211 2.09 9.52 3.11
C SER C 211 2.89 8.81 2.02
N VAL C 212 3.90 9.51 1.52
CA VAL C 212 4.85 9.03 0.51
C VAL C 212 5.32 7.55 0.62
N PRO C 213 5.52 7.01 1.86
CA PRO C 213 5.87 5.59 1.91
C PRO C 213 4.79 4.63 1.38
N ILE C 214 3.51 4.94 1.59
CA ILE C 214 2.44 4.05 1.13
C ILE C 214 2.15 4.24 -0.35
N LEU C 215 2.46 5.42 -0.87
CA LEU C 215 2.34 5.69 -2.29
C LEU C 215 3.35 4.87 -3.08
N ALA C 216 4.56 4.74 -2.52
CA ALA C 216 5.61 3.89 -3.07
C ALA C 216 5.15 2.43 -3.12
N VAL C 217 4.60 1.94 -2.02
CA VAL C 217 4.07 0.57 -1.96
C VAL C 217 3.02 0.32 -3.05
N VAL C 218 2.08 1.25 -3.18
CA VAL C 218 1.01 1.12 -4.16
C VAL C 218 1.59 1.15 -5.58
N PHE C 219 2.53 2.05 -5.85
CA PHE C 219 3.23 2.05 -7.13
C PHE C 219 3.93 0.71 -7.40
N ILE C 220 4.75 0.25 -6.46
CA ILE C 220 5.49 -1.01 -6.59
C ILE C 220 4.57 -2.19 -6.91
N LEU C 221 3.48 -2.31 -6.16
CA LEU C 221 2.57 -3.46 -6.30
C LEU C 221 1.80 -3.45 -7.61
N SER C 222 1.40 -2.25 -8.06
CA SER C 222 0.69 -2.06 -9.33
C SER C 222 1.62 -2.25 -10.50
N PHE C 223 2.88 -1.85 -10.34
CA PHE C 223 3.86 -1.99 -11.41
C PHE C 223 4.09 -3.48 -11.66
N ILE C 224 4.30 -4.22 -10.58
CA ILE C 224 4.55 -5.67 -10.62
C ILE C 224 3.37 -6.42 -11.25
N ALA C 225 2.17 -6.17 -10.75
CA ALA C 225 0.97 -6.81 -11.29
C ALA C 225 0.84 -6.59 -12.81
N ALA C 226 1.21 -5.39 -13.27
CA ALA C 226 1.09 -5.03 -14.68
C ALA C 226 2.19 -5.60 -15.55
N ILE C 227 3.41 -5.66 -15.03
CA ILE C 227 4.54 -6.30 -15.73
C ILE C 227 4.29 -7.79 -15.99
N THR C 228 3.63 -8.46 -15.05
CA THR C 228 3.45 -9.90 -15.12
C THR C 228 2.10 -10.33 -15.71
N GLU C 229 1.23 -9.37 -16.01
CA GLU C 229 -0.13 -9.64 -16.44
C GLU C 229 -0.20 -10.22 -17.86
N VAL C 230 -0.83 -11.38 -17.99
CA VAL C 230 -0.93 -12.08 -19.28
C VAL C 230 -2.31 -11.97 -19.94
N PRO C 231 -3.38 -12.47 -19.28
CA PRO C 231 -4.69 -12.66 -19.92
C PRO C 231 -5.32 -11.42 -20.59
N VAL C 232 -5.38 -10.30 -19.87
CA VAL C 232 -6.02 -9.10 -20.40
C VAL C 232 -5.22 -8.49 -21.57
N ALA C 233 -3.91 -8.37 -21.38
CA ALA C 233 -3.03 -7.81 -22.41
C ALA C 233 -2.96 -8.67 -23.66
N SER C 234 -3.03 -9.99 -23.50
CA SER C 234 -3.02 -10.91 -24.64
C SER C 234 -4.32 -10.79 -25.44
N LEU C 235 -5.42 -10.63 -24.72
CA LEU C 235 -6.74 -10.46 -25.29
C LEU C 235 -6.87 -9.18 -26.11
N LEU C 236 -6.24 -8.10 -25.64
CA LEU C 236 -6.42 -6.79 -26.26
C LEU C 236 -5.43 -6.50 -27.39
N LEU C 237 -4.20 -7.00 -27.26
CA LEU C 237 -3.13 -6.68 -28.22
C LEU C 237 -3.00 -7.70 -29.34
N ARG C 238 -2.92 -7.20 -30.58
CA ARG C 238 -2.79 -8.06 -31.77
C ARG C 238 -1.40 -7.96 -32.44
N ASP C 239 -0.93 -6.74 -32.69
CA ASP C 239 0.36 -6.53 -33.36
C ASP C 239 1.54 -6.94 -32.49
N VAL C 240 2.41 -7.79 -33.05
CA VAL C 240 3.63 -8.28 -32.38
C VAL C 240 4.46 -7.14 -31.79
N ASN C 241 4.58 -6.05 -32.54
CA ASN C 241 5.32 -4.87 -32.09
C ASN C 241 4.67 -4.12 -30.91
N SER C 242 3.41 -4.42 -30.63
CA SER C 242 2.71 -3.80 -29.52
C SER C 242 2.67 -4.69 -28.27
N TYR C 243 3.15 -5.94 -28.39
CA TYR C 243 3.15 -6.87 -27.27
C TYR C 243 3.93 -6.32 -26.09
N THR C 244 3.44 -6.63 -24.89
CA THR C 244 4.25 -6.54 -23.67
C THR C 244 5.08 -7.81 -23.57
N LEU C 245 6.08 -7.81 -22.70
CA LEU C 245 6.95 -8.98 -22.57
C LEU C 245 6.18 -10.22 -22.10
N ALA C 246 5.29 -10.05 -21.12
CA ALA C 246 4.51 -11.18 -20.59
C ALA C 246 3.70 -11.85 -21.70
N VAL C 247 3.17 -11.04 -22.61
CA VAL C 247 2.40 -11.53 -23.75
C VAL C 247 3.31 -12.15 -24.80
N GLY C 248 4.37 -11.44 -25.17
CA GLY C 248 5.34 -11.94 -26.13
C GLY C 248 5.93 -13.29 -25.74
N MET C 249 6.30 -13.46 -24.47
CA MET C 249 6.97 -14.69 -24.04
C MET C 249 6.07 -15.94 -24.12
N GLN C 250 4.77 -15.72 -24.32
CA GLN C 250 3.82 -16.83 -24.49
C GLN C 250 4.09 -17.59 -25.80
N GLN C 251 4.64 -16.90 -26.79
CA GLN C 251 5.05 -17.52 -28.07
C GLN C 251 6.02 -18.70 -27.91
N TYR C 252 6.72 -18.75 -26.78
CA TYR C 252 7.66 -19.83 -26.49
C TYR C 252 6.95 -21.07 -25.93
N LEU C 253 5.65 -20.93 -25.65
CA LEU C 253 4.88 -22.01 -25.05
C LEU C 253 3.96 -22.71 -26.05
N ASN C 254 4.20 -24.01 -26.24
CA ASN C 254 3.46 -24.84 -27.20
C ASN C 254 2.76 -26.01 -26.51
N PRO C 255 1.80 -26.68 -27.20
CA PRO C 255 1.06 -27.81 -26.62
C PRO C 255 1.92 -28.97 -26.11
N GLN C 256 3.03 -29.26 -26.80
CA GLN C 256 3.87 -30.41 -26.44
C GLN C 256 5.28 -30.09 -25.93
N ASN C 257 5.75 -28.86 -26.17
CA ASN C 257 7.07 -28.44 -25.71
C ASN C 257 7.18 -26.93 -25.50
N TYR C 258 8.08 -26.52 -24.60
CA TYR C 258 8.38 -25.11 -24.37
C TYR C 258 9.79 -24.78 -24.84
N LEU C 259 9.97 -23.59 -25.40
CA LEU C 259 11.33 -23.10 -25.66
C LEU C 259 11.85 -22.52 -24.34
N TRP C 260 12.25 -23.43 -23.45
CA TRP C 260 12.59 -23.11 -22.05
C TRP C 260 13.68 -22.04 -21.93
N GLY C 261 14.72 -22.16 -22.75
CA GLY C 261 15.83 -21.20 -22.74
C GLY C 261 15.37 -19.78 -23.01
N ASP C 262 14.60 -19.60 -24.07
CA ASP C 262 14.11 -18.28 -24.47
C ASP C 262 13.10 -17.73 -23.47
N PHE C 263 12.24 -18.60 -22.95
CA PHE C 263 11.25 -18.25 -21.94
C PHE C 263 11.94 -17.77 -20.65
N ALA C 264 12.96 -18.51 -20.22
CA ALA C 264 13.72 -18.17 -19.01
C ALA C 264 14.46 -16.84 -19.15
N ALA C 265 15.11 -16.64 -20.30
CA ALA C 265 15.77 -15.37 -20.60
C ALA C 265 14.78 -14.20 -20.52
N ALA C 266 13.59 -14.41 -21.08
CA ALA C 266 12.51 -13.41 -21.01
C ALA C 266 12.03 -13.17 -19.57
N ALA C 267 11.96 -14.24 -18.79
CA ALA C 267 11.52 -14.16 -17.40
C ALA C 267 12.50 -13.38 -16.51
N VAL C 268 13.79 -13.55 -16.75
CA VAL C 268 14.84 -12.80 -16.05
C VAL C 268 14.81 -11.32 -16.44
N MET C 269 14.63 -11.05 -17.73
CA MET C 269 14.53 -9.69 -18.25
C MET C 269 13.37 -8.91 -17.63
N SER C 270 12.23 -9.57 -17.48
CA SER C 270 11.04 -8.92 -16.92
C SER C 270 11.21 -8.52 -15.45
N ALA C 271 12.17 -9.17 -14.78
CA ALA C 271 12.50 -8.86 -13.39
C ALA C 271 13.31 -7.56 -13.26
N LEU C 272 14.03 -7.18 -14.32
CA LEU C 272 14.88 -5.99 -14.31
C LEU C 272 14.13 -4.66 -14.04
N PRO C 273 13.02 -4.37 -14.78
CA PRO C 273 12.31 -3.12 -14.46
C PRO C 273 11.70 -3.11 -13.06
N ILE C 274 11.25 -4.28 -12.59
CA ILE C 274 10.73 -4.46 -11.23
CA ILE C 274 10.72 -4.42 -11.24
C ILE C 274 11.80 -4.08 -10.20
N THR C 275 13.00 -4.62 -10.40
CA THR C 275 14.14 -4.37 -9.51
C THR C 275 14.49 -2.89 -9.47
N ILE C 276 14.52 -2.27 -10.64
CA ILE C 276 14.86 -0.85 -10.77
C ILE C 276 13.80 0.02 -10.09
N VAL C 277 12.53 -0.32 -10.30
CA VAL C 277 11.44 0.41 -9.66
C VAL C 277 11.47 0.23 -8.13
N PHE C 278 11.75 -1.00 -7.68
CA PHE C 278 11.88 -1.24 -6.24
C PHE C 278 12.99 -0.39 -5.61
N LEU C 279 14.11 -0.26 -6.32
CA LEU C 279 15.26 0.51 -5.85
C LEU C 279 14.99 2.01 -5.81
N LEU C 280 14.40 2.54 -6.87
CA LEU C 280 14.02 3.96 -6.93
C LEU C 280 13.00 4.35 -5.85
N ALA C 281 12.13 3.41 -5.49
CA ALA C 281 11.08 3.65 -4.50
C ALA C 281 11.61 3.75 -3.07
N GLN C 282 12.82 3.27 -2.83
CA GLN C 282 13.42 3.27 -1.49
C GLN C 282 13.58 4.67 -0.91
N ARG C 283 13.79 5.66 -1.79
CA ARG C 283 13.95 7.05 -1.36
C ARG C 283 12.66 7.67 -0.81
N TRP C 284 11.54 7.01 -1.11
CA TRP C 284 10.23 7.43 -0.59
C TRP C 284 9.83 6.56 0.60
N LEU C 285 10.48 5.42 0.74
CA LEU C 285 10.22 4.50 1.85
C LEU C 285 11.11 4.85 3.05
N VAL C 286 10.77 5.96 3.71
CA VAL C 286 11.59 6.47 4.81
C VAL C 286 10.85 6.59 6.13
N ASN C 287 11.58 6.39 7.24
CA ASN C 287 11.06 6.66 8.58
C ASN C 287 11.18 8.14 8.94
N GLY C 288 10.37 8.56 9.91
CA GLY C 288 10.51 9.87 10.54
C GLY C 288 9.95 11.07 9.79
N LEU C 289 9.04 10.82 8.85
CA LEU C 289 8.43 11.90 8.08
C LEU C 289 7.56 12.84 8.90
N THR C 290 6.87 12.30 9.92
CA THR C 290 6.00 13.12 10.77
C THR C 290 6.70 13.62 12.06
N ALA C 291 7.99 13.34 12.20
CA ALA C 291 8.74 13.71 13.41
C ALA C 291 8.89 15.23 13.58
N GLY C 292 8.69 15.69 14.81
CA GLY C 292 8.81 17.10 15.15
C GLY C 292 7.58 17.94 14.87
N GLY C 293 6.57 17.33 14.25
CA GLY C 293 5.34 18.05 13.89
C GLY C 293 4.41 18.35 15.05
N VAL C 294 3.99 17.28 15.74
CA VAL C 294 3.03 17.40 16.84
C VAL C 294 3.62 16.91 18.16
N LYS C 295 3.49 17.74 19.19
CA LYS C 295 3.84 17.40 20.57
C LYS C 295 2.83 16.38 21.12
N GLY C 296 3.33 15.32 21.76
CA GLY C 296 2.46 14.30 22.32
C GLY C 296 3.04 12.89 22.28
N ALA D 2 -11.10 41.13 15.07
CA ALA D 2 -12.60 41.17 15.12
C ALA D 2 -13.11 40.78 16.50
N SER D 3 -14.32 41.21 16.85
CA SER D 3 -14.91 40.86 18.13
C SER D 3 -15.29 39.39 18.18
N VAL D 4 -15.29 38.82 19.38
CA VAL D 4 -15.67 37.41 19.58
C VAL D 4 -16.70 37.31 20.70
N GLN D 5 -17.86 36.74 20.40
CA GLN D 5 -18.88 36.56 21.41
C GLN D 5 -19.32 35.11 21.53
N LEU D 6 -19.36 34.62 22.76
CA LEU D 6 -19.90 33.30 23.05
C LEU D 6 -21.15 33.44 23.89
N GLN D 7 -22.27 32.97 23.35
CA GLN D 7 -23.56 33.00 24.05
C GLN D 7 -23.98 31.60 24.45
N ASN D 8 -24.00 31.33 25.75
CA ASN D 8 -24.42 30.05 26.32
C ASN D 8 -23.74 28.81 25.70
N VAL D 9 -22.46 28.95 25.40
CA VAL D 9 -21.71 27.89 24.72
C VAL D 9 -21.47 26.68 25.63
N THR D 10 -21.95 25.52 25.17
CA THR D 10 -21.78 24.26 25.88
C THR D 10 -21.02 23.28 24.99
N LYS D 11 -20.10 22.53 25.59
CA LYS D 11 -19.40 21.45 24.88
C LYS D 11 -19.45 20.13 25.67
N ALA D 12 -19.88 19.08 24.98
CA ALA D 12 -19.97 17.76 25.59
C ALA D 12 -19.30 16.67 24.74
N TRP D 13 -18.60 15.77 25.42
CA TRP D 13 -18.10 14.54 24.82
C TRP D 13 -18.95 13.39 25.33
N GLY D 14 -20.16 13.27 24.79
CA GLY D 14 -21.13 12.30 25.28
C GLY D 14 -21.73 12.75 26.59
N GLU D 15 -21.17 12.27 27.69
CA GLU D 15 -21.67 12.60 29.03
C GLU D 15 -20.72 13.54 29.76
N VAL D 16 -19.46 13.58 29.32
CA VAL D 16 -18.45 14.47 29.89
C VAL D 16 -18.63 15.89 29.33
N VAL D 17 -19.11 16.79 30.18
CA VAL D 17 -19.27 18.20 29.78
C VAL D 17 -18.05 19.00 30.22
N VAL D 18 -17.42 19.69 29.27
CA VAL D 18 -16.19 20.44 29.52
C VAL D 18 -16.37 21.97 29.35
N SER D 19 -17.53 22.37 28.85
CA SER D 19 -17.91 23.78 28.80
C SER D 19 -19.39 23.89 29.14
N LYS D 20 -19.70 24.55 30.25
CA LYS D 20 -21.07 24.70 30.74
C LYS D 20 -21.59 26.12 30.58
N ASP D 21 -22.50 26.32 29.62
CA ASP D 21 -23.16 27.61 29.34
C ASP D 21 -22.24 28.82 29.55
N ILE D 22 -21.11 28.85 28.85
CA ILE D 22 -20.17 29.94 29.04
C ILE D 22 -20.59 31.19 28.26
N ASN D 23 -20.51 32.33 28.93
CA ASN D 23 -20.83 33.62 28.33
C ASN D 23 -19.63 34.55 28.38
N LEU D 24 -19.08 34.85 27.21
CA LEU D 24 -17.95 35.75 27.11
C LEU D 24 -18.18 36.81 26.05
N ASP D 25 -17.76 38.04 26.37
CA ASP D 25 -17.87 39.17 25.47
C ASP D 25 -16.48 39.77 25.23
N ILE D 26 -15.91 39.46 24.07
CA ILE D 26 -14.57 39.94 23.73
C ILE D 26 -14.64 41.00 22.63
N HIS D 27 -14.36 42.24 23.00
CA HIS D 27 -14.49 43.38 22.10
C HIS D 27 -13.30 43.51 21.16
N GLU D 28 -13.51 44.25 20.06
CA GLU D 28 -12.48 44.53 19.07
C GLU D 28 -11.25 45.16 19.71
N GLY D 29 -10.07 44.63 19.38
CA GLY D 29 -8.80 45.17 19.86
C GLY D 29 -8.44 44.81 21.29
N GLU D 30 -9.25 43.98 21.92
CA GLU D 30 -9.03 43.60 23.31
C GLU D 30 -8.00 42.46 23.41
N PHE D 31 -7.10 42.57 24.38
CA PHE D 31 -6.17 41.49 24.69
C PHE D 31 -6.73 40.71 25.87
N VAL D 32 -7.26 39.53 25.59
CA VAL D 32 -7.88 38.71 26.61
C VAL D 32 -7.02 37.49 26.91
N VAL D 33 -6.83 37.23 28.20
CA VAL D 33 -6.04 36.10 28.66
C VAL D 33 -6.96 35.11 29.37
N PHE D 34 -6.87 33.84 28.98
CA PHE D 34 -7.60 32.77 29.63
C PHE D 34 -6.64 32.07 30.59
N VAL D 35 -7.02 31.97 31.85
CA VAL D 35 -6.27 31.14 32.80
C VAL D 35 -7.21 30.11 33.40
N GLY D 36 -6.63 29.08 34.03
CA GLY D 36 -7.41 28.02 34.63
C GLY D 36 -6.57 26.77 34.79
N PRO D 37 -6.97 25.89 35.73
CA PRO D 37 -6.21 24.67 36.01
C PRO D 37 -6.05 23.83 34.76
N SER D 38 -4.93 23.11 34.66
CA SER D 38 -4.71 22.11 33.64
C SER D 38 -5.91 21.16 33.58
N GLY D 39 -6.62 21.19 32.45
CA GLY D 39 -7.77 20.33 32.22
C GLY D 39 -9.13 20.98 32.41
N CYS D 40 -9.17 22.32 32.43
CA CYS D 40 -10.41 23.05 32.73
C CYS D 40 -11.20 23.46 31.49
N GLY D 41 -10.61 23.30 30.30
CA GLY D 41 -11.31 23.57 29.06
C GLY D 41 -10.88 24.79 28.26
N LYS D 42 -9.63 25.23 28.46
CA LYS D 42 -9.12 26.43 27.78
C LYS D 42 -8.88 26.19 26.29
N SER D 43 -8.20 25.10 25.94
CA SER D 43 -7.95 24.73 24.56
C SER D 43 -9.24 24.40 23.82
N THR D 44 -10.11 23.64 24.48
CA THR D 44 -11.45 23.33 23.96
C THR D 44 -12.17 24.61 23.45
N LEU D 45 -12.15 25.66 24.27
CA LEU D 45 -12.78 26.94 23.89
C LEU D 45 -12.14 27.57 22.65
N LEU D 46 -10.81 27.59 22.62
CA LEU D 46 -10.04 28.07 21.47
C LEU D 46 -10.36 27.28 20.21
N ARG D 47 -10.43 25.95 20.34
CA ARG D 47 -10.74 25.07 19.22
C ARG D 47 -12.20 25.21 18.75
N MET D 48 -13.07 25.67 19.63
CA MET D 48 -14.47 25.95 19.24
C MET D 48 -14.58 27.27 18.48
N ILE D 49 -13.83 28.28 18.93
CA ILE D 49 -13.73 29.56 18.23
C ILE D 49 -13.15 29.36 16.82
N ALA D 50 -12.05 28.61 16.73
CA ALA D 50 -11.35 28.38 15.47
C ALA D 50 -12.10 27.47 14.49
N GLY D 51 -13.05 26.69 15.00
CA GLY D 51 -13.86 25.81 14.18
C GLY D 51 -13.30 24.41 14.03
N LEU D 52 -12.39 24.04 14.92
CA LEU D 52 -11.77 22.71 14.88
C LEU D 52 -12.56 21.74 15.74
N GLU D 53 -13.46 22.28 16.55
CA GLU D 53 -14.34 21.49 17.40
C GLU D 53 -15.78 21.95 17.20
N THR D 54 -16.72 21.00 17.23
CA THR D 54 -18.13 21.33 17.11
C THR D 54 -18.65 21.94 18.41
N ILE D 55 -19.64 22.83 18.28
CA ILE D 55 -20.31 23.43 19.42
C ILE D 55 -21.63 22.67 19.65
N THR D 56 -21.75 22.04 20.82
CA THR D 56 -22.93 21.23 21.16
C THR D 56 -24.21 22.07 21.16
N SER D 57 -24.23 23.15 21.94
CA SER D 57 -25.33 24.12 21.94
C SER D 57 -24.81 25.51 22.29
N GLY D 58 -25.61 26.53 22.00
CA GLY D 58 -25.18 27.91 22.19
C GLY D 58 -24.68 28.50 20.89
N ASP D 59 -24.26 29.77 20.94
CA ASP D 59 -23.92 30.49 19.72
C ASP D 59 -22.57 31.18 19.81
N LEU D 60 -21.79 31.05 18.74
CA LEU D 60 -20.52 31.76 18.60
C LEU D 60 -20.62 32.85 17.55
N PHE D 61 -20.25 34.07 17.93
CA PHE D 61 -20.23 35.19 17.01
C PHE D 61 -18.80 35.70 16.83
N ILE D 62 -18.40 35.89 15.58
CA ILE D 62 -17.15 36.57 15.25
C ILE D 62 -17.47 37.73 14.31
N GLY D 63 -17.11 38.95 14.73
CA GLY D 63 -17.43 40.16 13.98
C GLY D 63 -18.93 40.34 13.84
N GLU D 64 -19.66 39.99 14.90
CA GLU D 64 -21.13 40.06 14.95
C GLU D 64 -21.85 39.01 14.07
N LYS D 65 -21.07 38.11 13.46
CA LYS D 65 -21.63 37.07 12.58
C LYS D 65 -21.64 35.74 13.30
N ARG D 66 -22.71 34.96 13.11
CA ARG D 66 -22.81 33.63 13.71
C ARG D 66 -21.91 32.65 12.97
N MET D 67 -21.00 32.00 13.70
CA MET D 67 -19.91 31.23 13.09
C MET D 67 -19.95 29.73 13.39
N ASN D 68 -20.98 29.27 14.09
CA ASN D 68 -21.09 27.86 14.49
C ASN D 68 -20.74 26.86 13.40
N ASP D 69 -21.32 27.06 12.21
CA ASP D 69 -21.16 26.13 11.08
C ASP D 69 -20.25 26.64 9.97
N THR D 70 -19.51 27.72 10.24
CA THR D 70 -18.57 28.29 9.28
C THR D 70 -17.26 27.47 9.27
N PRO D 71 -16.79 27.08 8.07
CA PRO D 71 -15.49 26.42 7.93
C PRO D 71 -14.34 27.24 8.51
N PRO D 72 -13.35 26.56 9.14
CA PRO D 72 -12.19 27.18 9.78
C PRO D 72 -11.48 28.27 8.96
N ALA D 73 -11.30 28.03 7.67
CA ALA D 73 -10.61 28.97 6.77
C ALA D 73 -11.30 30.32 6.64
N GLU D 74 -12.62 30.34 6.79
CA GLU D 74 -13.42 31.55 6.55
C GLU D 74 -13.71 32.34 7.84
N ARG D 75 -13.06 31.97 8.94
CA ARG D 75 -13.36 32.58 10.23
C ARG D 75 -12.50 33.78 10.61
N GLY D 76 -11.43 34.01 9.85
CA GLY D 76 -10.49 35.11 10.13
C GLY D 76 -9.68 34.85 11.38
N VAL D 77 -9.39 33.58 11.62
CA VAL D 77 -8.76 33.13 12.87
C VAL D 77 -7.45 32.39 12.59
N GLY D 78 -6.41 32.77 13.33
CA GLY D 78 -5.16 32.02 13.33
C GLY D 78 -4.84 31.57 14.74
N MET D 79 -4.25 30.39 14.86
CA MET D 79 -3.96 29.81 16.16
C MET D 79 -2.52 29.32 16.29
N VAL D 80 -1.89 29.66 17.41
CA VAL D 80 -0.68 28.99 17.85
C VAL D 80 -1.14 27.80 18.67
N PHE D 81 -1.03 26.61 18.08
CA PHE D 81 -1.45 25.35 18.69
C PHE D 81 -0.57 25.00 19.90
N GLN D 82 -1.18 24.40 20.92
CA GLN D 82 -0.48 24.02 22.13
C GLN D 82 0.54 22.93 21.84
N SER D 83 0.24 22.09 20.84
CA SER D 83 1.13 21.03 20.42
C SER D 83 1.96 21.41 19.20
N TYR D 84 1.89 22.69 18.84
CA TYR D 84 2.67 23.30 17.74
C TYR D 84 2.13 23.00 16.34
N ALA D 85 1.87 21.74 16.03
CA ALA D 85 1.35 21.32 14.72
C ALA D 85 2.13 21.92 13.55
N LEU D 86 3.45 21.81 13.61
CA LEU D 86 4.31 22.27 12.53
C LEU D 86 4.26 21.25 11.40
N TYR D 87 4.41 21.73 10.17
CA TYR D 87 4.50 20.84 9.02
C TYR D 87 5.88 20.19 9.02
N PRO D 88 5.93 18.88 9.29
CA PRO D 88 7.19 18.18 9.55
C PRO D 88 8.09 18.07 8.32
N HIS D 89 7.50 18.16 7.14
CA HIS D 89 8.21 18.01 5.87
C HIS D 89 8.67 19.35 5.31
N LEU D 90 8.26 20.44 5.97
CA LEU D 90 8.60 21.78 5.52
C LEU D 90 9.59 22.43 6.48
N SER D 91 10.49 23.24 5.94
CA SER D 91 11.46 23.97 6.74
C SER D 91 10.77 25.06 7.54
N VAL D 92 11.54 25.70 8.43
CA VAL D 92 11.06 26.83 9.23
C VAL D 92 10.48 27.94 8.33
N ALA D 93 11.26 28.34 7.33
CA ALA D 93 10.81 29.35 6.36
C ALA D 93 9.50 28.94 5.68
N GLU D 94 9.43 27.69 5.21
CA GLU D 94 8.25 27.17 4.53
C GLU D 94 7.03 27.08 5.45
N ASN D 95 7.23 26.69 6.71
CA ASN D 95 6.18 26.74 7.73
C ASN D 95 5.57 28.14 7.89
N MET D 96 6.43 29.13 8.11
CA MET D 96 6.02 30.51 8.37
C MET D 96 5.41 31.22 7.15
N SER D 97 5.73 30.73 5.96
CA SER D 97 5.27 31.34 4.72
C SER D 97 4.19 30.54 3.98
N PHE D 98 3.70 29.46 4.62
CA PHE D 98 2.73 28.56 4.01
C PHE D 98 1.40 29.24 3.66
N GLY D 99 0.86 30.01 4.61
CA GLY D 99 -0.43 30.69 4.43
C GLY D 99 -0.42 31.74 3.35
N LEU D 100 0.70 32.46 3.24
CA LEU D 100 0.88 33.47 2.20
C LEU D 100 1.06 32.82 0.83
N LYS D 101 1.69 31.65 0.78
CA LYS D 101 1.80 30.86 -0.44
C LYS D 101 0.43 30.40 -0.94
N LEU D 102 -0.42 29.97 -0.01
CA LEU D 102 -1.79 29.55 -0.33
C LEU D 102 -2.60 30.72 -0.87
N ALA D 103 -2.40 31.89 -0.28
CA ALA D 103 -3.00 33.13 -0.76
C ALA D 103 -2.22 33.66 -1.96
N GLY D 104 -2.64 34.81 -2.50
CA GLY D 104 -1.98 35.40 -3.66
C GLY D 104 -0.92 36.42 -3.29
N ALA D 105 -0.09 36.07 -2.30
CA ALA D 105 0.94 37.00 -1.82
C ALA D 105 2.16 37.02 -2.73
N LYS D 106 2.69 38.23 -2.94
CA LYS D 106 3.91 38.42 -3.71
C LYS D 106 5.10 37.79 -2.99
N LYS D 107 6.00 37.17 -3.76
CA LYS D 107 7.20 36.53 -3.23
C LYS D 107 8.04 37.47 -2.36
N GLU D 108 8.09 38.74 -2.77
CA GLU D 108 8.87 39.77 -2.06
C GLU D 108 8.30 40.11 -0.68
N VAL D 109 6.97 40.21 -0.59
CA VAL D 109 6.28 40.48 0.68
C VAL D 109 6.40 39.28 1.62
N ILE D 110 6.36 38.07 1.03
CA ILE D 110 6.55 36.83 1.77
C ILE D 110 7.91 36.82 2.44
N ASN D 111 8.97 37.01 1.64
CA ASN D 111 10.35 37.02 2.14
C ASN D 111 10.65 38.15 3.11
N GLN D 112 9.85 39.22 3.02
CA GLN D 112 10.03 40.40 3.87
C GLN D 112 9.58 40.10 5.30
N ARG D 113 8.30 39.81 5.48
CA ARG D 113 7.74 39.59 6.80
C ARG D 113 8.23 38.30 7.49
N VAL D 114 8.54 37.27 6.69
CA VAL D 114 9.12 36.04 7.26
C VAL D 114 10.48 36.33 7.90
N ASN D 115 11.30 37.14 7.21
CA ASN D 115 12.59 37.57 7.73
C ASN D 115 12.49 38.40 9.01
N GLN D 116 11.63 39.42 9.00
CA GLN D 116 11.47 40.31 10.15
C GLN D 116 10.94 39.57 11.37
N VAL D 117 9.92 38.73 11.18
CA VAL D 117 9.36 37.91 12.26
C VAL D 117 10.41 36.90 12.76
N ALA D 118 11.22 36.36 11.84
CA ALA D 118 12.29 35.43 12.20
C ALA D 118 13.38 36.10 13.04
N GLU D 119 13.63 37.38 12.77
CA GLU D 119 14.61 38.16 13.52
C GLU D 119 14.21 38.34 15.00
N VAL D 120 12.99 38.79 15.25
CA VAL D 120 12.53 39.04 16.62
C VAL D 120 12.32 37.75 17.41
N LEU D 121 12.04 36.66 16.71
CA LEU D 121 11.89 35.35 17.34
C LEU D 121 13.22 34.64 17.51
N GLN D 122 14.28 35.26 16.99
CA GLN D 122 15.64 34.71 17.03
C GLN D 122 15.68 33.32 16.38
N LEU D 123 15.18 33.27 15.16
CA LEU D 123 15.10 32.04 14.37
C LEU D 123 15.78 32.19 13.01
N ALA D 124 16.38 33.36 12.78
CA ALA D 124 16.95 33.72 11.47
C ALA D 124 18.05 32.78 10.99
N HIS D 125 18.78 32.18 11.93
CA HIS D 125 19.86 31.25 11.63
C HIS D 125 19.34 29.82 11.40
N LEU D 126 18.04 29.63 11.59
CA LEU D 126 17.43 28.30 11.55
C LEU D 126 16.41 28.13 10.43
N LEU D 127 16.44 29.03 9.45
CA LEU D 127 15.40 29.10 8.42
C LEU D 127 15.24 27.85 7.54
N ASP D 128 16.34 27.15 7.30
CA ASP D 128 16.36 25.99 6.41
C ASP D 128 16.20 24.67 7.14
N ARG D 129 15.96 24.74 8.45
CA ARG D 129 15.81 23.55 9.29
C ARG D 129 14.39 23.00 9.23
N LYS D 130 14.28 21.69 9.16
CA LYS D 130 13.00 21.00 9.38
C LYS D 130 12.78 20.88 10.90
N PRO D 131 11.49 20.83 11.34
CA PRO D 131 11.15 20.77 12.76
C PRO D 131 11.91 19.72 13.57
N LYS D 132 12.17 18.55 13.00
CA LYS D 132 12.91 17.49 13.71
C LYS D 132 14.34 17.88 14.09
N ALA D 133 14.92 18.83 13.36
CA ALA D 133 16.27 19.33 13.63
C ALA D 133 16.24 20.60 14.49
N LEU D 134 15.18 20.74 15.28
CA LEU D 134 15.02 21.87 16.18
C LEU D 134 14.75 21.41 17.60
N SER D 135 15.05 22.28 18.56
CA SER D 135 14.73 22.04 19.96
C SER D 135 13.24 22.34 20.18
N GLY D 136 12.70 21.91 21.32
CA GLY D 136 11.27 22.10 21.63
C GLY D 136 10.83 23.56 21.67
N GLY D 137 11.66 24.42 22.25
CA GLY D 137 11.40 25.86 22.32
C GLY D 137 11.50 26.56 20.99
N GLN D 138 12.44 26.10 20.15
CA GLN D 138 12.56 26.60 18.78
C GLN D 138 11.32 26.25 17.95
N ARG D 139 10.86 25.01 18.08
CA ARG D 139 9.61 24.57 17.46
C ARG D 139 8.45 25.46 17.85
N GLN D 140 8.37 25.78 19.15
CA GLN D 140 7.30 26.63 19.69
C GLN D 140 7.32 28.01 19.03
N ARG D 141 8.52 28.57 18.87
CA ARG D 141 8.71 29.88 18.24
C ARG D 141 8.37 29.86 16.75
N VAL D 142 8.63 28.74 16.08
CA VAL D 142 8.18 28.55 14.70
C VAL D 142 6.64 28.62 14.66
N ALA D 143 5.98 27.95 15.60
CA ALA D 143 4.52 27.97 15.70
C ALA D 143 3.98 29.39 15.88
N ILE D 144 4.56 30.15 16.82
CA ILE D 144 4.23 31.55 17.00
C ILE D 144 4.43 32.33 15.71
N GLY D 145 5.60 32.12 15.09
CA GLY D 145 6.00 32.88 13.89
C GLY D 145 5.07 32.70 12.72
N ARG D 146 4.62 31.47 12.51
CA ARG D 146 3.66 31.16 11.46
C ARG D 146 2.37 31.98 11.59
N THR D 147 1.88 32.15 12.82
CA THR D 147 0.69 32.97 13.07
C THR D 147 0.97 34.49 12.92
N LEU D 148 2.10 34.95 13.44
CA LEU D 148 2.46 36.38 13.37
C LEU D 148 2.57 36.85 11.92
N VAL D 149 3.17 36.03 11.07
CA VAL D 149 3.32 36.32 9.65
C VAL D 149 1.96 36.43 8.96
N ALA D 150 1.01 35.59 9.38
CA ALA D 150 -0.34 35.59 8.80
C ALA D 150 -1.19 36.82 9.20
N GLU D 151 -0.99 37.29 10.43
CA GLU D 151 -1.72 38.46 10.96
C GLU D 151 -3.24 38.34 10.79
N PRO D 152 -3.86 37.33 11.42
CA PRO D 152 -5.31 37.15 11.27
C PRO D 152 -6.09 38.18 12.08
N SER D 153 -7.40 38.30 11.81
CA SER D 153 -8.27 39.21 12.56
C SER D 153 -8.31 38.87 14.04
N VAL D 154 -8.34 37.57 14.35
CA VAL D 154 -8.33 37.09 15.72
C VAL D 154 -7.13 36.15 15.92
N PHE D 155 -6.23 36.53 16.83
CA PHE D 155 -5.08 35.71 17.19
C PHE D 155 -5.48 34.81 18.36
N LEU D 156 -5.26 33.51 18.21
CA LEU D 156 -5.43 32.58 19.33
C LEU D 156 -4.07 31.99 19.67
N LEU D 157 -3.65 32.11 20.94
CA LEU D 157 -2.37 31.58 21.39
C LEU D 157 -2.55 30.65 22.58
N ASP D 158 -2.14 29.39 22.41
CA ASP D 158 -2.35 28.38 23.44
C ASP D 158 -1.03 28.04 24.12
N GLU D 159 -0.79 28.70 25.26
CA GLU D 159 0.42 28.52 26.08
C GLU D 159 1.70 28.67 25.25
N PRO D 160 1.83 29.79 24.51
CA PRO D 160 2.90 29.88 23.50
C PRO D 160 4.32 30.12 24.03
N LEU D 161 4.47 30.47 25.30
CA LEU D 161 5.81 30.75 25.85
C LEU D 161 6.31 29.66 26.81
N SER D 162 5.54 28.59 26.95
CA SER D 162 5.76 27.58 27.99
C SER D 162 7.11 26.85 27.97
N ASN D 163 7.75 26.74 26.81
CA ASN D 163 9.04 26.06 26.69
C ASN D 163 10.23 26.97 26.33
N LEU D 164 10.12 28.26 26.67
CA LEU D 164 11.18 29.24 26.43
C LEU D 164 11.85 29.66 27.74
N ASP D 165 13.16 29.92 27.68
CA ASP D 165 13.89 30.40 28.86
C ASP D 165 13.34 31.76 29.34
N ALA D 166 13.62 32.08 30.60
CA ALA D 166 13.06 33.28 31.23
C ALA D 166 13.39 34.57 30.48
N ALA D 167 14.67 34.73 30.11
CA ALA D 167 15.13 35.92 29.39
C ALA D 167 14.43 36.10 28.04
N LEU D 168 14.24 34.98 27.32
CA LEU D 168 13.57 34.97 26.03
C LEU D 168 12.05 35.13 26.17
N ARG D 169 11.49 34.62 27.27
CA ARG D 169 10.06 34.73 27.57
C ARG D 169 9.70 36.21 27.76
N VAL D 170 10.57 36.94 28.43
CA VAL D 170 10.43 38.39 28.62
C VAL D 170 10.45 39.10 27.26
N GLN D 171 11.37 38.68 26.38
CA GLN D 171 11.51 39.29 25.05
C GLN D 171 10.30 39.05 24.15
N MET D 172 9.77 37.83 24.15
CA MET D 172 8.59 37.49 23.34
C MET D 172 7.34 38.21 23.85
N ARG D 173 7.27 38.34 25.18
CA ARG D 173 6.18 39.01 25.85
C ARG D 173 6.06 40.48 25.42
N ILE D 174 7.22 41.14 25.33
CA ILE D 174 7.33 42.52 24.88
C ILE D 174 6.90 42.64 23.40
N GLU D 175 7.33 41.67 22.59
CA GLU D 175 7.00 41.63 21.16
C GLU D 175 5.50 41.49 20.89
N ILE D 176 4.87 40.53 21.56
CA ILE D 176 3.43 40.30 21.42
C ILE D 176 2.64 41.56 21.85
N SER D 177 3.06 42.16 22.95
CA SER D 177 2.44 43.38 23.47
C SER D 177 2.53 44.54 22.48
N ARG D 178 3.70 44.72 21.89
CA ARG D 178 3.93 45.78 20.91
C ARG D 178 3.26 45.50 19.57
N LEU D 179 3.07 44.23 19.26
CA LEU D 179 2.28 43.84 18.09
C LEU D 179 0.80 44.13 18.33
N HIS D 180 0.34 43.94 19.57
CA HIS D 180 -1.03 44.25 19.95
C HIS D 180 -1.36 45.73 19.84
N LYS D 181 -0.41 46.59 20.19
CA LYS D 181 -0.59 48.04 20.13
C LYS D 181 -0.49 48.60 18.71
N ARG D 182 0.35 47.97 17.88
CA ARG D 182 0.55 48.40 16.50
C ARG D 182 -0.66 48.05 15.62
N LEU D 183 -1.10 46.79 15.70
CA LEU D 183 -2.20 46.31 14.87
C LEU D 183 -3.59 46.62 15.44
N GLY D 184 -3.71 46.59 16.76
CA GLY D 184 -4.98 46.86 17.44
C GLY D 184 -6.01 45.77 17.21
N ARG D 185 -5.54 44.54 17.08
CA ARG D 185 -6.40 43.40 16.77
C ARG D 185 -6.73 42.60 18.02
N THR D 186 -7.76 41.77 17.92
CA THR D 186 -8.20 40.93 19.02
C THR D 186 -7.25 39.75 19.22
N MET D 187 -6.76 39.61 20.44
CA MET D 187 -5.91 38.48 20.77
C MET D 187 -6.48 37.74 21.97
N ILE D 188 -6.60 36.42 21.81
CA ILE D 188 -7.00 35.53 22.90
C ILE D 188 -5.84 34.64 23.25
N TYR D 189 -5.37 34.79 24.49
CA TYR D 189 -4.10 34.24 24.93
C TYR D 189 -4.33 33.30 26.11
N VAL D 190 -3.89 32.06 25.99
CA VAL D 190 -3.99 31.08 27.07
C VAL D 190 -2.62 30.88 27.69
N THR D 191 -2.54 31.02 29.02
CA THR D 191 -1.26 30.84 29.72
C THR D 191 -1.42 30.33 31.14
N HIS D 192 -0.38 29.67 31.63
CA HIS D 192 -0.28 29.26 33.04
C HIS D 192 0.65 30.22 33.79
N ASP D 193 1.41 31.02 33.05
CA ASP D 193 2.38 31.95 33.65
C ASP D 193 1.69 33.21 34.17
N GLN D 194 1.87 33.48 35.46
CA GLN D 194 1.19 34.60 36.13
C GLN D 194 1.68 35.96 35.64
N VAL D 195 2.99 36.07 35.40
CA VAL D 195 3.59 37.33 34.93
C VAL D 195 3.00 37.71 33.57
N GLU D 196 2.95 36.75 32.64
CA GLU D 196 2.36 36.97 31.33
C GLU D 196 0.92 37.50 31.43
N ALA D 197 0.10 36.82 32.23
CA ALA D 197 -1.30 37.19 32.40
C ALA D 197 -1.50 38.60 32.96
N MET D 198 -0.71 38.96 33.98
CA MET D 198 -0.81 40.27 34.61
C MET D 198 -0.33 41.40 33.69
N THR D 199 0.74 41.14 32.94
CA THR D 199 1.36 42.18 32.11
C THR D 199 0.77 42.37 30.71
N LEU D 200 0.14 41.33 30.16
CA LEU D 200 -0.36 41.37 28.78
C LEU D 200 -1.85 41.67 28.65
N ALA D 201 -2.64 41.17 29.58
CA ALA D 201 -4.11 41.24 29.49
C ALA D 201 -4.71 42.63 29.68
N ASP D 202 -5.68 42.97 28.82
CA ASP D 202 -6.63 44.04 29.11
C ASP D 202 -7.60 43.50 30.15
N LYS D 203 -7.83 42.19 30.04
CA LYS D 203 -8.85 41.50 30.83
C LYS D 203 -8.45 40.01 30.93
N ILE D 204 -8.66 39.43 32.11
CA ILE D 204 -8.40 38.00 32.33
C ILE D 204 -9.71 37.24 32.55
N VAL D 205 -9.82 36.07 31.93
CA VAL D 205 -10.92 35.14 32.19
C VAL D 205 -10.38 33.93 32.96
N VAL D 206 -10.92 33.71 34.15
CA VAL D 206 -10.55 32.57 34.99
C VAL D 206 -11.59 31.48 34.80
N LEU D 207 -11.14 30.33 34.30
CA LEU D 207 -12.02 29.19 34.09
C LEU D 207 -11.85 28.15 35.19
N ASP D 208 -12.95 27.50 35.55
CA ASP D 208 -12.95 26.51 36.62
C ASP D 208 -13.88 25.37 36.22
N ALA D 209 -13.30 24.20 35.94
CA ALA D 209 -14.06 23.00 35.58
C ALA D 209 -15.24 23.30 34.63
N GLY D 210 -14.93 23.96 33.53
CA GLY D 210 -15.93 24.23 32.48
C GLY D 210 -16.78 25.48 32.64
N ARG D 211 -16.74 26.10 33.82
CA ARG D 211 -17.50 27.32 34.08
C ARG D 211 -16.57 28.54 34.05
N VAL D 212 -17.13 29.71 33.75
CA VAL D 212 -16.42 30.97 33.92
C VAL D 212 -16.52 31.38 35.38
N ALA D 213 -15.38 31.45 36.07
CA ALA D 213 -15.36 31.77 37.49
C ALA D 213 -15.42 33.27 37.73
N GLN D 214 -14.63 34.02 36.97
CA GLN D 214 -14.61 35.47 37.04
C GLN D 214 -13.97 36.08 35.80
N VAL D 215 -14.43 37.27 35.42
CA VAL D 215 -13.85 38.07 34.35
C VAL D 215 -13.50 39.45 34.92
N GLY D 216 -12.25 39.87 34.74
CA GLY D 216 -11.83 41.19 35.20
C GLY D 216 -10.43 41.61 34.82
N LYS D 217 -10.12 42.88 35.09
CA LYS D 217 -8.77 43.43 34.91
C LYS D 217 -7.79 42.70 35.84
N PRO D 218 -6.49 42.63 35.45
CA PRO D 218 -5.48 41.93 36.24
C PRO D 218 -5.51 42.25 37.74
N LEU D 219 -5.40 43.53 38.08
CA LEU D 219 -5.41 43.98 39.47
C LEU D 219 -6.75 43.75 40.19
N GLU D 220 -7.84 43.88 39.44
CA GLU D 220 -9.18 43.58 39.97
C GLU D 220 -9.27 42.14 40.49
N LEU D 221 -8.77 41.17 39.70
CA LEU D 221 -8.77 39.77 40.13
C LEU D 221 -7.84 39.49 41.29
N TYR D 222 -6.70 40.18 41.32
CA TYR D 222 -5.70 40.03 42.36
C TYR D 222 -6.20 40.57 43.70
N HIS D 223 -6.67 41.82 43.71
CA HIS D 223 -7.18 42.46 44.92
C HIS D 223 -8.58 41.99 45.31
N TYR D 224 -9.43 41.73 44.33
CA TYR D 224 -10.85 41.46 44.59
C TYR D 224 -11.36 40.17 43.95
N PRO D 225 -10.80 39.01 44.32
CA PRO D 225 -11.32 37.76 43.79
C PRO D 225 -12.74 37.52 44.31
N ALA D 226 -13.61 37.00 43.44
CA ALA D 226 -15.04 36.87 43.75
C ALA D 226 -15.40 35.60 44.49
N ASP D 227 -14.47 34.65 44.54
CA ASP D 227 -14.64 33.43 45.31
C ASP D 227 -13.31 32.80 45.73
N ARG D 228 -13.38 31.74 46.53
CA ARG D 228 -12.21 31.07 47.08
C ARG D 228 -11.35 30.42 46.00
N PHE D 229 -11.99 29.88 44.97
CA PHE D 229 -11.25 29.30 43.84
C PHE D 229 -10.33 30.33 43.17
N VAL D 230 -10.91 31.46 42.76
CA VAL D 230 -10.17 32.51 42.06
C VAL D 230 -9.05 33.07 42.95
N ALA D 231 -9.38 33.35 44.21
CA ALA D 231 -8.41 33.80 45.20
C ALA D 231 -7.16 32.93 45.25
N GLY D 232 -7.37 31.62 45.31
CA GLY D 232 -6.28 30.66 45.36
C GLY D 232 -5.64 30.35 44.03
N PHE D 233 -6.24 30.82 42.94
CA PHE D 233 -5.67 30.57 41.62
C PHE D 233 -4.83 31.72 41.06
N ILE D 234 -5.29 32.96 41.23
CA ILE D 234 -4.52 34.11 40.80
C ILE D 234 -3.57 34.54 41.90
N GLY D 235 -2.28 34.52 41.59
CA GLY D 235 -1.21 34.79 42.54
C GLY D 235 -0.55 33.51 42.98
N SER D 236 0.78 33.47 42.86
CA SER D 236 1.57 32.30 43.18
C SER D 236 2.90 32.74 43.76
N PRO D 237 3.28 32.19 44.94
CA PRO D 237 2.60 31.19 45.78
C PRO D 237 1.18 31.55 46.21
N LYS D 238 0.37 30.51 46.37
CA LYS D 238 -1.07 30.55 46.69
C LYS D 238 -1.41 31.40 47.93
N MET D 239 -2.57 32.06 47.89
CA MET D 239 -3.16 32.68 49.09
C MET D 239 -3.25 31.64 50.22
N ASN D 240 -2.93 32.07 51.45
CA ASN D 240 -3.12 31.23 52.62
C ASN D 240 -4.58 31.29 53.05
N PHE D 241 -5.09 30.19 53.58
CA PHE D 241 -6.49 30.12 54.02
C PHE D 241 -6.59 29.58 55.44
N LEU D 242 -7.20 30.39 56.30
CA LEU D 242 -7.35 30.08 57.73
C LEU D 242 -8.84 30.02 58.08
N PRO D 243 -9.27 28.97 58.80
CA PRO D 243 -10.65 28.86 59.25
C PRO D 243 -10.95 29.81 60.43
N VAL D 244 -12.00 30.62 60.29
CA VAL D 244 -12.38 31.58 61.33
C VAL D 244 -13.88 31.49 61.63
N LYS D 245 -14.27 32.07 62.76
CA LYS D 245 -15.69 32.17 63.14
C LYS D 245 -16.11 33.64 63.24
N VAL D 246 -17.32 33.94 62.77
CA VAL D 246 -17.86 35.30 62.83
C VAL D 246 -18.41 35.59 64.22
N THR D 247 -17.95 36.68 64.81
CA THR D 247 -18.39 37.08 66.16
C THR D 247 -19.33 38.29 66.17
N ALA D 248 -19.21 39.15 65.16
CA ALA D 248 -20.09 40.32 64.99
C ALA D 248 -20.05 40.84 63.56
N THR D 249 -21.09 41.57 63.15
CA THR D 249 -21.16 42.19 61.83
C THR D 249 -21.60 43.66 61.88
N ALA D 250 -21.09 44.44 60.93
CA ALA D 250 -21.63 45.75 60.60
C ALA D 250 -21.89 45.70 59.10
N ILE D 251 -22.62 46.66 58.54
CA ILE D 251 -22.83 46.68 57.08
C ILE D 251 -21.47 46.75 56.39
N ASP D 252 -20.52 47.33 57.13
CA ASP D 252 -19.26 47.84 56.64
C ASP D 252 -18.11 46.89 56.93
N GLN D 253 -18.32 45.97 57.85
CA GLN D 253 -17.23 45.12 58.34
C GLN D 253 -17.72 43.83 59.01
N VAL D 254 -16.79 42.88 59.17
CA VAL D 254 -17.09 41.61 59.81
C VAL D 254 -16.01 41.34 60.86
N GLN D 255 -16.45 40.98 62.05
CA GLN D 255 -15.52 40.61 63.11
C GLN D 255 -15.37 39.09 63.15
N VAL D 256 -14.14 38.64 63.04
CA VAL D 256 -13.87 37.20 63.06
C VAL D 256 -12.93 36.81 64.19
N GLU D 257 -13.06 35.56 64.64
CA GLU D 257 -12.19 35.01 65.66
C GLU D 257 -11.20 34.03 65.04
N LEU D 258 -9.91 34.32 65.20
CA LEU D 258 -8.83 33.43 64.76
C LEU D 258 -8.84 32.11 65.53
N PRO D 259 -8.46 31.00 64.86
CA PRO D 259 -8.62 29.66 65.43
C PRO D 259 -7.61 29.29 66.54
N MET D 260 -6.56 30.08 66.68
CA MET D 260 -5.53 29.86 67.71
C MET D 260 -6.14 29.78 69.11
N PRO D 261 -5.49 29.06 70.04
CA PRO D 261 -5.95 28.94 71.43
C PRO D 261 -6.35 30.26 72.11
N ASN D 262 -5.66 31.35 71.78
CA ASN D 262 -5.98 32.66 72.37
C ASN D 262 -7.23 33.34 71.79
N ARG D 263 -7.70 32.83 70.66
CA ARG D 263 -8.95 33.27 70.04
C ARG D 263 -9.03 34.78 69.81
N GLN D 264 -8.00 35.32 69.19
CA GLN D 264 -7.89 36.76 68.93
C GLN D 264 -8.94 37.21 67.92
N GLN D 265 -9.48 38.41 68.15
CA GLN D 265 -10.57 38.93 67.33
C GLN D 265 -10.16 40.15 66.52
N VAL D 266 -10.62 40.19 65.27
CA VAL D 266 -10.22 41.25 64.35
C VAL D 266 -11.40 41.70 63.47
N TRP D 267 -11.55 43.01 63.34
CA TRP D 267 -12.51 43.60 62.42
C TRP D 267 -11.90 43.71 61.03
N LEU D 268 -12.58 43.12 60.04
CA LEU D 268 -12.13 43.17 58.65
C LEU D 268 -13.03 44.10 57.83
N PRO D 269 -12.42 45.02 57.05
CA PRO D 269 -13.20 45.91 56.16
C PRO D 269 -13.76 45.14 54.96
N VAL D 270 -14.79 44.33 55.24
CA VAL D 270 -15.40 43.42 54.29
C VAL D 270 -16.92 43.48 54.46
N GLU D 271 -17.67 43.29 53.35
CA GLU D 271 -19.14 43.35 53.40
C GLU D 271 -19.68 42.22 54.27
N SER D 272 -20.80 42.48 54.94
CA SER D 272 -21.44 41.49 55.79
C SER D 272 -22.71 40.86 55.18
N ARG D 273 -23.01 41.24 53.94
CA ARG D 273 -24.11 40.61 53.20
C ARG D 273 -24.03 39.09 53.30
N ASP D 274 -25.11 38.48 53.79
CA ASP D 274 -25.20 37.03 53.97
C ASP D 274 -24.04 36.49 54.81
N VAL D 275 -23.73 37.18 55.90
CA VAL D 275 -22.75 36.72 56.88
C VAL D 275 -23.43 36.69 58.25
N GLN D 276 -23.58 35.49 58.81
CA GLN D 276 -24.22 35.30 60.11
C GLN D 276 -23.19 35.16 61.22
N VAL D 277 -23.51 35.68 62.40
CA VAL D 277 -22.73 35.44 63.62
C VAL D 277 -22.73 33.95 63.93
N GLY D 278 -21.54 33.38 64.07
CA GLY D 278 -21.39 31.95 64.35
C GLY D 278 -20.99 31.10 63.15
N ALA D 279 -21.13 31.66 61.94
CA ALA D 279 -20.80 30.95 60.72
C ALA D 279 -19.31 30.64 60.60
N ASN D 280 -19.00 29.55 59.90
CA ASN D 280 -17.62 29.15 59.66
C ASN D 280 -17.17 29.65 58.30
N MET D 281 -16.15 30.50 58.30
CA MET D 281 -15.68 31.17 57.09
C MET D 281 -14.23 30.81 56.83
N SER D 282 -13.71 31.31 55.71
CA SER D 282 -12.32 31.12 55.38
C SER D 282 -11.67 32.48 55.24
N LEU D 283 -10.65 32.74 56.04
CA LEU D 283 -9.89 33.97 55.92
C LEU D 283 -8.75 33.75 54.94
N GLY D 284 -8.60 34.68 54.00
CA GLY D 284 -7.50 34.61 53.03
C GLY D 284 -6.49 35.70 53.24
N ILE D 285 -5.21 35.34 53.16
CA ILE D 285 -4.11 36.30 53.26
C ILE D 285 -2.90 35.85 52.42
N ARG D 286 -2.45 36.71 51.52
CA ARG D 286 -1.38 36.39 50.60
C ARG D 286 -0.02 36.40 51.30
N PRO D 287 0.89 35.48 50.92
CA PRO D 287 2.24 35.43 51.46
C PRO D 287 2.97 36.79 51.45
N GLU D 288 2.81 37.57 50.38
CA GLU D 288 3.45 38.90 50.26
C GLU D 288 2.83 39.94 51.18
N HIS D 289 1.60 39.69 51.62
CA HIS D 289 0.85 40.69 52.40
C HIS D 289 1.01 40.54 53.90
N LEU D 290 1.51 39.38 54.32
CA LEU D 290 1.84 39.14 55.72
C LEU D 290 3.01 40.06 56.10
N LEU D 291 2.96 40.57 57.32
CA LEU D 291 3.93 41.57 57.80
C LEU D 291 4.96 40.95 58.73
N PRO D 292 6.15 41.58 58.84
CA PRO D 292 7.09 41.21 59.91
C PRO D 292 6.46 41.49 61.28
N SER D 293 6.73 40.61 62.25
CA SER D 293 6.08 40.63 63.56
C SER D 293 6.18 41.96 64.33
N ASP D 294 7.27 42.69 64.14
CA ASP D 294 7.55 43.91 64.90
C ASP D 294 6.61 45.09 64.57
N ILE D 295 5.96 45.04 63.42
CA ILE D 295 5.07 46.13 62.99
C ILE D 295 3.61 45.70 62.82
N ALA D 296 3.16 44.75 63.65
CA ALA D 296 1.81 44.19 63.52
C ALA D 296 1.04 44.10 64.83
N ASP D 297 -0.27 44.30 64.75
CA ASP D 297 -1.18 44.14 65.89
C ASP D 297 -1.58 42.68 66.10
N VAL D 298 -1.92 42.01 65.01
CA VAL D 298 -2.33 40.61 65.07
C VAL D 298 -1.13 39.71 64.75
N ILE D 299 -0.74 38.91 65.72
CA ILE D 299 0.48 38.10 65.63
C ILE D 299 0.16 36.62 65.49
N LEU D 300 0.73 36.00 64.46
CA LEU D 300 0.63 34.56 64.25
C LEU D 300 2.01 33.94 64.44
N GLU D 301 2.09 32.97 65.36
CA GLU D 301 3.37 32.36 65.72
C GLU D 301 3.31 30.85 65.55
N GLY D 302 4.37 30.29 64.97
CA GLY D 302 4.45 28.85 64.75
C GLY D 302 5.86 28.34 64.51
N GLU D 303 5.95 27.11 64.00
CA GLU D 303 7.23 26.45 63.76
C GLU D 303 7.55 26.37 62.27
N VAL D 304 8.80 26.68 61.92
CA VAL D 304 9.27 26.64 60.54
C VAL D 304 9.39 25.20 60.04
N GLN D 305 8.73 24.92 58.92
CA GLN D 305 8.75 23.59 58.31
C GLN D 305 9.64 23.53 57.08
N VAL D 306 9.49 24.52 56.20
CA VAL D 306 10.22 24.56 54.94
C VAL D 306 10.76 25.97 54.69
N VAL D 307 12.00 26.03 54.23
CA VAL D 307 12.64 27.29 53.85
C VAL D 307 13.10 27.13 52.41
N GLU D 308 12.63 28.03 51.54
CA GLU D 308 13.05 28.01 50.15
C GLU D 308 13.82 29.27 49.79
N GLN D 309 15.08 29.09 49.39
CA GLN D 309 15.97 30.19 49.04
C GLN D 309 15.93 30.42 47.53
N LEU D 310 15.47 31.60 47.14
CA LEU D 310 15.22 31.93 45.73
C LEU D 310 16.17 32.99 45.19
N GLY D 311 17.08 33.46 46.04
CA GLY D 311 18.05 34.48 45.67
C GLY D 311 17.54 35.88 45.98
N ASN D 312 16.52 36.30 45.23
CA ASN D 312 15.86 37.59 45.45
C ASN D 312 15.02 37.62 46.71
N GLU D 313 14.56 36.45 47.15
CA GLU D 313 13.64 36.34 48.27
C GLU D 313 13.72 34.98 48.96
N THR D 314 13.14 34.90 50.15
CA THR D 314 13.07 33.68 50.94
C THR D 314 11.62 33.36 51.24
N GLN D 315 11.20 32.13 50.94
CA GLN D 315 9.84 31.70 51.23
C GLN D 315 9.85 30.70 52.38
N ILE D 316 9.15 31.07 53.45
CA ILE D 316 9.17 30.35 54.71
C ILE D 316 7.79 29.77 54.96
N HIS D 317 7.74 28.45 55.13
CA HIS D 317 6.51 27.72 55.44
C HIS D 317 6.46 27.52 56.95
N ILE D 318 5.38 27.99 57.57
CA ILE D 318 5.25 27.97 59.03
C ILE D 318 3.99 27.21 59.44
N GLN D 319 4.19 26.22 60.32
CA GLN D 319 3.08 25.46 60.89
C GLN D 319 2.59 26.14 62.16
N ILE D 320 1.32 26.54 62.15
CA ILE D 320 0.71 27.22 63.28
C ILE D 320 -0.31 26.31 63.95
N PRO D 321 -0.21 26.15 65.29
CA PRO D 321 -1.16 25.35 66.07
C PRO D 321 -2.63 25.65 65.75
N SER D 322 -3.43 24.59 65.62
CA SER D 322 -4.86 24.66 65.29
C SER D 322 -5.15 25.13 63.86
N ILE D 323 -4.17 25.00 62.98
CA ILE D 323 -4.34 25.22 61.53
C ILE D 323 -3.65 24.08 60.78
N ARG D 324 -4.44 23.30 60.03
CA ARG D 324 -3.95 22.13 59.30
C ARG D 324 -2.85 22.48 58.29
N GLN D 325 -3.17 23.40 57.38
CA GLN D 325 -2.23 23.77 56.30
C GLN D 325 -1.20 24.76 56.79
N ASN D 326 0.05 24.55 56.38
CA ASN D 326 1.13 25.50 56.68
C ASN D 326 0.84 26.87 56.09
N LEU D 327 1.27 27.91 56.81
CA LEU D 327 1.20 29.27 56.29
C LEU D 327 2.49 29.60 55.56
N VAL D 328 2.36 30.16 54.36
CA VAL D 328 3.53 30.53 53.57
C VAL D 328 3.77 32.04 53.67
N TYR D 329 5.03 32.40 53.91
CA TYR D 329 5.43 33.78 54.08
C TYR D 329 6.58 34.14 53.15
N ARG D 330 6.43 35.25 52.43
CA ARG D 330 7.48 35.72 51.53
C ARG D 330 8.26 36.86 52.16
N GLN D 331 9.59 36.74 52.09
CA GLN D 331 10.51 37.69 52.70
C GLN D 331 11.53 38.14 51.67
N ASN D 332 11.75 39.45 51.57
CA ASN D 332 12.76 40.01 50.69
C ASN D 332 14.17 39.52 51.05
N ASP D 333 15.00 39.29 50.04
CA ASP D 333 16.42 38.93 50.21
C ASP D 333 16.64 37.52 50.81
N VAL D 334 17.91 37.20 51.09
CA VAL D 334 18.27 35.91 51.68
C VAL D 334 18.08 35.96 53.21
N VAL D 335 17.15 35.14 53.71
CA VAL D 335 16.90 35.05 55.14
C VAL D 335 17.26 33.66 55.64
N LEU D 336 18.27 33.58 56.50
CA LEU D 336 18.76 32.30 56.99
C LEU D 336 18.03 31.85 58.25
N VAL D 337 16.94 31.11 58.05
CA VAL D 337 16.14 30.56 59.14
C VAL D 337 16.26 29.04 59.11
N GLU D 338 16.37 28.44 60.29
CA GLU D 338 16.45 26.98 60.41
C GLU D 338 15.06 26.37 60.48
N GLU D 339 14.94 25.13 60.02
CA GLU D 339 13.75 24.33 60.23
C GLU D 339 13.64 24.00 61.72
N GLY D 340 12.44 24.16 62.26
CA GLY D 340 12.21 23.91 63.69
C GLY D 340 12.14 25.19 64.52
N ALA D 341 12.72 26.26 63.99
CA ALA D 341 12.76 27.55 64.68
C ALA D 341 11.37 28.15 64.82
N THR D 342 11.13 28.83 65.94
CA THR D 342 9.90 29.57 66.16
C THR D 342 9.94 30.86 65.33
N PHE D 343 8.82 31.15 64.66
CA PHE D 343 8.74 32.29 63.75
C PHE D 343 7.37 32.98 63.88
N ALA D 344 7.40 34.31 63.94
CA ALA D 344 6.19 35.10 64.07
C ALA D 344 6.01 36.05 62.89
N ILE D 345 4.75 36.25 62.49
CA ILE D 345 4.40 37.21 61.43
C ILE D 345 3.09 37.95 61.73
N GLY D 346 2.88 39.06 61.02
CA GLY D 346 1.72 39.91 61.22
C GLY D 346 0.60 39.69 60.23
N LEU D 347 -0.63 39.76 60.73
CA LEU D 347 -1.85 39.54 59.96
C LEU D 347 -2.60 40.89 59.85
N PRO D 348 -2.43 41.60 58.72
CA PRO D 348 -3.03 42.93 58.54
C PRO D 348 -4.51 42.87 58.11
N PRO D 349 -5.42 43.39 58.95
CA PRO D 349 -6.88 43.33 58.72
C PRO D 349 -7.34 43.75 57.32
N GLU D 350 -6.83 44.88 56.81
CA GLU D 350 -7.33 45.42 55.54
C GLU D 350 -6.96 44.63 54.28
N ARG D 351 -5.91 43.81 54.36
CA ARG D 351 -5.49 42.96 53.24
C ARG D 351 -6.06 41.54 53.34
N CYS D 352 -6.94 41.31 54.31
CA CYS D 352 -7.55 39.99 54.50
C CYS D 352 -8.78 39.77 53.64
N HIS D 353 -8.86 38.59 53.03
CA HIS D 353 -10.05 38.20 52.30
C HIS D 353 -10.93 37.33 53.18
N LEU D 354 -12.21 37.25 52.86
CA LEU D 354 -13.15 36.44 53.61
C LEU D 354 -14.13 35.77 52.69
N PHE D 355 -14.29 34.46 52.89
CA PHE D 355 -15.13 33.63 52.03
C PHE D 355 -16.15 32.88 52.85
N ARG D 356 -17.38 32.87 52.35
CA ARG D 356 -18.51 32.21 52.99
C ARG D 356 -18.38 30.69 52.84
N GLU D 357 -19.28 29.96 53.48
CA GLU D 357 -19.28 28.49 53.41
C GLU D 357 -19.32 28.00 51.95
N ASP D 358 -20.18 28.64 51.16
CA ASP D 358 -20.35 28.28 49.74
C ASP D 358 -19.16 28.70 48.86
N GLY D 359 -18.19 29.40 49.45
CA GLY D 359 -16.97 29.78 48.74
C GLY D 359 -16.94 31.19 48.19
N THR D 360 -18.10 31.86 48.12
CA THR D 360 -18.17 33.22 47.59
C THR D 360 -17.47 34.24 48.50
N ALA D 361 -16.83 35.23 47.90
CA ALA D 361 -16.09 36.24 48.64
C ALA D 361 -17.01 37.31 49.24
N CYS D 362 -16.79 37.61 50.52
CA CYS D 362 -17.33 38.81 51.14
C CYS D 362 -16.54 39.98 50.57
N ARG D 363 -17.17 40.74 49.68
CA ARG D 363 -16.48 41.80 48.93
C ARG D 363 -15.65 42.71 49.84
N ARG D 364 -14.35 42.81 49.52
CA ARG D 364 -13.43 43.69 50.25
C ARG D 364 -13.79 45.16 50.03
N LEU D 365 -13.75 45.94 51.10
CA LEU D 365 -14.12 47.35 51.04
C LEU D 365 -12.94 48.31 51.19
N HIS D 366 -11.79 47.78 51.64
CA HIS D 366 -10.56 48.55 51.62
C HIS D 366 -10.21 48.91 50.18
N LYS D 367 -9.99 50.20 49.93
CA LYS D 367 -9.61 50.64 48.60
C LYS D 367 -8.14 50.40 48.34
N GLU D 368 -7.86 49.59 47.33
CA GLU D 368 -6.50 49.24 46.98
C GLU D 368 -6.06 49.99 45.71
N PRO D 369 -4.84 50.57 45.71
CA PRO D 369 -4.35 51.38 44.58
C PRO D 369 -4.21 50.59 43.28
N GLY D 370 -4.59 51.23 42.16
CA GLY D 370 -4.50 50.62 40.84
C GLY D 370 -5.81 50.06 40.31
N VAL D 371 -6.88 50.20 41.10
CA VAL D 371 -8.21 49.72 40.74
C VAL D 371 -9.23 50.86 40.83
N ALA D 372 -9.97 51.07 39.74
CA ALA D 372 -10.98 52.13 39.67
C ALA D 372 -12.30 51.71 40.34
N ALA E 2 22.49 5.29 39.93
CA ALA E 2 23.91 5.18 39.52
C ALA E 2 24.52 6.55 39.31
N SER E 3 25.84 6.66 39.47
CA SER E 3 26.54 7.90 39.17
C SER E 3 26.55 8.11 37.65
N VAL E 4 26.79 9.35 37.24
CA VAL E 4 26.82 9.68 35.81
C VAL E 4 28.02 10.59 35.59
N GLN E 5 28.96 10.15 34.77
CA GLN E 5 30.12 10.97 34.45
C GLN E 5 30.24 11.20 32.94
N LEU E 6 30.37 12.47 32.58
CA LEU E 6 30.61 12.86 31.20
C LEU E 6 32.03 13.39 31.12
N GLN E 7 32.83 12.80 30.24
CA GLN E 7 34.23 13.20 30.10
C GLN E 7 34.51 13.63 28.68
N ASN E 8 34.78 14.92 28.52
CA ASN E 8 34.99 15.56 27.21
C ASN E 8 33.92 15.22 26.16
N VAL E 9 32.67 15.12 26.58
CA VAL E 9 31.58 14.75 25.68
C VAL E 9 31.29 15.87 24.67
N THR E 10 31.38 15.51 23.40
CA THR E 10 31.16 16.44 22.29
C THR E 10 30.11 15.89 21.34
N LYS E 11 29.25 16.78 20.86
CA LYS E 11 28.21 16.43 19.90
C LYS E 11 28.24 17.38 18.71
N ALA E 12 28.28 16.81 17.52
CA ALA E 12 28.22 17.57 16.28
C ALA E 12 27.21 16.96 15.32
N TRP E 13 26.35 17.81 14.76
CA TRP E 13 25.48 17.42 13.66
C TRP E 13 26.13 17.93 12.39
N GLY E 14 27.03 17.13 11.83
CA GLY E 14 27.86 17.58 10.71
C GLY E 14 28.91 18.54 11.22
N GLU E 15 28.71 19.83 10.94
CA GLU E 15 29.66 20.85 11.38
C GLU E 15 28.98 21.95 12.21
N VAL E 16 27.84 21.61 12.78
CA VAL E 16 27.19 22.43 13.80
C VAL E 16 27.40 21.76 15.16
N VAL E 17 28.26 22.36 15.98
CA VAL E 17 28.63 21.78 17.27
C VAL E 17 27.60 22.15 18.35
N VAL E 18 26.93 21.14 18.89
CA VAL E 18 25.83 21.32 19.85
C VAL E 18 26.27 21.11 21.30
N SER E 19 27.24 20.21 21.50
CA SER E 19 27.88 20.01 22.79
C SER E 19 29.38 20.08 22.58
N LYS E 20 30.05 20.89 23.40
CA LYS E 20 31.46 21.15 23.21
C LYS E 20 32.26 20.85 24.49
N ASP E 21 32.99 19.73 24.46
CA ASP E 21 33.93 19.35 25.51
C ASP E 21 33.28 19.36 26.91
N ILE E 22 32.13 18.71 27.03
CA ILE E 22 31.38 18.71 28.28
C ILE E 22 31.98 17.76 29.32
N ASN E 23 32.27 18.33 30.49
CA ASN E 23 32.78 17.59 31.62
C ASN E 23 31.89 17.74 32.84
N LEU E 24 31.22 16.65 33.22
CA LEU E 24 30.33 16.64 34.37
C LEU E 24 30.48 15.38 35.21
N ASP E 25 30.46 15.57 36.53
CA ASP E 25 30.53 14.45 37.48
C ASP E 25 29.30 14.48 38.38
N ILE E 26 28.30 13.68 38.03
CA ILE E 26 27.08 13.59 38.82
C ILE E 26 27.16 12.37 39.73
N HIS E 27 27.24 12.64 41.04
CA HIS E 27 27.37 11.58 42.04
C HIS E 27 26.05 10.84 42.24
N GLU E 28 26.14 9.61 42.75
CA GLU E 28 24.97 8.78 43.00
C GLU E 28 24.00 9.44 43.98
N GLY E 29 22.74 9.53 43.58
CA GLY E 29 21.68 10.11 44.40
C GLY E 29 21.64 11.63 44.42
N GLU E 30 22.41 12.26 43.55
CA GLU E 30 22.47 13.71 43.46
C GLU E 30 21.37 14.25 42.55
N PHE E 31 20.77 15.37 42.94
CA PHE E 31 19.73 16.01 42.13
C PHE E 31 20.34 17.15 41.32
N VAL E 32 20.55 16.90 40.05
CA VAL E 32 21.16 17.91 39.19
C VAL E 32 20.14 18.48 38.21
N VAL E 33 20.07 19.81 38.14
CA VAL E 33 19.23 20.46 37.14
C VAL E 33 20.08 21.19 36.10
N PHE E 34 19.72 20.96 34.83
CA PHE E 34 20.33 21.64 33.70
C PHE E 34 19.48 22.84 33.37
N VAL E 35 20.12 23.99 33.23
CA VAL E 35 19.45 25.21 32.75
C VAL E 35 20.26 25.82 31.60
N GLY E 36 19.62 26.68 30.82
CA GLY E 36 20.26 27.32 29.68
C GLY E 36 19.25 27.82 28.66
N PRO E 37 19.68 28.73 27.76
CA PRO E 37 18.77 29.30 26.77
C PRO E 37 18.16 28.24 25.87
N SER E 38 16.97 28.53 25.34
CA SER E 38 16.33 27.66 24.36
C SER E 38 17.31 27.38 23.23
N GLY E 39 17.68 26.10 23.07
CA GLY E 39 18.59 25.67 22.01
C GLY E 39 20.07 25.59 22.37
N CYS E 40 20.38 25.59 23.67
CA CYS E 40 21.78 25.56 24.13
C CYS E 40 22.37 24.15 24.17
N GLY E 41 21.50 23.14 24.20
CA GLY E 41 21.93 21.73 24.18
C GLY E 41 21.51 20.86 25.35
N LYS E 42 20.43 21.24 26.06
CA LYS E 42 19.99 20.53 27.26
C LYS E 42 19.43 19.14 26.95
N SER E 43 18.41 19.09 26.08
CA SER E 43 17.83 17.83 25.64
C SER E 43 18.84 16.90 24.96
N THR E 44 19.70 17.47 24.11
CA THR E 44 20.76 16.71 23.45
C THR E 44 21.60 15.97 24.48
N LEU E 45 22.04 16.67 25.52
CA LEU E 45 22.80 16.07 26.62
C LEU E 45 22.03 14.92 27.26
N LEU E 46 20.77 15.20 27.61
CA LEU E 46 19.88 14.22 28.20
C LEU E 46 19.75 12.96 27.32
N ARG E 47 19.61 13.18 26.02
CA ARG E 47 19.42 12.11 25.03
C ARG E 47 20.70 11.33 24.74
N MET E 48 21.86 11.98 24.91
CA MET E 48 23.15 11.30 24.82
C MET E 48 23.35 10.40 26.04
N ILE E 49 22.91 10.88 27.21
CA ILE E 49 22.91 10.05 28.41
C ILE E 49 21.97 8.85 28.25
N ALA E 50 20.78 9.10 27.69
CA ALA E 50 19.77 8.06 27.45
C ALA E 50 20.22 7.04 26.40
N GLY E 51 21.00 7.50 25.43
CA GLY E 51 21.43 6.67 24.31
C GLY E 51 20.52 6.81 23.09
N LEU E 52 19.64 7.80 23.15
CA LEU E 52 18.74 8.09 22.03
C LEU E 52 19.47 8.92 20.97
N GLU E 53 20.64 9.43 21.33
CA GLU E 53 21.48 10.20 20.43
CA GLU E 53 21.49 10.17 20.41
C GLU E 53 22.94 9.76 20.58
N THR E 54 23.66 9.68 19.47
CA THR E 54 25.07 9.25 19.50
C THR E 54 25.99 10.33 20.07
N ILE E 55 27.12 9.88 20.61
CA ILE E 55 28.17 10.78 21.10
C ILE E 55 29.27 10.85 20.06
N THR E 56 29.59 12.05 19.61
CA THR E 56 30.61 12.24 18.58
C THR E 56 31.99 11.83 19.08
N SER E 57 32.42 12.43 20.18
CA SER E 57 33.68 12.06 20.84
C SER E 57 33.58 12.27 22.36
N GLY E 58 34.50 11.66 23.10
CA GLY E 58 34.45 11.69 24.56
C GLY E 58 33.75 10.46 25.13
N ASP E 59 33.63 10.43 26.46
CA ASP E 59 33.15 9.22 27.15
C ASP E 59 32.01 9.50 28.13
N LEU E 60 31.04 8.60 28.12
CA LEU E 60 29.95 8.61 29.08
C LEU E 60 30.03 7.35 29.95
N PHE E 61 29.99 7.55 31.26
CA PHE E 61 29.91 6.46 32.21
C PHE E 61 28.63 6.56 33.03
N ILE E 62 27.97 5.41 33.24
CA ILE E 62 26.86 5.30 34.17
C ILE E 62 27.13 4.11 35.08
N GLY E 63 27.26 4.39 36.38
CA GLY E 63 27.60 3.38 37.37
C GLY E 63 28.89 2.61 37.10
N GLU E 64 29.95 3.33 36.72
CA GLU E 64 31.28 2.73 36.49
C GLU E 64 31.31 1.72 35.33
N LYS E 65 30.58 2.05 34.26
CA LYS E 65 30.55 1.28 33.02
C LYS E 65 30.40 2.27 31.86
N ARG E 66 31.28 2.15 30.87
CA ARG E 66 31.25 3.01 29.69
C ARG E 66 30.03 2.69 28.82
N MET E 67 29.22 3.71 28.57
CA MET E 67 27.88 3.52 27.99
C MET E 67 27.72 3.99 26.54
N ASN E 68 28.75 4.63 25.97
CA ASN E 68 28.67 5.18 24.61
C ASN E 68 28.01 4.25 23.58
N ASP E 69 28.37 2.96 23.64
CA ASP E 69 27.95 1.97 22.65
C ASP E 69 26.85 1.04 23.17
N THR E 70 26.31 1.35 24.34
CA THR E 70 25.29 0.51 24.96
C THR E 70 23.88 0.94 24.50
N PRO E 71 23.08 -0.03 23.99
CA PRO E 71 21.69 0.23 23.58
C PRO E 71 20.89 0.88 24.71
N PRO E 72 20.07 1.91 24.38
CA PRO E 72 19.36 2.74 25.35
C PRO E 72 18.60 1.96 26.43
N ALA E 73 17.94 0.86 26.03
CA ALA E 73 17.16 0.04 26.97
C ALA E 73 18.01 -0.71 27.99
N GLU E 74 19.33 -0.74 27.78
CA GLU E 74 20.24 -1.48 28.65
C GLU E 74 21.01 -0.58 29.62
N ARG E 75 20.68 0.71 29.64
CA ARG E 75 21.45 1.69 30.41
C ARG E 75 20.95 1.93 31.84
N GLY E 76 19.77 1.43 32.16
CA GLY E 76 19.16 1.66 33.48
C GLY E 76 18.62 3.07 33.66
N VAL E 77 18.11 3.65 32.58
CA VAL E 77 17.54 4.99 32.62
C VAL E 77 16.06 5.02 32.21
N GLY E 78 15.38 6.08 32.62
CA GLY E 78 14.02 6.37 32.19
C GLY E 78 13.98 7.84 31.84
N MET E 79 13.07 8.23 30.96
CA MET E 79 12.96 9.63 30.59
C MET E 79 11.53 10.13 30.49
N VAL E 80 11.29 11.30 31.08
CA VAL E 80 10.13 12.11 30.76
C VAL E 80 10.51 13.01 29.58
N PHE E 81 10.02 12.64 28.41
CA PHE E 81 10.31 13.36 27.16
C PHE E 81 9.70 14.75 27.14
N GLN E 82 10.42 15.68 26.53
CA GLN E 82 9.94 17.05 26.34
C GLN E 82 8.62 17.08 25.56
N SER E 83 8.50 16.23 24.55
CA SER E 83 7.25 16.15 23.78
C SER E 83 6.41 14.92 24.17
N TYR E 84 6.65 14.40 25.37
CA TYR E 84 5.86 13.34 26.02
C TYR E 84 6.05 11.97 25.42
N ALA E 85 5.86 11.85 24.10
CA ALA E 85 5.96 10.59 23.37
C ALA E 85 5.10 9.47 23.98
N LEU E 86 3.81 9.76 24.16
CA LEU E 86 2.88 8.76 24.71
C LEU E 86 2.50 7.70 23.67
N TYR E 87 2.14 6.51 24.15
CA TYR E 87 1.63 5.46 23.27
C TYR E 87 0.15 5.74 22.96
N PRO E 88 -0.17 6.07 21.68
CA PRO E 88 -1.52 6.52 21.32
C PRO E 88 -2.58 5.41 21.34
N HIS E 89 -2.15 4.16 21.21
CA HIS E 89 -3.06 3.01 21.19
C HIS E 89 -3.35 2.43 22.58
N LEU E 90 -2.69 2.99 23.59
CA LEU E 90 -2.85 2.52 24.95
C LEU E 90 -3.42 3.64 25.84
N SER E 91 -4.21 3.24 26.84
CA SER E 91 -4.80 4.18 27.78
C SER E 91 -3.75 4.77 28.72
N VAL E 92 -4.18 5.72 29.56
CA VAL E 92 -3.33 6.29 30.61
C VAL E 92 -2.72 5.20 31.52
N ALA E 93 -3.59 4.32 32.03
CA ALA E 93 -3.17 3.22 32.90
C ALA E 93 -2.13 2.33 32.23
N GLU E 94 -2.37 2.00 30.97
CA GLU E 94 -1.47 1.13 30.19
C GLU E 94 -0.15 1.82 29.84
N ASN E 95 -0.21 3.13 29.57
CA ASN E 95 0.99 3.92 29.38
C ASN E 95 1.85 3.90 30.64
N MET E 96 1.21 4.14 31.77
CA MET E 96 1.91 4.25 33.05
C MET E 96 2.49 2.92 33.54
N SER E 97 1.84 1.81 33.21
CA SER E 97 2.27 0.50 33.67
C SER E 97 3.17 -0.25 32.67
N PHE E 98 3.44 0.37 31.52
CA PHE E 98 4.17 -0.29 30.43
C PHE E 98 5.57 -0.78 30.80
N GLY E 99 6.33 0.03 31.53
CA GLY E 99 7.67 -0.34 31.98
C GLY E 99 7.65 -1.53 32.91
N LEU E 100 6.78 -1.47 33.91
CA LEU E 100 6.63 -2.55 34.90
C LEU E 100 6.16 -3.89 34.33
N LYS E 101 5.30 -3.84 33.31
CA LYS E 101 4.84 -5.06 32.63
C LYS E 101 5.98 -5.74 31.87
N LEU E 102 6.96 -4.94 31.45
CA LEU E 102 8.14 -5.44 30.75
C LEU E 102 9.17 -6.01 31.71
N ALA E 103 9.28 -5.39 32.89
CA ALA E 103 10.28 -5.77 33.89
C ALA E 103 9.93 -7.04 34.68
N GLY E 104 8.66 -7.42 34.66
CA GLY E 104 8.19 -8.58 35.44
C GLY E 104 6.78 -8.30 35.95
N ALA E 105 5.79 -8.68 35.15
CA ALA E 105 4.39 -8.34 35.40
C ALA E 105 3.86 -8.93 36.70
N LYS E 106 3.98 -8.15 37.78
CA LYS E 106 3.32 -8.46 39.05
C LYS E 106 2.03 -7.64 39.06
N LYS E 107 0.94 -8.26 38.60
CA LYS E 107 -0.33 -7.57 38.36
C LYS E 107 -0.84 -6.72 39.52
N GLU E 108 -0.75 -7.26 40.74
CA GLU E 108 -1.22 -6.56 41.93
C GLU E 108 -0.30 -5.40 42.31
N VAL E 109 1.01 -5.66 42.28
CA VAL E 109 2.03 -4.65 42.57
C VAL E 109 1.93 -3.47 41.59
N ILE E 110 1.71 -3.79 40.31
CA ILE E 110 1.58 -2.80 39.25
C ILE E 110 0.39 -1.88 39.49
N ASN E 111 -0.77 -2.48 39.80
CA ASN E 111 -1.98 -1.72 40.10
C ASN E 111 -1.83 -0.78 41.29
N GLN E 112 -1.18 -1.26 42.35
CA GLN E 112 -0.92 -0.46 43.54
C GLN E 112 -0.07 0.78 43.21
N ARG E 113 0.97 0.60 42.39
CA ARG E 113 1.86 1.70 42.05
C ARG E 113 1.24 2.69 41.07
N VAL E 114 0.50 2.17 40.08
CA VAL E 114 -0.19 3.03 39.13
C VAL E 114 -1.16 3.97 39.85
N ASN E 115 -1.98 3.41 40.73
CA ASN E 115 -2.94 4.19 41.51
C ASN E 115 -2.32 5.24 42.44
N GLN E 116 -1.25 4.85 43.13
CA GLN E 116 -0.54 5.77 44.02
C GLN E 116 0.08 6.94 43.25
N VAL E 117 0.67 6.64 42.09
CA VAL E 117 1.27 7.67 41.23
C VAL E 117 0.17 8.49 40.54
N ALA E 118 -0.91 7.83 40.11
CA ALA E 118 -2.00 8.52 39.43
C ALA E 118 -2.71 9.50 40.37
N GLU E 119 -2.79 9.13 41.65
CA GLU E 119 -3.39 9.99 42.66
C GLU E 119 -2.57 11.27 42.85
N VAL E 120 -1.26 11.12 43.02
CA VAL E 120 -0.39 12.28 43.24
C VAL E 120 -0.37 13.23 42.04
N LEU E 121 -0.43 12.69 40.83
CA LEU E 121 -0.44 13.50 39.60
C LEU E 121 -1.84 13.99 39.24
N GLN E 122 -2.83 13.58 40.03
CA GLN E 122 -4.24 13.96 39.84
C GLN E 122 -4.78 13.48 38.49
N LEU E 123 -4.44 12.24 38.16
CA LEU E 123 -4.84 11.59 36.92
C LEU E 123 -5.83 10.44 37.16
N ALA E 124 -6.13 10.15 38.43
CA ALA E 124 -6.89 8.96 38.82
C ALA E 124 -8.25 8.79 38.16
N HIS E 125 -8.85 9.91 37.73
CA HIS E 125 -10.16 9.92 37.09
C HIS E 125 -10.05 9.80 35.57
N LEU E 126 -8.83 9.65 35.06
CA LEU E 126 -8.56 9.65 33.62
C LEU E 126 -7.91 8.35 33.13
N LEU E 127 -7.82 7.36 34.02
CA LEU E 127 -7.08 6.11 33.74
C LEU E 127 -7.51 5.32 32.49
N ASP E 128 -8.79 5.39 32.13
CA ASP E 128 -9.30 4.69 30.95
C ASP E 128 -9.18 5.49 29.64
N ARG E 129 -8.69 6.72 29.73
CA ARG E 129 -8.58 7.60 28.56
C ARG E 129 -7.42 7.24 27.63
N LYS E 130 -7.65 7.41 26.32
CA LYS E 130 -6.55 7.41 25.36
C LYS E 130 -5.92 8.80 25.36
N PRO E 131 -4.62 8.92 24.99
CA PRO E 131 -3.94 10.21 24.99
C PRO E 131 -4.62 11.31 24.17
N LYS E 132 -5.27 10.96 23.07
CA LYS E 132 -5.97 11.97 22.25
C LYS E 132 -7.14 12.61 22.98
N ALA E 133 -7.68 11.92 23.99
CA ALA E 133 -8.82 12.42 24.77
C ALA E 133 -8.36 13.09 26.06
N LEU E 134 -7.26 13.84 25.98
CA LEU E 134 -6.63 14.49 27.12
C LEU E 134 -6.24 15.91 26.79
N SER E 135 -6.08 16.73 27.83
CA SER E 135 -5.50 18.06 27.69
C SER E 135 -3.97 17.97 27.57
N GLY E 136 -3.33 19.06 27.17
CA GLY E 136 -1.87 19.10 27.04
C GLY E 136 -1.10 18.83 28.32
N GLY E 137 -1.53 19.46 29.42
CA GLY E 137 -0.93 19.22 30.75
C GLY E 137 -1.28 17.87 31.36
N GLN E 138 -2.42 17.30 30.99
CA GLN E 138 -2.75 15.93 31.40
C GLN E 138 -1.82 14.93 30.73
N ARG E 139 -1.57 15.13 29.43
CA ARG E 139 -0.61 14.32 28.68
C ARG E 139 0.78 14.38 29.29
N GLN E 140 1.21 15.58 29.67
CA GLN E 140 2.51 15.78 30.31
C GLN E 140 2.65 14.93 31.57
N ARG E 141 1.58 14.88 32.36
CA ARG E 141 1.59 14.13 33.61
C ARG E 141 1.57 12.62 33.40
N VAL E 142 0.97 12.17 32.29
CA VAL E 142 1.05 10.76 31.90
C VAL E 142 2.52 10.40 31.62
N ALA E 143 3.22 11.29 30.92
CA ALA E 143 4.65 11.11 30.63
C ALA E 143 5.45 10.99 31.93
N ILE E 144 5.17 11.88 32.89
CA ILE E 144 5.78 11.82 34.22
C ILE E 144 5.47 10.50 34.90
N GLY E 145 4.19 10.16 34.96
CA GLY E 145 3.72 8.96 35.64
C GLY E 145 4.35 7.70 35.09
N ARG E 146 4.48 7.64 33.78
CA ARG E 146 5.07 6.49 33.11
C ARG E 146 6.48 6.23 33.65
N THR E 147 7.31 7.28 33.71
CA THR E 147 8.66 7.18 34.24
C THR E 147 8.69 6.88 35.75
N LEU E 148 7.88 7.61 36.53
CA LEU E 148 7.90 7.47 37.99
C LEU E 148 7.45 6.09 38.49
N VAL E 149 6.55 5.45 37.74
CA VAL E 149 6.09 4.10 38.06
C VAL E 149 7.19 3.05 37.88
N ALA E 150 8.00 3.22 36.84
CA ALA E 150 9.06 2.25 36.52
C ALA E 150 10.22 2.27 37.52
N GLU E 151 10.47 3.43 38.13
CA GLU E 151 11.57 3.63 39.08
C GLU E 151 12.95 3.21 38.53
N PRO E 152 13.43 3.89 37.46
CA PRO E 152 14.73 3.56 36.89
C PRO E 152 15.87 4.00 37.80
N SER E 153 17.07 3.47 37.58
CA SER E 153 18.23 3.81 38.41
C SER E 153 18.69 5.26 38.21
N VAL E 154 18.43 5.81 37.03
CA VAL E 154 18.71 7.22 36.74
C VAL E 154 17.46 7.84 36.11
N PHE E 155 16.94 8.89 36.75
CA PHE E 155 15.77 9.62 36.27
C PHE E 155 16.21 10.77 35.36
N LEU E 156 15.62 10.84 34.17
CA LEU E 156 15.86 11.97 33.28
C LEU E 156 14.51 12.67 33.02
N LEU E 157 14.41 13.94 33.41
CA LEU E 157 13.18 14.71 33.22
C LEU E 157 13.44 15.98 32.41
N ASP E 158 12.78 16.08 31.27
CA ASP E 158 12.99 17.18 30.33
C ASP E 158 11.80 18.15 30.32
N GLU E 159 11.96 19.27 31.02
CA GLU E 159 10.93 20.32 31.16
C GLU E 159 9.54 19.73 31.49
N PRO E 160 9.46 18.93 32.57
CA PRO E 160 8.28 18.10 32.85
C PRO E 160 7.10 18.82 33.48
N LEU E 161 7.27 20.08 33.88
CA LEU E 161 6.20 20.83 34.53
C LEU E 161 5.70 22.01 33.69
N SER E 162 6.17 22.10 32.45
CA SER E 162 6.03 23.30 31.63
C SER E 162 4.60 23.72 31.31
N ASN E 163 3.68 22.75 31.23
CA ASN E 163 2.30 23.01 30.85
C ASN E 163 1.30 22.73 31.97
N LEU E 164 1.72 23.02 33.20
CA LEU E 164 0.87 22.82 34.38
C LEU E 164 0.60 24.17 35.02
N ASP E 165 -0.62 24.33 35.54
CA ASP E 165 -0.97 25.55 36.28
C ASP E 165 -0.11 25.69 37.52
N ALA E 166 0.06 26.93 37.96
CA ALA E 166 1.04 27.30 38.99
C ALA E 166 0.85 26.56 40.30
N ALA E 167 -0.41 26.35 40.69
CA ALA E 167 -0.75 25.64 41.92
C ALA E 167 -0.39 24.16 41.85
N LEU E 168 -0.72 23.53 40.74
CA LEU E 168 -0.39 22.12 40.52
C LEU E 168 1.12 21.94 40.37
N ARG E 169 1.76 22.91 39.71
CA ARG E 169 3.21 22.92 39.52
C ARG E 169 3.93 22.89 40.87
N VAL E 170 3.41 23.65 41.84
CA VAL E 170 3.92 23.66 43.21
C VAL E 170 3.82 22.26 43.85
N GLN E 171 2.65 21.64 43.73
CA GLN E 171 2.44 20.29 44.28
C GLN E 171 3.40 19.26 43.67
N MET E 172 3.65 19.37 42.37
CA MET E 172 4.56 18.46 41.66
C MET E 172 6.01 18.61 42.13
N ARG E 173 6.43 19.85 42.36
CA ARG E 173 7.77 20.15 42.88
C ARG E 173 8.04 19.42 44.19
N ILE E 174 7.03 19.43 45.07
CA ILE E 174 7.14 18.84 46.40
C ILE E 174 7.18 17.32 46.30
N GLU E 175 6.33 16.76 45.43
CA GLU E 175 6.26 15.32 45.22
C GLU E 175 7.53 14.73 44.59
N ILE E 176 8.16 15.47 43.69
CA ILE E 176 9.44 15.06 43.09
C ILE E 176 10.56 15.10 44.15
N SER E 177 10.57 16.16 44.96
CA SER E 177 11.46 16.26 46.13
C SER E 177 11.28 15.11 47.11
N ARG E 178 10.02 14.76 47.39
CA ARG E 178 9.68 13.63 48.25
C ARG E 178 10.29 12.34 47.72
N LEU E 179 10.07 12.09 46.44
CA LEU E 179 10.52 10.87 45.77
C LEU E 179 12.04 10.76 45.73
N HIS E 180 12.71 11.89 45.51
CA HIS E 180 14.17 11.93 45.46
C HIS E 180 14.82 11.56 46.80
N LYS E 181 14.20 11.99 47.90
CA LYS E 181 14.72 11.70 49.23
C LYS E 181 14.39 10.28 49.69
N ARG E 182 13.25 9.76 49.24
CA ARG E 182 12.84 8.40 49.57
C ARG E 182 13.67 7.36 48.81
N LEU E 183 13.86 7.57 47.51
CA LEU E 183 14.57 6.61 46.66
C LEU E 183 16.09 6.78 46.68
N GLY E 184 16.55 8.02 46.81
CA GLY E 184 17.97 8.34 46.81
C GLY E 184 18.65 8.01 45.49
N ARG E 185 17.92 8.13 44.39
CA ARG E 185 18.43 7.82 43.06
C ARG E 185 18.84 9.09 42.35
N THR E 186 19.74 8.96 41.37
CA THR E 186 20.19 10.09 40.58
C THR E 186 19.05 10.65 39.72
N MET E 187 18.86 11.97 39.79
CA MET E 187 17.85 12.65 39.00
C MET E 187 18.49 13.77 38.22
N ILE E 188 18.31 13.74 36.91
CA ILE E 188 18.81 14.82 36.04
C ILE E 188 17.61 15.53 35.42
N TYR E 189 17.46 16.81 35.76
CA TYR E 189 16.22 17.55 35.56
C TYR E 189 16.48 18.80 34.71
N VAL E 190 15.79 18.90 33.58
CA VAL E 190 15.91 20.08 32.72
C VAL E 190 14.71 21.00 32.95
N THR E 191 14.97 22.30 33.15
CA THR E 191 13.90 23.27 33.37
C THR E 191 14.22 24.71 32.94
N HIS E 192 13.17 25.45 32.58
CA HIS E 192 13.27 26.88 32.35
C HIS E 192 12.76 27.69 33.55
N ASP E 193 12.05 27.02 34.46
CA ASP E 193 11.50 27.65 35.66
C ASP E 193 12.59 27.84 36.70
N GLN E 194 12.90 29.11 36.98
CA GLN E 194 13.98 29.47 37.89
C GLN E 194 13.68 29.01 39.32
N VAL E 195 12.41 29.05 39.70
CA VAL E 195 11.97 28.59 41.04
C VAL E 195 12.21 27.09 41.21
N GLU E 196 11.91 26.31 40.17
CA GLU E 196 12.17 24.87 40.16
C GLU E 196 13.66 24.59 40.32
N ALA E 197 14.48 25.30 39.54
CA ALA E 197 15.94 25.19 39.60
C ALA E 197 16.51 25.47 40.99
N MET E 198 16.13 26.60 41.59
CA MET E 198 16.65 26.98 42.91
C MET E 198 16.23 26.02 44.02
N THR E 199 14.98 25.55 43.99
CA THR E 199 14.43 24.74 45.09
C THR E 199 14.71 23.25 45.03
N LEU E 200 14.87 22.72 43.81
CA LEU E 200 15.08 21.28 43.62
C LEU E 200 16.54 20.82 43.66
N ALA E 201 17.44 21.64 43.10
CA ALA E 201 18.82 21.20 42.81
C ALA E 201 19.74 21.11 44.02
N ASP E 202 20.55 20.06 44.06
CA ASP E 202 21.77 20.06 44.84
C ASP E 202 22.79 20.87 44.05
N LYS E 203 22.74 20.69 42.73
CA LYS E 203 23.72 21.25 41.81
C LYS E 203 23.00 21.77 40.57
N ILE E 204 23.44 22.91 40.05
CA ILE E 204 22.91 23.48 38.81
C ILE E 204 24.00 23.64 37.75
N VAL E 205 23.71 23.12 36.56
CA VAL E 205 24.62 23.28 35.43
C VAL E 205 24.04 24.31 34.47
N VAL E 206 24.79 25.38 34.26
CA VAL E 206 24.39 26.44 33.33
C VAL E 206 25.07 26.20 31.98
N LEU E 207 24.26 25.89 30.97
CA LEU E 207 24.79 25.61 29.64
C LEU E 207 24.65 26.84 28.74
N ASP E 208 25.68 27.09 27.95
CA ASP E 208 25.72 28.23 27.05
C ASP E 208 26.22 27.75 25.69
N ALA E 209 25.30 27.71 24.72
CA ALA E 209 25.62 27.31 23.34
C ALA E 209 26.58 26.11 23.27
N GLY E 210 26.29 25.07 24.05
CA GLY E 210 27.06 23.82 24.00
C GLY E 210 28.21 23.68 24.97
N ARG E 211 28.51 24.72 25.74
CA ARG E 211 29.56 24.64 26.76
C ARG E 211 29.00 24.80 28.17
N VAL E 212 29.64 24.14 29.13
CA VAL E 212 29.32 24.33 30.53
C VAL E 212 29.90 25.68 30.97
N ALA E 213 29.01 26.62 31.27
CA ALA E 213 29.42 27.96 31.67
C ALA E 213 29.78 28.01 33.16
N GLN E 214 28.98 27.33 33.98
CA GLN E 214 29.23 27.20 35.41
C GLN E 214 28.44 26.04 36.01
N VAL E 215 29.00 25.48 37.08
CA VAL E 215 28.36 24.46 37.89
C VAL E 215 28.51 24.92 39.34
N GLY E 216 27.44 24.77 40.12
CA GLY E 216 27.48 25.09 41.55
C GLY E 216 26.13 25.03 42.23
N LYS E 217 26.12 25.36 43.52
CA LYS E 217 24.90 25.46 44.32
C LYS E 217 24.07 26.65 43.85
N PRO E 218 22.73 26.58 43.97
CA PRO E 218 21.85 27.66 43.52
C PRO E 218 22.28 29.08 43.95
N LEU E 219 22.56 29.27 45.24
CA LEU E 219 22.91 30.58 45.75
C LEU E 219 24.32 31.02 45.36
N GLU E 220 25.17 30.03 45.07
CA GLU E 220 26.52 30.25 44.56
C GLU E 220 26.49 30.88 43.17
N LEU E 221 25.54 30.45 42.33
CA LEU E 221 25.40 31.00 40.98
C LEU E 221 24.69 32.34 40.99
N TYR E 222 23.77 32.50 41.93
CA TYR E 222 23.04 33.76 42.09
C TYR E 222 23.97 34.88 42.59
N HIS E 223 24.71 34.63 43.67
CA HIS E 223 25.63 35.61 44.25
C HIS E 223 26.95 35.77 43.50
N TYR E 224 27.52 34.66 43.02
CA TYR E 224 28.86 34.70 42.43
C TYR E 224 28.94 34.09 41.02
N PRO E 225 28.16 34.64 40.05
CA PRO E 225 28.26 34.16 38.68
C PRO E 225 29.67 34.37 38.12
N ALA E 226 30.23 33.34 37.48
CA ALA E 226 31.62 33.36 37.03
C ALA E 226 31.83 34.22 35.78
N ASP E 227 30.77 34.48 35.03
CA ASP E 227 30.82 35.36 33.85
C ASP E 227 29.53 36.13 33.59
N ARG E 228 29.64 37.10 32.67
CA ARG E 228 28.53 37.93 32.20
C ARG E 228 27.30 37.10 31.83
N PHE E 229 27.51 36.01 31.09
CA PHE E 229 26.39 35.16 30.68
C PHE E 229 25.60 34.55 31.85
N VAL E 230 26.29 33.94 32.80
CA VAL E 230 25.62 33.30 33.96
C VAL E 230 24.85 34.33 34.78
N ALA E 231 25.43 35.52 34.93
CA ALA E 231 24.82 36.63 35.66
C ALA E 231 23.52 37.09 35.03
N GLY E 232 23.46 37.04 33.70
CA GLY E 232 22.28 37.44 32.95
C GLY E 232 21.25 36.33 32.83
N PHE E 233 21.66 35.09 33.11
CA PHE E 233 20.76 33.95 32.99
C PHE E 233 20.14 33.50 34.30
N ILE E 234 20.94 33.39 35.36
CA ILE E 234 20.39 33.09 36.68
C ILE E 234 19.80 34.37 37.28
N GLY E 235 18.50 34.33 37.54
CA GLY E 235 17.78 35.48 38.05
C GLY E 235 16.94 36.12 36.97
N SER E 236 15.63 36.21 37.22
CA SER E 236 14.72 36.88 36.30
C SER E 236 13.70 37.72 37.08
N PRO E 237 13.47 38.99 36.65
CA PRO E 237 14.08 39.73 35.53
C PRO E 237 15.62 39.79 35.57
N LYS E 238 16.21 39.87 34.39
CA LYS E 238 17.66 39.88 34.16
C LYS E 238 18.41 40.97 34.95
N MET E 239 19.63 40.63 35.39
CA MET E 239 20.58 41.61 35.94
C MET E 239 20.73 42.78 34.97
N ASN E 240 20.81 43.99 35.52
CA ASN E 240 21.09 45.17 34.71
C ASN E 240 22.59 45.27 34.46
N PHE E 241 22.96 45.65 33.23
CA PHE E 241 24.37 45.83 32.88
C PHE E 241 24.64 47.24 32.37
N LEU E 242 25.64 47.88 32.98
CA LEU E 242 26.00 49.26 32.67
C LEU E 242 27.47 49.33 32.25
N PRO E 243 27.76 50.05 31.14
CA PRO E 243 29.15 50.19 30.70
C PRO E 243 29.92 51.14 31.63
N VAL E 244 31.08 50.68 32.11
CA VAL E 244 31.89 51.47 33.04
C VAL E 244 33.37 51.47 32.64
N LYS E 245 34.11 52.46 33.14
CA LYS E 245 35.56 52.54 32.91
C LYS E 245 36.30 52.42 34.24
N VAL E 246 37.31 51.54 34.29
CA VAL E 246 38.16 51.42 35.48
C VAL E 246 39.06 52.65 35.58
N THR E 247 38.94 53.36 36.70
CA THR E 247 39.68 54.60 36.94
C THR E 247 40.91 54.40 37.82
N ALA E 248 40.80 53.51 38.80
CA ALA E 248 41.90 53.18 39.71
C ALA E 248 41.71 51.80 40.32
N THR E 249 42.82 51.11 40.57
CA THR E 249 42.79 49.79 41.22
C THR E 249 43.53 49.81 42.55
N ALA E 250 42.95 49.14 43.55
CA ALA E 250 43.58 48.98 44.85
C ALA E 250 43.75 47.51 45.18
N ILE E 251 44.15 47.22 46.42
CA ILE E 251 44.39 45.84 46.88
C ILE E 251 43.13 44.97 46.83
N ASP E 252 42.08 45.38 47.54
CA ASP E 252 40.89 44.54 47.72
C ASP E 252 39.64 45.12 47.05
N GLN E 253 39.85 46.01 46.08
CA GLN E 253 38.74 46.74 45.44
C GLN E 253 39.10 47.41 44.10
N VAL E 254 38.07 47.67 43.29
CA VAL E 254 38.24 48.36 42.01
C VAL E 254 37.37 49.62 41.99
N GLN E 255 37.92 50.70 41.43
CA GLN E 255 37.18 51.95 41.27
C GLN E 255 36.72 52.10 39.82
N VAL E 256 35.43 52.40 39.64
CA VAL E 256 34.84 52.53 38.30
C VAL E 256 34.06 53.83 38.12
N GLU E 257 34.12 54.37 36.91
CA GLU E 257 33.39 55.57 36.54
C GLU E 257 32.12 55.22 35.78
N LEU E 258 30.98 55.71 36.27
CA LEU E 258 29.70 55.59 35.56
C LEU E 258 29.69 56.52 34.34
N PRO E 259 28.98 56.14 33.26
CA PRO E 259 29.04 56.91 32.01
C PRO E 259 28.22 58.20 32.00
N MET E 260 27.29 58.32 32.94
CA MET E 260 26.39 59.48 33.06
C MET E 260 27.14 60.80 33.24
N PRO E 261 26.60 61.91 32.70
CA PRO E 261 27.25 63.23 32.62
C PRO E 261 27.91 63.76 33.90
N ASN E 262 27.52 63.24 35.06
CA ASN E 262 28.14 63.63 36.33
C ASN E 262 29.46 62.87 36.62
N ARG E 263 29.66 61.77 35.90
CA ARG E 263 30.90 60.97 35.93
C ARG E 263 31.30 60.46 37.32
N GLN E 264 30.31 60.03 38.10
CA GLN E 264 30.51 59.57 39.46
C GLN E 264 31.43 58.34 39.53
N GLN E 265 32.33 58.34 40.52
CA GLN E 265 33.26 57.24 40.72
C GLN E 265 32.93 56.47 41.99
N VAL E 266 32.94 55.14 41.90
CA VAL E 266 32.54 54.29 43.02
C VAL E 266 33.50 53.11 43.21
N TRP E 267 33.89 52.88 44.46
CA TRP E 267 34.74 51.75 44.82
C TRP E 267 33.91 50.47 44.97
N LEU E 268 34.27 49.46 44.19
CA LEU E 268 33.60 48.16 44.23
C LEU E 268 34.51 47.11 44.87
N PRO E 269 34.00 46.38 45.89
CA PRO E 269 34.77 45.31 46.53
C PRO E 269 34.87 44.04 45.68
N VAL E 270 35.65 44.12 44.60
CA VAL E 270 35.90 42.99 43.71
C VAL E 270 37.41 42.82 43.49
N GLU E 271 37.82 41.60 43.10
CA GLU E 271 39.24 41.28 42.90
C GLU E 271 39.90 42.13 41.81
N SER E 272 41.15 42.53 42.07
CA SER E 272 41.92 43.40 41.18
C SER E 272 42.78 42.65 40.15
N ARG E 273 42.85 41.34 40.29
CA ARG E 273 43.66 40.51 39.38
C ARG E 273 43.24 40.70 37.93
N ASP E 274 44.20 41.04 37.08
CA ASP E 274 43.98 41.21 35.64
C ASP E 274 43.02 42.37 35.32
N VAL E 275 43.13 43.45 36.09
CA VAL E 275 42.31 44.64 35.87
C VAL E 275 43.19 45.83 35.48
N GLN E 276 42.95 46.37 34.29
CA GLN E 276 43.72 47.49 33.76
C GLN E 276 42.98 48.81 33.91
N VAL E 277 43.72 49.86 34.28
CA VAL E 277 43.17 51.21 34.37
C VAL E 277 42.88 51.73 32.96
N GLY E 278 41.63 52.15 32.74
CA GLY E 278 41.19 52.64 31.44
C GLY E 278 40.44 51.61 30.61
N ALA E 279 40.27 50.41 31.17
CA ALA E 279 39.59 49.31 30.48
C ALA E 279 38.08 49.45 30.55
N ASN E 280 37.41 49.12 29.44
CA ASN E 280 35.95 49.09 29.39
C ASN E 280 35.40 47.83 30.04
N MET E 281 34.62 48.01 31.10
CA MET E 281 34.07 46.91 31.88
C MET E 281 32.54 46.97 31.91
N SER E 282 31.92 45.88 32.34
CA SER E 282 30.47 45.84 32.49
C SER E 282 30.09 45.70 33.95
N LEU E 283 29.36 46.69 34.47
CA LEU E 283 28.88 46.66 35.85
C LEU E 283 27.51 45.99 35.93
N GLY E 284 27.39 45.03 36.83
CA GLY E 284 26.15 44.29 37.03
C GLY E 284 25.45 44.65 38.32
N ILE E 285 24.12 44.81 38.25
CA ILE E 285 23.28 45.04 39.42
C ILE E 285 21.86 44.50 39.20
N ARG E 286 21.41 43.66 40.13
CA ARG E 286 20.10 43.04 40.01
C ARG E 286 18.99 44.04 40.32
N PRO E 287 17.84 43.92 39.61
CA PRO E 287 16.67 44.76 39.90
C PRO E 287 16.23 44.73 41.36
N GLU E 288 16.32 43.57 42.01
CA GLU E 288 15.97 43.42 43.42
C GLU E 288 16.97 44.09 44.36
N HIS E 289 18.20 44.30 43.89
CA HIS E 289 19.26 44.82 44.74
C HIS E 289 19.39 46.35 44.71
N LEU E 290 18.80 46.97 43.69
CA LEU E 290 18.73 48.42 43.60
C LEU E 290 17.93 48.96 44.77
N LEU E 291 18.42 50.05 45.37
CA LEU E 291 17.84 50.60 46.60
C LEU E 291 16.95 51.81 46.30
N PRO E 292 16.02 52.14 47.23
CA PRO E 292 15.33 53.42 47.17
C PRO E 292 16.32 54.59 47.30
N SER E 293 16.02 55.70 46.63
CA SER E 293 16.94 56.84 46.54
C SER E 293 17.31 57.49 47.88
N ASP E 294 16.41 57.43 48.85
CA ASP E 294 16.63 58.08 50.15
C ASP E 294 17.69 57.40 51.02
N ILE E 295 17.92 56.10 50.79
CA ILE E 295 18.85 55.32 51.60
C ILE E 295 20.30 55.38 51.10
N ALA E 296 20.48 55.27 49.78
CA ALA E 296 21.81 55.12 49.18
C ALA E 296 22.60 56.43 49.00
N ASP E 297 23.91 56.27 48.82
CA ASP E 297 24.83 57.38 48.56
C ASP E 297 24.96 57.65 47.05
N VAL E 298 25.07 56.59 46.27
CA VAL E 298 25.17 56.69 44.81
C VAL E 298 23.78 56.71 44.18
N ILE E 299 23.39 57.88 43.68
CA ILE E 299 22.06 58.08 43.12
C ILE E 299 22.11 58.04 41.59
N LEU E 300 21.14 57.34 41.01
CA LEU E 300 21.02 57.19 39.57
C LEU E 300 19.60 57.57 39.16
N GLU E 301 19.48 58.46 38.19
CA GLU E 301 18.19 59.08 37.84
C GLU E 301 17.89 59.01 36.35
N GLY E 302 16.62 58.72 36.03
CA GLY E 302 16.17 58.67 34.64
C GLY E 302 14.67 58.79 34.48
N GLU E 303 14.20 58.52 33.27
CA GLU E 303 12.78 58.62 32.92
C GLU E 303 12.13 57.23 32.85
N VAL E 304 10.94 57.11 33.44
CA VAL E 304 10.19 55.85 33.43
C VAL E 304 9.67 55.56 32.01
N GLN E 305 9.93 54.34 31.54
CA GLN E 305 9.52 53.92 30.21
C GLN E 305 8.37 52.93 30.24
N VAL E 306 8.48 51.91 31.11
CA VAL E 306 7.50 50.84 31.20
C VAL E 306 7.24 50.52 32.68
N VAL E 307 5.97 50.47 33.04
CA VAL E 307 5.55 50.05 34.38
C VAL E 307 4.74 48.77 34.29
N GLU E 308 5.14 47.76 35.06
CA GLU E 308 4.46 46.48 35.05
C GLU E 308 3.93 46.15 36.44
N GLN E 309 2.60 46.10 36.53
CA GLN E 309 1.93 45.84 37.80
C GLN E 309 1.69 44.34 37.94
N LEU E 310 2.45 43.70 38.81
CA LEU E 310 2.33 42.26 39.03
C LEU E 310 1.45 41.91 40.23
N GLY E 311 1.02 42.93 40.97
CA GLY E 311 0.19 42.74 42.16
C GLY E 311 1.04 42.71 43.42
N ASN E 312 1.86 41.69 43.54
CA ASN E 312 2.79 41.55 44.66
C ASN E 312 3.94 42.57 44.58
N GLU E 313 4.26 42.97 43.36
CA GLU E 313 5.34 43.91 43.13
C GLU E 313 5.09 44.76 41.89
N THR E 314 5.93 45.77 41.72
CA THR E 314 5.90 46.62 40.55
C THR E 314 7.30 46.63 39.94
N GLN E 315 7.37 46.47 38.63
CA GLN E 315 8.64 46.48 37.93
C GLN E 315 8.71 47.71 37.02
N ILE E 316 9.72 48.53 37.25
CA ILE E 316 9.82 49.85 36.64
C ILE E 316 11.03 49.93 35.71
N HIS E 317 10.78 50.16 34.42
CA HIS E 317 11.84 50.27 33.43
C HIS E 317 12.23 51.74 33.27
N ILE E 318 13.46 52.06 33.67
CA ILE E 318 13.92 53.44 33.72
C ILE E 318 15.03 53.69 32.68
N GLN E 319 14.78 54.66 31.79
CA GLN E 319 15.78 55.07 30.81
C GLN E 319 16.69 56.13 31.39
N ILE E 320 17.96 55.77 31.56
CA ILE E 320 18.96 56.69 32.08
C ILE E 320 19.68 57.34 30.91
N PRO E 321 19.88 58.68 30.98
CA PRO E 321 20.70 59.36 29.98
C PRO E 321 22.11 58.79 29.93
N SER E 322 22.64 58.60 28.71
CA SER E 322 23.96 57.99 28.46
C SER E 322 23.95 56.45 28.52
N ILE E 323 22.87 55.87 29.05
CA ILE E 323 22.71 54.41 29.08
C ILE E 323 21.73 53.96 27.99
N ARG E 324 22.21 53.12 27.09
CA ARG E 324 21.43 52.64 25.94
C ARG E 324 20.33 51.64 26.34
N GLN E 325 20.66 50.74 27.28
CA GLN E 325 19.68 49.78 27.79
C GLN E 325 18.92 50.33 29.00
N ASN E 326 17.61 50.09 29.03
CA ASN E 326 16.77 50.46 30.16
C ASN E 326 17.18 49.72 31.44
N LEU E 327 17.12 50.41 32.56
CA LEU E 327 17.38 49.82 33.86
C LEU E 327 16.06 49.35 34.45
N VAL E 328 16.03 48.09 34.91
CA VAL E 328 14.83 47.50 35.49
C VAL E 328 14.93 47.48 37.02
N TYR E 329 13.89 47.99 37.66
CA TYR E 329 13.85 48.10 39.11
C TYR E 329 12.62 47.40 39.70
N ARG E 330 12.84 46.58 40.71
CA ARG E 330 11.76 45.88 41.40
C ARG E 330 11.46 46.52 42.75
N GLN E 331 10.20 46.88 42.95
CA GLN E 331 9.74 47.40 44.23
C GLN E 331 8.54 46.61 44.72
N ASN E 332 8.51 46.32 46.02
CA ASN E 332 7.43 45.58 46.64
C ASN E 332 6.10 46.35 46.58
N ASP E 333 4.99 45.59 46.45
CA ASP E 333 3.62 46.12 46.42
C ASP E 333 3.29 46.92 45.16
N VAL E 334 2.11 47.54 45.15
CA VAL E 334 1.63 48.31 44.01
C VAL E 334 2.14 49.75 44.10
N VAL E 335 3.01 50.11 43.16
CA VAL E 335 3.60 51.45 43.13
C VAL E 335 3.01 52.21 41.94
N LEU E 336 2.24 53.26 42.25
CA LEU E 336 1.56 54.04 41.23
C LEU E 336 2.49 55.06 40.56
N VAL E 337 3.19 54.60 39.53
CA VAL E 337 4.07 55.44 38.72
C VAL E 337 3.63 55.35 37.26
N GLU E 338 3.73 56.48 36.56
CA GLU E 338 3.39 56.50 35.13
C GLU E 338 4.61 56.76 34.25
N GLU E 339 4.46 56.43 32.97
CA GLU E 339 5.50 56.67 31.96
C GLU E 339 5.76 58.15 31.80
N GLY E 340 7.03 58.50 31.55
CA GLY E 340 7.42 59.90 31.37
C GLY E 340 7.79 60.59 32.67
N ALA E 341 7.66 59.88 33.78
CA ALA E 341 7.97 60.43 35.10
C ALA E 341 9.43 60.25 35.47
N THR E 342 9.98 61.24 36.18
CA THR E 342 11.33 61.16 36.70
C THR E 342 11.37 60.24 37.94
N PHE E 343 12.30 59.30 37.94
CA PHE E 343 12.40 58.31 39.00
C PHE E 343 13.87 58.08 39.37
N ALA E 344 14.14 58.14 40.67
C ALA E 344 15.63 56.66 41.98
N ILE E 345 16.71 55.92 41.73
CA ILE E 345 17.04 54.72 42.51
C ILE E 345 18.48 54.77 43.04
N GLY E 346 18.78 53.88 43.98
CA GLY E 346 20.10 53.83 44.60
C GLY E 346 20.94 52.65 44.13
N LEU E 347 22.25 52.87 44.12
CA LEU E 347 23.19 51.87 43.61
C LEU E 347 24.15 51.42 44.72
N PRO E 348 23.94 50.20 45.27
CA PRO E 348 24.79 49.71 46.35
C PRO E 348 26.09 49.08 45.82
N PRO E 349 27.25 49.64 46.23
CA PRO E 349 28.55 49.18 45.73
C PRO E 349 28.85 47.70 46.04
N GLU E 350 28.52 47.26 47.24
CA GLU E 350 28.82 45.89 47.68
C GLU E 350 28.03 44.81 46.93
N ARG E 351 26.90 45.20 46.34
CA ARG E 351 26.04 44.29 45.59
C ARG E 351 26.27 44.38 44.07
N CYS E 352 27.31 45.12 43.68
CA CYS E 352 27.66 45.27 42.27
C CYS E 352 28.57 44.17 41.77
N HIS E 353 28.31 43.69 40.57
CA HIS E 353 29.18 42.75 39.89
C HIS E 353 30.00 43.51 38.85
N LEU E 354 31.14 42.95 38.47
CA LEU E 354 32.01 43.58 37.49
C LEU E 354 32.58 42.55 36.53
N PHE E 355 32.40 42.80 35.24
CA PHE E 355 32.79 41.84 34.21
C PHE E 355 33.75 42.47 33.21
N ARG E 356 34.82 41.74 32.89
CA ARG E 356 35.84 42.20 31.93
C ARG E 356 35.30 42.17 30.50
N GLU E 357 36.10 42.70 29.57
CA GLU E 357 35.72 42.78 28.16
C GLU E 357 35.38 41.41 27.55
N ASP E 358 36.11 40.38 27.99
CA ASP E 358 35.88 39.02 27.51
C ASP E 358 34.66 38.34 28.15
N GLY E 359 34.09 39.00 29.17
CA GLY E 359 32.86 38.52 29.81
C GLY E 359 33.05 37.94 31.20
N THR E 360 34.29 37.54 31.51
CA THR E 360 34.60 36.90 32.79
C THR E 360 34.50 37.88 33.96
N ALA E 361 34.06 37.39 35.11
CA ALA E 361 33.81 38.22 36.28
C ALA E 361 35.06 38.49 37.12
N CYS E 362 35.08 39.67 37.74
CA CYS E 362 35.99 39.95 38.84
C CYS E 362 35.33 39.43 40.12
N ARG E 363 35.96 38.45 40.74
CA ARG E 363 35.41 37.76 41.91
C ARG E 363 34.97 38.73 42.99
N ARG E 364 33.69 38.65 43.36
CA ARG E 364 33.12 39.45 44.44
C ARG E 364 33.71 39.04 45.77
N LEU E 365 34.06 40.04 46.59
CA LEU E 365 34.69 39.79 47.89
C LEU E 365 33.74 40.00 49.05
N HIS E 366 32.66 40.75 48.80
CA HIS E 366 31.57 40.89 49.77
C HIS E 366 30.92 39.53 50.00
N LYS E 367 30.87 39.13 51.27
CA LYS E 367 30.32 37.82 51.64
C LYS E 367 28.82 37.89 51.86
N GLU E 368 28.09 37.18 50.99
CA GLU E 368 26.62 37.10 51.07
C GLU E 368 26.18 35.94 51.96
N PRO E 369 24.95 36.01 52.51
CA PRO E 369 24.44 34.87 53.27
C PRO E 369 23.95 33.76 52.36
N GLY E 370 24.16 32.52 52.77
CA GLY E 370 23.72 31.35 52.00
C GLY E 370 24.83 30.53 51.35
N VAL E 371 26.00 31.14 51.19
CA VAL E 371 27.13 30.51 50.52
C VAL E 371 28.25 30.20 51.53
N ALA E 372 28.74 28.96 51.51
CA ALA E 372 29.81 28.52 52.41
C ALA E 372 31.19 28.76 51.80
#